data_3KIV
# 
_entry.id   3KIV 
# 
_audit_conform.dict_name       mmcif_pdbx.dic 
_audit_conform.dict_version    5.397 
_audit_conform.dict_location   http://mmcif.pdb.org/dictionaries/ascii/mmcif_pdbx.dic 
# 
loop_
_database_2.database_id 
_database_2.database_code 
_database_2.pdbx_database_accession 
_database_2.pdbx_DOI 
PDB   3KIV         pdb_00003kiv 10.2210/pdb3kiv/pdb 
WWPDB D_1000179026 ?            ?                   
# 
loop_
_pdbx_audit_revision_history.ordinal 
_pdbx_audit_revision_history.data_content_type 
_pdbx_audit_revision_history.major_revision 
_pdbx_audit_revision_history.minor_revision 
_pdbx_audit_revision_history.revision_date 
1 'Structure model' 1 0 1999-05-18 
2 'Structure model' 1 1 2008-03-25 
3 'Structure model' 1 2 2011-07-13 
4 'Structure model' 2 0 2023-11-15 
5 'Structure model' 2 1 2024-10-23 
# 
_pdbx_audit_revision_details.ordinal             1 
_pdbx_audit_revision_details.revision_ordinal    1 
_pdbx_audit_revision_details.data_content_type   'Structure model' 
_pdbx_audit_revision_details.provider            repository 
_pdbx_audit_revision_details.type                'Initial release' 
_pdbx_audit_revision_details.description         ? 
_pdbx_audit_revision_details.details             ? 
# 
loop_
_pdbx_audit_revision_group.ordinal 
_pdbx_audit_revision_group.revision_ordinal 
_pdbx_audit_revision_group.data_content_type 
_pdbx_audit_revision_group.group 
1 2 'Structure model' 'Version format compliance' 
2 3 'Structure model' 'Version format compliance' 
3 4 'Structure model' 'Atomic model'              
4 4 'Structure model' 'Data collection'           
5 4 'Structure model' 'Database references'       
6 4 'Structure model' 'Derived calculations'      
7 4 'Structure model' Other                       
8 5 'Structure model' 'Structure summary'         
# 
loop_
_pdbx_audit_revision_category.ordinal 
_pdbx_audit_revision_category.revision_ordinal 
_pdbx_audit_revision_category.data_content_type 
_pdbx_audit_revision_category.category 
1 4 'Structure model' atom_site                 
2 4 'Structure model' chem_comp_atom            
3 4 'Structure model' chem_comp_bond            
4 4 'Structure model' database_2                
5 4 'Structure model' pdbx_database_status      
6 4 'Structure model' struct_ref_seq_dif        
7 4 'Structure model' struct_site               
8 5 'Structure model' pdbx_entry_details        
9 5 'Structure model' pdbx_modification_feature 
# 
loop_
_pdbx_audit_revision_item.ordinal 
_pdbx_audit_revision_item.revision_ordinal 
_pdbx_audit_revision_item.data_content_type 
_pdbx_audit_revision_item.item 
1  4 'Structure model' '_atom_site.auth_atom_id'                      
2  4 'Structure model' '_atom_site.label_atom_id'                     
3  4 'Structure model' '_database_2.pdbx_DOI'                         
4  4 'Structure model' '_database_2.pdbx_database_accession'          
5  4 'Structure model' '_pdbx_database_status.process_site'           
6  4 'Structure model' '_struct_ref_seq_dif.details'                  
7  4 'Structure model' '_struct_site.pdbx_auth_asym_id'               
8  4 'Structure model' '_struct_site.pdbx_auth_comp_id'               
9  4 'Structure model' '_struct_site.pdbx_auth_seq_id'                
10 5 'Structure model' '_pdbx_entry_details.has_protein_modification' 
# 
_pdbx_database_status.status_code                     REL 
_pdbx_database_status.entry_id                        3KIV 
_pdbx_database_status.recvd_initial_deposition_date   1998-09-08 
_pdbx_database_status.deposit_site                    ? 
_pdbx_database_status.process_site                    BNL 
_pdbx_database_status.SG_entry                        . 
_pdbx_database_status.pdb_format_compatible           Y 
_pdbx_database_status.status_code_mr                  ? 
_pdbx_database_status.status_code_sf                  ? 
_pdbx_database_status.status_code_cs                  ? 
_pdbx_database_status.status_code_nmr_data            ? 
_pdbx_database_status.methods_development_category    ? 
# 
loop_
_audit_author.name 
_audit_author.pdbx_ordinal 
'Mochalkin, I.' 1 
'Tulinsky, A.'  2 
'Scanu, A.'     3 
# 
_citation.id                        primary 
_citation.title                     
'Recombinant kringle IV-10 modules of human apolipoprotein(a): structure, ligand binding modes, and biological relevance.' 
_citation.journal_abbrev            Biochemistry 
_citation.journal_volume            38 
_citation.page_first                1990 
_citation.page_last                 1998 
_citation.year                      1999 
_citation.journal_id_ASTM           BICHAW 
_citation.country                   US 
_citation.journal_id_ISSN           0006-2960 
_citation.journal_id_CSD            0033 
_citation.book_publisher            ? 
_citation.pdbx_database_id_PubMed   10026282 
_citation.pdbx_database_id_DOI      10.1021/bi9820558 
# 
loop_
_citation_author.citation_id 
_citation_author.name 
_citation_author.ordinal 
_citation_author.identifier_ORCID 
primary 'Mochalkin, I.'  1 ? 
primary 'Cheng, B.'      2 ? 
primary 'Klezovitch, O.' 3 ? 
primary 'Scanu, A.M.'    4 ? 
primary 'Tulinsky, A.'   5 ? 
# 
loop_
_entity.id 
_entity.type 
_entity.src_method 
_entity.pdbx_description 
_entity.formula_weight 
_entity.pdbx_number_of_molecules 
_entity.pdbx_ec 
_entity.pdbx_mutation 
_entity.pdbx_fragment 
_entity.details 
1 polymer     man APOLIPOPROTEIN         9169.012 1   ? ? 'KRINGLE IV-10' 'KIV-10/T66 VARIANT OF HUMAN APOLIPOPROTEIN(A)' 
2 non-polymer syn '6-AMINOHEXANOIC ACID' 131.173  1   ? ? ?               ?                                               
3 water       nat water                  18.015   108 ? ? ?               ?                                               
# 
_entity_poly.entity_id                      1 
_entity_poly.type                           'polypeptide(L)' 
_entity_poly.nstd_linkage                   no 
_entity_poly.nstd_monomer                   no 
_entity_poly.pdbx_seq_one_letter_code       QCYHGNGQSYRGTFSTTVTGRTCQSWSSMTPHRHQRTPENYPNDGLTMNYCRNPDADTGPWCFTTDPSIRWEYCNLTRC 
_entity_poly.pdbx_seq_one_letter_code_can   QCYHGNGQSYRGTFSTTVTGRTCQSWSSMTPHRHQRTPENYPNDGLTMNYCRNPDADTGPWCFTTDPSIRWEYCNLTRC 
_entity_poly.pdbx_strand_id                 A 
_entity_poly.pdbx_target_identifier         ? 
# 
loop_
_pdbx_entity_nonpoly.entity_id 
_pdbx_entity_nonpoly.name 
_pdbx_entity_nonpoly.comp_id 
2 '6-AMINOHEXANOIC ACID' ACA 
3 water                  HOH 
# 
loop_
_entity_poly_seq.entity_id 
_entity_poly_seq.num 
_entity_poly_seq.mon_id 
_entity_poly_seq.hetero 
1 1  GLN n 
1 2  CYS n 
1 3  TYR n 
1 4  HIS n 
1 5  GLY n 
1 6  ASN n 
1 7  GLY n 
1 8  GLN n 
1 9  SER n 
1 10 TYR n 
1 11 ARG n 
1 12 GLY n 
1 13 THR n 
1 14 PHE n 
1 15 SER n 
1 16 THR n 
1 17 THR n 
1 18 VAL n 
1 19 THR n 
1 20 GLY n 
1 21 ARG n 
1 22 THR n 
1 23 CYS n 
1 24 GLN n 
1 25 SER n 
1 26 TRP n 
1 27 SER n 
1 28 SER n 
1 29 MET n 
1 30 THR n 
1 31 PRO n 
1 32 HIS n 
1 33 ARG n 
1 34 HIS n 
1 35 GLN n 
1 36 ARG n 
1 37 THR n 
1 38 PRO n 
1 39 GLU n 
1 40 ASN n 
1 41 TYR n 
1 42 PRO n 
1 43 ASN n 
1 44 ASP n 
1 45 GLY n 
1 46 LEU n 
1 47 THR n 
1 48 MET n 
1 49 ASN n 
1 50 TYR n 
1 51 CYS n 
1 52 ARG n 
1 53 ASN n 
1 54 PRO n 
1 55 ASP n 
1 56 ALA n 
1 57 ASP n 
1 58 THR n 
1 59 GLY n 
1 60 PRO n 
1 61 TRP n 
1 62 CYS n 
1 63 PHE n 
1 64 THR n 
1 65 THR n 
1 66 ASP n 
1 67 PRO n 
1 68 SER n 
1 69 ILE n 
1 70 ARG n 
1 71 TRP n 
1 72 GLU n 
1 73 TYR n 
1 74 CYS n 
1 75 ASN n 
1 76 LEU n 
1 77 THR n 
1 78 ARG n 
1 79 CYS n 
# 
_entity_src_gen.entity_id                          1 
_entity_src_gen.pdbx_src_id                        1 
_entity_src_gen.pdbx_alt_source_flag               sample 
_entity_src_gen.pdbx_seq_type                      ? 
_entity_src_gen.pdbx_beg_seq_num                   ? 
_entity_src_gen.pdbx_end_seq_num                   ? 
_entity_src_gen.gene_src_common_name               human 
_entity_src_gen.gene_src_genus                     Homo 
_entity_src_gen.pdbx_gene_src_gene                 ? 
_entity_src_gen.gene_src_species                   ? 
_entity_src_gen.gene_src_strain                    ? 
_entity_src_gen.gene_src_tissue                    ? 
_entity_src_gen.gene_src_tissue_fraction           ? 
_entity_src_gen.gene_src_details                   ? 
_entity_src_gen.pdbx_gene_src_fragment             ? 
_entity_src_gen.pdbx_gene_src_scientific_name      'Homo sapiens' 
_entity_src_gen.pdbx_gene_src_ncbi_taxonomy_id     9606 
_entity_src_gen.pdbx_gene_src_variant              ? 
_entity_src_gen.pdbx_gene_src_cell_line            ? 
_entity_src_gen.pdbx_gene_src_atcc                 ? 
_entity_src_gen.pdbx_gene_src_organ                ? 
_entity_src_gen.pdbx_gene_src_organelle            ? 
_entity_src_gen.pdbx_gene_src_cell                 ? 
_entity_src_gen.pdbx_gene_src_cellular_location    ? 
_entity_src_gen.host_org_common_name               ? 
_entity_src_gen.pdbx_host_org_scientific_name      'Escherichia coli' 
_entity_src_gen.pdbx_host_org_ncbi_taxonomy_id     562 
_entity_src_gen.host_org_genus                     Escherichia 
_entity_src_gen.pdbx_host_org_gene                 ? 
_entity_src_gen.pdbx_host_org_organ                ? 
_entity_src_gen.host_org_species                   ? 
_entity_src_gen.pdbx_host_org_tissue               ? 
_entity_src_gen.pdbx_host_org_tissue_fraction      ? 
_entity_src_gen.pdbx_host_org_strain               ? 
_entity_src_gen.pdbx_host_org_variant              ? 
_entity_src_gen.pdbx_host_org_cell_line            ? 
_entity_src_gen.pdbx_host_org_atcc                 ? 
_entity_src_gen.pdbx_host_org_culture_collection   ? 
_entity_src_gen.pdbx_host_org_cell                 ? 
_entity_src_gen.pdbx_host_org_organelle            ? 
_entity_src_gen.pdbx_host_org_cellular_location    ? 
_entity_src_gen.pdbx_host_org_vector_type          ? 
_entity_src_gen.pdbx_host_org_vector               ? 
_entity_src_gen.host_org_details                   ? 
_entity_src_gen.expression_system_id               ? 
_entity_src_gen.plasmid_name                       ? 
_entity_src_gen.plasmid_details                    ? 
_entity_src_gen.pdbx_description                   ? 
# 
loop_
_chem_comp.id 
_chem_comp.type 
_chem_comp.mon_nstd_flag 
_chem_comp.name 
_chem_comp.pdbx_synonyms 
_chem_comp.formula 
_chem_comp.formula_weight 
ACA 'peptide linking'   . '6-AMINOHEXANOIC ACID' 'AMINOCAPROIC ACID' 'C6 H13 N O2'    131.173 
ALA 'L-peptide linking' y ALANINE                ?                   'C3 H7 N O2'     89.093  
ARG 'L-peptide linking' y ARGININE               ?                   'C6 H15 N4 O2 1' 175.209 
ASN 'L-peptide linking' y ASPARAGINE             ?                   'C4 H8 N2 O3'    132.118 
ASP 'L-peptide linking' y 'ASPARTIC ACID'        ?                   'C4 H7 N O4'     133.103 
CYS 'L-peptide linking' y CYSTEINE               ?                   'C3 H7 N O2 S'   121.158 
GLN 'L-peptide linking' y GLUTAMINE              ?                   'C5 H10 N2 O3'   146.144 
GLU 'L-peptide linking' y 'GLUTAMIC ACID'        ?                   'C5 H9 N O4'     147.129 
GLY 'peptide linking'   y GLYCINE                ?                   'C2 H5 N O2'     75.067  
HIS 'L-peptide linking' y HISTIDINE              ?                   'C6 H10 N3 O2 1' 156.162 
HOH non-polymer         . WATER                  ?                   'H2 O'           18.015  
ILE 'L-peptide linking' y ISOLEUCINE             ?                   'C6 H13 N O2'    131.173 
LEU 'L-peptide linking' y LEUCINE                ?                   'C6 H13 N O2'    131.173 
MET 'L-peptide linking' y METHIONINE             ?                   'C5 H11 N O2 S'  149.211 
PHE 'L-peptide linking' y PHENYLALANINE          ?                   'C9 H11 N O2'    165.189 
PRO 'L-peptide linking' y PROLINE                ?                   'C5 H9 N O2'     115.130 
SER 'L-peptide linking' y SERINE                 ?                   'C3 H7 N O3'     105.093 
THR 'L-peptide linking' y THREONINE              ?                   'C4 H9 N O3'     119.119 
TRP 'L-peptide linking' y TRYPTOPHAN             ?                   'C11 H12 N2 O2'  204.225 
TYR 'L-peptide linking' y TYROSINE               ?                   'C9 H11 N O3'    181.189 
VAL 'L-peptide linking' y VALINE                 ?                   'C5 H11 N O2'    117.146 
# 
loop_
_pdbx_poly_seq_scheme.asym_id 
_pdbx_poly_seq_scheme.entity_id 
_pdbx_poly_seq_scheme.seq_id 
_pdbx_poly_seq_scheme.mon_id 
_pdbx_poly_seq_scheme.ndb_seq_num 
_pdbx_poly_seq_scheme.pdb_seq_num 
_pdbx_poly_seq_scheme.auth_seq_num 
_pdbx_poly_seq_scheme.pdb_mon_id 
_pdbx_poly_seq_scheme.auth_mon_id 
_pdbx_poly_seq_scheme.pdb_strand_id 
_pdbx_poly_seq_scheme.pdb_ins_code 
_pdbx_poly_seq_scheme.hetero 
A 1 1  GLN 1  0  0  GLN GLN A . n 
A 1 2  CYS 2  1  1  CYS CYS A . n 
A 1 3  TYR 3  2  2  TYR TYR A . n 
A 1 4  HIS 4  3  3  HIS HIS A . n 
A 1 5  GLY 5  4  4  GLY GLY A . n 
A 1 6  ASN 6  5  5  ASN ASN A . n 
A 1 7  GLY 7  6  6  GLY GLY A . n 
A 1 8  GLN 8  7  7  GLN GLN A . n 
A 1 9  SER 9  8  8  SER SER A . n 
A 1 10 TYR 10 9  9  TYR TYR A . n 
A 1 11 ARG 11 10 10 ARG ARG A . n 
A 1 12 GLY 12 11 11 GLY GLY A . n 
A 1 13 THR 13 12 12 THR THR A . n 
A 1 14 PHE 14 13 13 PHE PHE A . n 
A 1 15 SER 15 14 14 SER SER A . n 
A 1 16 THR 16 15 15 THR THR A . n 
A 1 17 THR 17 16 16 THR THR A . n 
A 1 18 VAL 18 17 17 VAL VAL A . n 
A 1 19 THR 19 18 18 THR THR A . n 
A 1 20 GLY 20 19 19 GLY GLY A . n 
A 1 21 ARG 21 20 20 ARG ARG A . n 
A 1 22 THR 22 21 21 THR THR A . n 
A 1 23 CYS 23 22 22 CYS CYS A . n 
A 1 24 GLN 24 23 23 GLN GLN A . n 
A 1 25 SER 25 24 24 SER SER A . n 
A 1 26 TRP 26 25 25 TRP TRP A . n 
A 1 27 SER 27 26 26 SER SER A . n 
A 1 28 SER 28 27 27 SER SER A . n 
A 1 29 MET 29 28 28 MET MET A . n 
A 1 30 THR 30 29 29 THR THR A . n 
A 1 31 PRO 31 30 30 PRO PRO A . n 
A 1 32 HIS 32 31 31 HIS HIS A . n 
A 1 33 ARG 33 32 32 ARG ARG A . n 
A 1 34 HIS 34 33 33 HIS HIS A . n 
A 1 35 GLN 35 34 34 GLN GLN A . n 
A 1 36 ARG 36 35 35 ARG ARG A . n 
A 1 37 THR 37 37 37 THR THR A . n 
A 1 38 PRO 38 38 38 PRO PRO A . n 
A 1 39 GLU 39 39 39 GLU GLU A . n 
A 1 40 ASN 40 40 40 ASN ASN A . n 
A 1 41 TYR 41 41 41 TYR TYR A . n 
A 1 42 PRO 42 42 42 PRO PRO A . n 
A 1 43 ASN 43 43 43 ASN ASN A . n 
A 1 44 ASP 44 44 44 ASP ASP A . n 
A 1 45 GLY 45 45 45 GLY GLY A . n 
A 1 46 LEU 46 46 46 LEU LEU A . n 
A 1 47 THR 47 47 47 THR THR A . n 
A 1 48 MET 48 48 48 MET MET A . n 
A 1 49 ASN 49 49 49 ASN ASN A . n 
A 1 50 TYR 50 50 50 TYR TYR A . n 
A 1 51 CYS 51 51 51 CYS CYS A . n 
A 1 52 ARG 52 52 52 ARG ARG A . n 
A 1 53 ASN 53 53 53 ASN ASN A . n 
A 1 54 PRO 54 54 54 PRO PRO A . n 
A 1 55 ASP 55 55 55 ASP ASP A . n 
A 1 56 ALA 56 56 56 ALA ALA A . n 
A 1 57 ASP 57 57 57 ASP ASP A . n 
A 1 58 THR 58 58 58 THR THR A . n 
A 1 59 GLY 59 60 60 GLY GLY A . n 
A 1 60 PRO 60 61 61 PRO PRO A . n 
A 1 61 TRP 61 62 62 TRP TRP A . n 
A 1 62 CYS 62 63 63 CYS CYS A . n 
A 1 63 PHE 63 64 64 PHE PHE A . n 
A 1 64 THR 64 65 65 THR THR A . n 
A 1 65 THR 65 66 66 THR THR A . n 
A 1 66 ASP 66 67 67 ASP ASP A . n 
A 1 67 PRO 67 68 68 PRO PRO A . n 
A 1 68 SER 68 69 69 SER SER A . n 
A 1 69 ILE 69 70 70 ILE ILE A . n 
A 1 70 ARG 70 71 71 ARG ARG A . n 
A 1 71 TRP 71 72 72 TRP TRP A . n 
A 1 72 GLU 72 73 73 GLU GLU A . n 
A 1 73 TYR 73 74 74 TYR TYR A . n 
A 1 74 CYS 74 75 75 CYS CYS A . n 
A 1 75 ASN 75 76 76 ASN ASN A . n 
A 1 76 LEU 76 77 77 LEU LEU A . n 
A 1 77 THR 77 78 78 THR THR A . n 
A 1 78 ARG 78 79 79 ARG ARG A . n 
A 1 79 CYS 79 80 80 CYS CYS A . n 
# 
loop_
_pdbx_nonpoly_scheme.asym_id 
_pdbx_nonpoly_scheme.entity_id 
_pdbx_nonpoly_scheme.mon_id 
_pdbx_nonpoly_scheme.ndb_seq_num 
_pdbx_nonpoly_scheme.pdb_seq_num 
_pdbx_nonpoly_scheme.auth_seq_num 
_pdbx_nonpoly_scheme.pdb_mon_id 
_pdbx_nonpoly_scheme.auth_mon_id 
_pdbx_nonpoly_scheme.pdb_strand_id 
_pdbx_nonpoly_scheme.pdb_ins_code 
B 2 ACA 1   100 100 ACA ACA A . 
C 3 HOH 1   200 200 HOH HOH A . 
C 3 HOH 2   201 201 HOH HOH A . 
C 3 HOH 3   202 202 HOH HOH A . 
C 3 HOH 4   203 203 HOH HOH A . 
C 3 HOH 5   204 204 HOH HOH A . 
C 3 HOH 6   205 205 HOH HOH A . 
C 3 HOH 7   206 206 HOH HOH A . 
C 3 HOH 8   207 207 HOH HOH A . 
C 3 HOH 9   208 208 HOH HOH A . 
C 3 HOH 10  209 209 HOH HOH A . 
C 3 HOH 11  210 210 HOH HOH A . 
C 3 HOH 12  211 211 HOH HOH A . 
C 3 HOH 13  212 212 HOH HOH A . 
C 3 HOH 14  213 213 HOH HOH A . 
C 3 HOH 15  214 214 HOH HOH A . 
C 3 HOH 16  215 215 HOH HOH A . 
C 3 HOH 17  216 216 HOH HOH A . 
C 3 HOH 18  217 217 HOH HOH A . 
C 3 HOH 19  218 218 HOH HOH A . 
C 3 HOH 20  219 219 HOH HOH A . 
C 3 HOH 21  220 220 HOH HOH A . 
C 3 HOH 22  221 221 HOH HOH A . 
C 3 HOH 23  222 222 HOH HOH A . 
C 3 HOH 24  223 223 HOH HOH A . 
C 3 HOH 25  224 224 HOH HOH A . 
C 3 HOH 26  225 225 HOH HOH A . 
C 3 HOH 27  226 226 HOH HOH A . 
C 3 HOH 28  227 227 HOH HOH A . 
C 3 HOH 29  228 228 HOH HOH A . 
C 3 HOH 30  229 229 HOH HOH A . 
C 3 HOH 31  230 230 HOH HOH A . 
C 3 HOH 32  231 231 HOH HOH A . 
C 3 HOH 33  232 232 HOH HOH A . 
C 3 HOH 34  233 233 HOH HOH A . 
C 3 HOH 35  234 234 HOH HOH A . 
C 3 HOH 36  235 235 HOH HOH A . 
C 3 HOH 37  236 236 HOH HOH A . 
C 3 HOH 38  237 237 HOH HOH A . 
C 3 HOH 39  238 238 HOH HOH A . 
C 3 HOH 40  239 239 HOH HOH A . 
C 3 HOH 41  240 240 HOH HOH A . 
C 3 HOH 42  241 241 HOH HOH A . 
C 3 HOH 43  242 242 HOH HOH A . 
C 3 HOH 44  243 243 HOH HOH A . 
C 3 HOH 45  244 244 HOH HOH A . 
C 3 HOH 46  245 245 HOH HOH A . 
C 3 HOH 47  246 246 HOH HOH A . 
C 3 HOH 48  247 247 HOH HOH A . 
C 3 HOH 49  248 248 HOH HOH A . 
C 3 HOH 50  249 249 HOH HOH A . 
C 3 HOH 51  250 250 HOH HOH A . 
C 3 HOH 52  251 251 HOH HOH A . 
C 3 HOH 53  252 252 HOH HOH A . 
C 3 HOH 54  253 253 HOH HOH A . 
C 3 HOH 55  254 254 HOH HOH A . 
C 3 HOH 56  255 255 HOH HOH A . 
C 3 HOH 57  256 256 HOH HOH A . 
C 3 HOH 58  257 257 HOH HOH A . 
C 3 HOH 59  258 258 HOH HOH A . 
C 3 HOH 60  259 259 HOH HOH A . 
C 3 HOH 61  260 260 HOH HOH A . 
C 3 HOH 62  261 261 HOH HOH A . 
C 3 HOH 63  262 262 HOH HOH A . 
C 3 HOH 64  263 263 HOH HOH A . 
C 3 HOH 65  264 264 HOH HOH A . 
C 3 HOH 66  265 265 HOH HOH A . 
C 3 HOH 67  266 266 HOH HOH A . 
C 3 HOH 68  267 267 HOH HOH A . 
C 3 HOH 69  268 268 HOH HOH A . 
C 3 HOH 70  269 269 HOH HOH A . 
C 3 HOH 71  270 270 HOH HOH A . 
C 3 HOH 72  271 271 HOH HOH A . 
C 3 HOH 73  272 272 HOH HOH A . 
C 3 HOH 74  273 273 HOH HOH A . 
C 3 HOH 75  274 274 HOH HOH A . 
C 3 HOH 76  275 275 HOH HOH A . 
C 3 HOH 77  276 276 HOH HOH A . 
C 3 HOH 78  277 277 HOH HOH A . 
C 3 HOH 79  278 278 HOH HOH A . 
C 3 HOH 80  279 279 HOH HOH A . 
C 3 HOH 81  280 280 HOH HOH A . 
C 3 HOH 82  281 281 HOH HOH A . 
C 3 HOH 83  282 282 HOH HOH A . 
C 3 HOH 84  283 283 HOH HOH A . 
C 3 HOH 85  284 284 HOH HOH A . 
C 3 HOH 86  285 285 HOH HOH A . 
C 3 HOH 87  286 286 HOH HOH A . 
C 3 HOH 88  287 287 HOH HOH A . 
C 3 HOH 89  288 288 HOH HOH A . 
C 3 HOH 90  289 289 HOH HOH A . 
C 3 HOH 91  290 290 HOH HOH A . 
C 3 HOH 92  291 291 HOH HOH A . 
C 3 HOH 93  292 292 HOH HOH A . 
C 3 HOH 94  293 293 HOH HOH A . 
C 3 HOH 95  294 294 HOH HOH A . 
C 3 HOH 96  295 295 HOH HOH A . 
C 3 HOH 97  296 296 HOH HOH A . 
C 3 HOH 98  297 297 HOH HOH A . 
C 3 HOH 99  298 298 HOH HOH A . 
C 3 HOH 100 299 299 HOH HOH A . 
C 3 HOH 101 300 300 HOH HOH A . 
C 3 HOH 102 301 301 HOH HOH A . 
C 3 HOH 103 302 302 HOH HOH A . 
C 3 HOH 104 303 303 HOH HOH A . 
C 3 HOH 105 304 304 HOH HOH A . 
C 3 HOH 106 305 305 HOH HOH A . 
C 3 HOH 107 306 306 HOH HOH A . 
C 3 HOH 108 307 307 HOH HOH A . 
# 
loop_
_software.name 
_software.classification 
_software.version 
_software.citation_id 
_software.pdbx_ordinal 
RIGAKU 'data collection' R-AXIS     ? 1 
RIGAKU 'data reduction'  R-AXIS     ? 2 
PROFFT refinement        .          ? 3 
R-AXIS 'data reduction'  '(RIGAKU)' ? 4 
R-AXIS 'data scaling'    '(RIGAKU)' ? 5 
# 
_cell.entry_id           3KIV 
_cell.length_a           24.300 
_cell.length_b           45.670 
_cell.length_c           63.360 
_cell.angle_alpha        90.00 
_cell.angle_beta         90.00 
_cell.angle_gamma        90.00 
_cell.Z_PDB              4 
_cell.pdbx_unique_axis   ? 
# 
_symmetry.entry_id                         3KIV 
_symmetry.space_group_name_H-M             'P 21 21 21' 
_symmetry.pdbx_full_space_group_name_H-M   ? 
_symmetry.cell_setting                     ? 
_symmetry.Int_Tables_number                19 
# 
_exptl.entry_id          3KIV 
_exptl.method            'X-RAY DIFFRACTION' 
_exptl.crystals_number   1 
# 
_exptl_crystal.id                    1 
_exptl_crystal.density_meas          ? 
_exptl_crystal.density_Matthews      1.76 
_exptl_crystal.density_percent_sol   30.6 
_exptl_crystal.description           ? 
# 
_exptl_crystal_grow.crystal_id      1 
_exptl_crystal_grow.method          ? 
_exptl_crystal_grow.temp            ? 
_exptl_crystal_grow.temp_details    ? 
_exptl_crystal_grow.pH              7.0 
_exptl_crystal_grow.pdbx_pH_range   ? 
_exptl_crystal_grow.pdbx_details    'pH 7.0' 
# 
_diffrn.id                     1 
_diffrn.ambient_temp           130 
_diffrn.ambient_temp_details   ? 
_diffrn.crystal_id             1 
# 
_diffrn_detector.diffrn_id              1 
_diffrn_detector.detector               'IMAGE PLATE' 
_diffrn_detector.type                   RIGAKU 
_diffrn_detector.pdbx_collection_date   1997-10 
_diffrn_detector.details                'MSC-YALE MIRRORS' 
# 
_diffrn_radiation.diffrn_id                        1 
_diffrn_radiation.wavelength_id                    1 
_diffrn_radiation.pdbx_monochromatic_or_laue_m_l   M 
_diffrn_radiation.monochromator                    'NI FILTER' 
_diffrn_radiation.pdbx_diffrn_protocol             ? 
_diffrn_radiation.pdbx_scattering_type             x-ray 
# 
_diffrn_radiation_wavelength.id           1 
_diffrn_radiation_wavelength.wavelength   1.5418 
_diffrn_radiation_wavelength.wt           1.0 
# 
_diffrn_source.diffrn_id                   1 
_diffrn_source.source                      'ROTATING ANODE' 
_diffrn_source.type                        'RIGAKU RUH2R' 
_diffrn_source.pdbx_synchrotron_site       ? 
_diffrn_source.pdbx_synchrotron_beamline   ? 
_diffrn_source.pdbx_wavelength             1.5418 
_diffrn_source.pdbx_wavelength_list        ? 
# 
_reflns.entry_id                     3KIV 
_reflns.observed_criterion_sigma_I   ? 
_reflns.observed_criterion_sigma_F   ? 
_reflns.d_resolution_low             23.0 
_reflns.d_resolution_high            1.8 
_reflns.number_obs                   5656 
_reflns.number_all                   ? 
_reflns.percent_possible_obs         81 
_reflns.pdbx_Rmerge_I_obs            0.06 
_reflns.pdbx_Rsym_value              ? 
_reflns.pdbx_netI_over_sigmaI        12.8 
_reflns.B_iso_Wilson_estimate        ? 
_reflns.pdbx_redundancy              2.5 
_reflns.pdbx_diffrn_id               1 
_reflns.pdbx_ordinal                 1 
# 
_reflns_shell.d_res_high             1.8 
_reflns_shell.d_res_low              2.0 
_reflns_shell.percent_possible_all   53 
_reflns_shell.Rmerge_I_obs           0.1 
_reflns_shell.pdbx_Rsym_value        ? 
_reflns_shell.meanI_over_sigI_obs    4.7 
_reflns_shell.pdbx_redundancy        ? 
_reflns_shell.pdbx_diffrn_id         ? 
_reflns_shell.pdbx_ordinal           1 
# 
_refine.entry_id                                 3KIV 
_refine.ls_number_reflns_obs                     5207 
_refine.ls_number_reflns_all                     ? 
_refine.pdbx_ls_sigma_I                          ? 
_refine.pdbx_ls_sigma_F                          1.0 
_refine.pdbx_data_cutoff_high_absF               ? 
_refine.pdbx_data_cutoff_low_absF                ? 
_refine.pdbx_data_cutoff_high_rms_absF           ? 
_refine.ls_d_res_low                             9.0 
_refine.ls_d_res_high                            1.8 
_refine.ls_percent_reflns_obs                    92 
_refine.ls_R_factor_obs                          ? 
_refine.ls_R_factor_all                          ? 
_refine.ls_R_factor_R_work                       0.182 
_refine.ls_R_factor_R_free                       ? 
_refine.ls_R_factor_R_free_error                 ? 
_refine.ls_R_factor_R_free_error_details         ? 
_refine.ls_percent_reflns_R_free                 ? 
_refine.ls_number_reflns_R_free                  ? 
_refine.ls_number_parameters                     ? 
_refine.ls_number_restraints                     ? 
_refine.occupancy_min                            ? 
_refine.occupancy_max                            ? 
_refine.B_iso_mean                               15.9 
_refine.aniso_B[1][1]                            ? 
_refine.aniso_B[2][2]                            ? 
_refine.aniso_B[3][3]                            ? 
_refine.aniso_B[1][2]                            ? 
_refine.aniso_B[1][3]                            ? 
_refine.aniso_B[2][3]                            ? 
_refine.solvent_model_details                    ? 
_refine.solvent_model_param_ksol                 ? 
_refine.solvent_model_param_bsol                 ? 
_refine.pdbx_ls_cross_valid_method               ? 
_refine.details                                  ? 
_refine.pdbx_starting_model                      ? 
_refine.pdbx_method_to_determine_struct          'MOLECULAR REPLACEMENT' 
_refine.pdbx_isotropic_thermal_model             ? 
_refine.pdbx_stereochemistry_target_values       ? 
_refine.pdbx_stereochem_target_val_spec_case     ? 
_refine.pdbx_R_Free_selection_details            ? 
_refine.pdbx_overall_ESU_R                       ? 
_refine.pdbx_overall_ESU_R_Free                  ? 
_refine.overall_SU_ML                            ? 
_refine.overall_SU_B                             ? 
_refine.pdbx_refine_id                           'X-RAY DIFFRACTION' 
_refine.pdbx_diffrn_id                           1 
_refine.pdbx_TLS_residual_ADP_flag               ? 
_refine.correlation_coeff_Fo_to_Fc               ? 
_refine.correlation_coeff_Fo_to_Fc_free          ? 
_refine.pdbx_solvent_vdw_probe_radii             ? 
_refine.pdbx_solvent_ion_probe_radii             ? 
_refine.pdbx_solvent_shrinkage_radii             ? 
_refine.pdbx_overall_phase_error                 ? 
_refine.overall_SU_R_Cruickshank_DPI             ? 
_refine.pdbx_overall_SU_R_free_Cruickshank_DPI   ? 
_refine.pdbx_overall_SU_R_Blow_DPI               ? 
_refine.pdbx_overall_SU_R_free_Blow_DPI          ? 
# 
_refine_hist.pdbx_refine_id                   'X-RAY DIFFRACTION' 
_refine_hist.cycle_id                         LAST 
_refine_hist.pdbx_number_atoms_protein        640 
_refine_hist.pdbx_number_atoms_nucleic_acid   0 
_refine_hist.pdbx_number_atoms_ligand         0 
_refine_hist.number_atoms_solvent             109 
_refine_hist.number_atoms_total               749 
_refine_hist.d_res_high                       1.8 
_refine_hist.d_res_low                        9.0 
# 
loop_
_refine_ls_restr.type 
_refine_ls_restr.dev_ideal 
_refine_ls_restr.dev_ideal_target 
_refine_ls_restr.weight 
_refine_ls_restr.number 
_refine_ls_restr.pdbx_refine_id 
_refine_ls_restr.pdbx_restraint_function 
p_bond_d            0.016 0.020 ? ? 'X-RAY DIFFRACTION' ? 
p_angle_d           0.039 0.040 ? ? 'X-RAY DIFFRACTION' ? 
p_angle_deg         ?     ?     ? ? 'X-RAY DIFFRACTION' ? 
p_planar_d          0.047 0.050 ? ? 'X-RAY DIFFRACTION' ? 
p_hb_or_metal_coord ?     ?     ? ? 'X-RAY DIFFRACTION' ? 
p_mcbond_it         1.158 1.500 ? ? 'X-RAY DIFFRACTION' ? 
p_mcangle_it        2.171 2.000 ? ? 'X-RAY DIFFRACTION' ? 
p_scbond_it         3.030 2.500 ? ? 'X-RAY DIFFRACTION' ? 
p_scangle_it        3.539 3.000 ? ? 'X-RAY DIFFRACTION' ? 
p_plane_restr       0.027 0.030 ? ? 'X-RAY DIFFRACTION' ? 
p_chiral_restr      0.169 0.150 ? ? 'X-RAY DIFFRACTION' ? 
p_singtor_nbd       0.20  0.60  ? ? 'X-RAY DIFFRACTION' ? 
p_multtor_nbd       0.28  0.60  ? ? 'X-RAY DIFFRACTION' ? 
p_xhyhbond_nbd      ?     ?     ? ? 'X-RAY DIFFRACTION' ? 
p_xyhbond_nbd       0.32  0.60  ? ? 'X-RAY DIFFRACTION' ? 
p_planar_tor        4.1   3.0   ? ? 'X-RAY DIFFRACTION' ? 
p_staggered_tor     23.1  15.0  ? ? 'X-RAY DIFFRACTION' ? 
p_orthonormal_tor   ?     ?     ? ? 'X-RAY DIFFRACTION' ? 
p_transverse_tor    25.4  20.0  ? ? 'X-RAY DIFFRACTION' ? 
p_special_tor       ?     ?     ? ? 'X-RAY DIFFRACTION' ? 
# 
_struct.entry_id                  3KIV 
_struct.title                     'RECOMBINANT KRINGLE IV-10/M66 VARIANT OF HUMAN APOLIPOPROTEIN(A)' 
_struct.pdbx_model_details        ? 
_struct.pdbx_CASP_flag            ? 
_struct.pdbx_model_type_details   ? 
# 
_struct_keywords.entry_id        3KIV 
_struct_keywords.pdbx_keywords   KRINGLE 
_struct_keywords.text            'KRINGLE, LYSINE BINDING SITE, APOLIPOPROTEIN(A)' 
# 
loop_
_struct_asym.id 
_struct_asym.pdbx_blank_PDB_chainid_flag 
_struct_asym.pdbx_modified 
_struct_asym.entity_id 
_struct_asym.details 
A N N 1 ? 
B N N 2 ? 
C N N 3 ? 
# 
_struct_ref.id                         1 
_struct_ref.db_name                    UNP 
_struct_ref.db_code                    APOA_HUMAN 
_struct_ref.entity_id                  1 
_struct_ref.pdbx_db_accession          P08519 
_struct_ref.pdbx_align_begin           1 
_struct_ref.pdbx_seq_one_letter_code   
;MEHKEVVLLLLLFLKSAAPEQSHVVQDCYHGDGQSYRGTYSTTVTGRTCQAWSSMTPHQHNRTTENYPNAGLIMNYCRNP
DAVAAPYCYTRDPGVRWEYCNLTQCSDAEGTAVAPPTVTPVPSLEAPSEQAPTEQRPGVQECYHGNGQSYRGTYSTTVTG
RTCQAWSSMTPHSHSRTPEYYPNAGLIMNYCRNPDAVAAPYCYTRDPGVRWEYCNLTQCSDAEGTAVAPPTVTPVPSLEA
PSEQAPTEQRPGVQECYHGNGQSYRGTYSTTVTGRTCQAWSSMTPHSHSRTPEYYPNAGLIMNYCRNPDAVAAPYCYTRD
PGVRWEYCNLTQCSDAEGTAVAPPTVTPVPSLEAPSEQAPTEQRPGVQECYHGNGQSYRGTYSTTVTGRTCQAWSSMTPH
SHSRTPEYYPNAGLIMNYCRNPDAVAAPYCYTRDPGVRWEYCNLTQCSDAEGTAVAPPTVTPVPSLEAPSEQAPTEQRPG
VQECYHGNGQSYRGTYSTTVTGRTCQAWSSMTPHSHSRTPEYYPNAGLIMNYCRNPDAVAAPYCYTRDPGVRWEYCNLTQ
CSDAEGTAVAPPTVTPVPSLEAPSEQAPTEQRPGVQECYHGNGQSYRGTYSTTVTGRTCQAWSSMTPHSHSRTPEYYPNA
GLIMNYCRNPDAVAAPYCYTRDPGVRWEYCNLTQCSDAEGTAVAPPTVTPVPSLEAPSEQAPTEQRPGVQECYHGNGQSY
RGTYSTTVTGRTCQAWSSMTPHSHSRTPEYYPNAGLIMNYCRNPDAVAAPYCYTRDPGVRWEYCNLTQCSDAEGTAVAPP
TVTPVPSLEAPSEQAPTEQRPGVQECYHGNGQSYRGTYSTTVTGRTCQAWSSMTPHSHSRTPEYYPNAGLIMNYCRNPDA
VAAPYCYTRDPGVRWEYCNLTQCSDAEGTAVAPPTVTPVPSLEAPSEQAPTEQRPGVQECYHGNGQSYRGTYSTTVTGRT
CQAWSSMTPHSHSRTPEYYPNAGLIMNYCRNPDAVAAPYCYTRDPGVRWEYCNLTQCSDAEGTAVAPPTVTPVPSLEAPS
EQAPTEQRPGVQECYHGNGQSYRGTYSTTVTGRTCQAWSSMTPHSHSRTPEYYPNAGLIMNYCRNPDAVAAPYCYTRDPG
VRWEYCNLTQCSDAEGTAVAPPTVTPVPSLEAPSEQAPTEQRPGVQECYHGNGQSYRGTYSTTVTGRTCQAWSSMTPHSH
SRTPEYYPNAGLIMNYCRNPDAVAAPYCYTRDPGVRWEYCNLTQCSDAEGTAVAPPTVTPVPSLEAPSEQAPTEQRPGVQ
ECYHGNGQSYRGTYSTTVTGRTCQAWSSMTPHSHSRTPEYYPNAGLIMNYCRNPDAVAAPYCYTRDPGVRWEYCNLTQCS
DAEGTAVAPPTVTPVPSLEAPSEQAPTEQRPGVQECYHGNGQSYRGTYSTTVTGRTCQAWSSMTPHSHSRTPEYYPNAGL
IMNYCRNPDAVAAPYCYTRDPGVRWEYCNLTQCSDAEGTAVAPPTVTPVPSLEAPSEQAPTEQRPGVQECYHGNGQSYRG
TYSTTVTGRTCQAWSSMTPHSHSRTPEYYPNAGLIMNYCRNPDAVAAPYCYTRDPGVRWEYCNLTQCSDAEGTAVAPPTV
TPVPSLEAPSEQAPTEQRPGVQECYHGNGQSYRGTYSTTVTGRTCQAWSSMTPHSHSRTPEYYPNAGLIMNYCRNPDAVA
APYCYTRDPGVRWEYCNLTQCSDAEGTAVAPPTVTPVPSLEAPSEQAPTEQRPGVQECYHGNGQSYRGTYSTTVTGRTCQ
AWSSMTPHSHSRTPEYYPNAGLIMNYCRNPDAVAAPYCYTRDPGVRWEYCNLTQCSDAEGTAVAPPTVTPVPSLEAPSEQ
APTEQRPGVQECYHGNGQSYRGTYSTTVTGRTCQAWSSMTPHSHSRTPEYYPNAGLIMNYCRNPDAVAAPYCYTRDPGVR
WEYCNLTQCSDAEGTAVAPPTVTPVPSLEAPSEQAPTEQRPGVQECYHGNGQSYRGTYSTTVTGRTCQAWSSMTPHSHSR
TPEYYPNAGLIMNYCRNPDAVAAPYCYTRDPGVRWEYCNLTQCSDAEGTAVAPPTVTPVPSLEAPSEQAPTEQRPGVQEC
YHGNGQSYRGTYSTTVTGRTCQAWSSMTPHSHSRTPEYYPNAGLIMNYCRNPDAVAAPYCYTRDPGVRWEYCNLTQCSDA
EGTAVAPPTVTPVPSLEAPSEQAPTEQRPGVQECYHGNGQSYRGTYSTTVTGRTCQAWSSMTPHSHSRTPEYYPNAGLIM
NYCRNPDAVAAPYCYTRDPGVRWEYCNLTQCSDAEGTAVAPPTVTPVPSLEAPSEQAPTEQRPGVQECYHGNGQSYRGTY
STTVTGRTCQAWSSMTPHSHSRTPEYYPNAGLIMNYCRNPDAVAAPYCYTRDPGVRWEYCNLTQCSDAEGTAVAPPTVTP
VPSLEAPSEQAPTEQRPGVQECYHGNGQSYRGTYSTTVTGRTCQAWSSMTPHSHSRTPEYYPNAGLIMNYCRNPDAVAAP
YCYTRDPGVRWEYCNLTQCSDAEGTAVAPPTVTPVPSLEAPSEQAPTEQRPGVQECYHGNGQSYRGTYSTTVTGRTCQAW
SSMTPHSHSRTPEYYPNAGLIMNYCRNPDAVAAPYCYTRDPGVRWEYCNLTQCSDAEGTAVAPPTVTPVPSLEAPSEQAP
TEQRPGVQECYHGNGQSYRGTYSTTVTGRTCQAWSSMTPHSHSRTPEYYPNAGLIMNYCRNPDAVAAPYCYTRDPGVRWE
YCNLTQCSDAEGTAVAPPTVTPVPSLEAPSEQAPTEQRPGVQECYHGNGQSYRGTYSTTVTGRTCQAWSSMTPHSHSRTP
EYYPNAGLIMNYCRNPDAVAAPYCYTRDPGVRWEYCNLTQCSDAEGTAVAPPTVTPVPSLEAPSEQAPTEQRPGVQECYH
GNGQSYRGTYSTTVTGRTCQAWSSMTPHSHSRTPEYYPNAGLIMNYCRNPDAVAAPYCYTRDPGVRWEYCNLTQCSDAEG
TAVAPPTVTPVPSLEAPSEQAPTEQRPGVQECYHGNGQSYRGTYSTTVTGRTCQAWSSMTPHSHSRTPEYYPNAGLIMNY
CRNPDAVAAPYCYTRDPGVRWEYCNLTQCSDAEGTAVAPPTVTPVPSLEAPSEQAPTEQRPGVQECYHGNGQSYRGTYST
TVTGRTCQAWSSMTPHSHSRTPEYYPNAGLIMNYCRNPDAVAAPYCYTRDPGVRWEYCNLTQCSDAEGTAVAPPTVTPVP
SLEAPSEQAPTEQRPGVQECYHGNGQSYRGTYSTTVTGRTCQAWSSMTPHSHSRTPEYYPNAGLIMNYCRNPDAVAAPYC
YTRDPGVRWEYCNLTQCSDAEGTAVAPPTVTPVPSLEAPSEQAPTEQRPGVQECYHGNGQSYRGTYSTTVTGRTCQAWSS
MTPHSHSRTPEYYPNAGLIMNYCRNPDPVAAPYCYTRDPSVRWEYCNLTQCSDAEGTAVAPPTITPIPSLEAPSEQAPTE
QRPGVQECYHGNGQSYQGTYFITVTGRTCQAWSSMTPHSHSRTPAYYPNAGLIKNYCRNPDPVAAPWCYTTDPSVRWEYC
NLTRCSDAEWTAFVPPNVILAPSLEAFFEQALTEETPGVQDCYYHYGQSYRGTYSTTVTGRTCQAWSSMTPHQHSRTPEN
YPNAGLTRNYCRNPDAEIRPWCYTMDPSVRWEYCNLTQCLVTESSVLATLTVVPDPSTEASSEEAPTEQSPGVQDCYHGD
GQSYRGSFSTTVTGRTCQSWSSMTPHWHQRTTEYYPNGGLTRNYCRNPDAEISPWCYTMDPNVRWEYCNLTQCPVTESSV
LATSTAVSEQAPTEQSPTVQDCYHGDGQSYRGSFSTTVTGRTCQSWSSMTPHWHQRTTEYYPNGGLTRNYCRNPDAEIRP
WCYTMDPSVRWEYCNLTQCPVMESTLLTTPTVVPVPSTELPSEEAPTENSTGVQDCYRGDGQSYRGTLSTTITGRTCQSW
SSMTPHWHRRIPLYYPNAGLTRNYCRNPDAEIRPWCYTMDPSVRWEYCNLTRCPVTESSVLTTPTVAPVPSTEAPSEQAP
PEKSPVVQDCYHGDGRSYRGISSTTVTGRTCQSWSSMIPHWHQRTPENYPNAGLTENYCRNPDSGKQPWCYTTDPCVRWE
YCNLTQCSETESGVLETPTVVPVPSMEAHSEAAPTEQTPVVRQCYHGNGQSYRGTFSTTVTGRTCQSWSSMTPHRHQRTP
ENYPNDGLTMNYCRNPDADTGPWCFTMDPSIRWEYCNLTRCSDTEGTVVAPPTVIQVPSLGPPSEQDCMFGNGKGYRGKK
ATTVTGTPCQEWAAQEPHRHSTFIPGTNKWAGLEKNYCRNPDGDINGPWCYTMNPRKLFDYCDIPLCASSSFDCGKPQVE
PKKCPGSIVGGCVAHPHSWPWQVSLRTRFGKHFCGGTLISPEWVLTAAHCLKKSSRPSSYKVILGAHQEVNLESHVQEIE
VSRLFLEPTQADIALLKLSRPAVITDKVMPACLPSPDYMVTARTECYITGWGETQGTFGTGLLKEAQLLVIENEVCNHYK
YICAEHLARGTDSCQGDSGGPLVCFEKDKYILQGVTSWGLGCARPNKPGVYARVSRFVTWIEGMMRNN
;
_struct_ref.pdbx_db_isoform            ? 
# 
_struct_ref_seq.align_id                      1 
_struct_ref_seq.ref_id                        1 
_struct_ref_seq.pdbx_PDB_id_code              3KIV 
_struct_ref_seq.pdbx_strand_id                A 
_struct_ref_seq.seq_align_beg                 1 
_struct_ref_seq.pdbx_seq_align_beg_ins_code   ? 
_struct_ref_seq.seq_align_end                 79 
_struct_ref_seq.pdbx_seq_align_end_ins_code   ? 
_struct_ref_seq.pdbx_db_accession             P08519 
_struct_ref_seq.db_align_beg                  4123 
_struct_ref_seq.pdbx_db_align_beg_ins_code    ? 
_struct_ref_seq.db_align_end                  4201 
_struct_ref_seq.pdbx_db_align_end_ins_code    ? 
_struct_ref_seq.pdbx_auth_seq_align_beg       0 
_struct_ref_seq.pdbx_auth_seq_align_end       80 
# 
_struct_ref_seq_dif.align_id                     1 
_struct_ref_seq_dif.pdbx_pdb_id_code             3KIV 
_struct_ref_seq_dif.mon_id                       THR 
_struct_ref_seq_dif.pdbx_pdb_strand_id           A 
_struct_ref_seq_dif.seq_num                      65 
_struct_ref_seq_dif.pdbx_pdb_ins_code            ? 
_struct_ref_seq_dif.pdbx_seq_db_name             UNP 
_struct_ref_seq_dif.pdbx_seq_db_accession_code   P08519 
_struct_ref_seq_dif.db_mon_id                    MET 
_struct_ref_seq_dif.pdbx_seq_db_seq_num          4187 
_struct_ref_seq_dif.details                      variant 
_struct_ref_seq_dif.pdbx_auth_seq_num            66 
_struct_ref_seq_dif.pdbx_ordinal                 1 
# 
_pdbx_struct_assembly.id                   1 
_pdbx_struct_assembly.details              author_defined_assembly 
_pdbx_struct_assembly.method_details       ? 
_pdbx_struct_assembly.oligomeric_details   monomeric 
_pdbx_struct_assembly.oligomeric_count     1 
# 
_pdbx_struct_assembly_gen.assembly_id       1 
_pdbx_struct_assembly_gen.oper_expression   1 
_pdbx_struct_assembly_gen.asym_id_list      A,B,C 
# 
_pdbx_struct_oper_list.id                   1 
_pdbx_struct_oper_list.type                 'identity operation' 
_pdbx_struct_oper_list.name                 1_555 
_pdbx_struct_oper_list.symmetry_operation   x,y,z 
_pdbx_struct_oper_list.matrix[1][1]         1.0000000000 
_pdbx_struct_oper_list.matrix[1][2]         0.0000000000 
_pdbx_struct_oper_list.matrix[1][3]         0.0000000000 
_pdbx_struct_oper_list.vector[1]            0.0000000000 
_pdbx_struct_oper_list.matrix[2][1]         0.0000000000 
_pdbx_struct_oper_list.matrix[2][2]         1.0000000000 
_pdbx_struct_oper_list.matrix[2][3]         0.0000000000 
_pdbx_struct_oper_list.vector[2]            0.0000000000 
_pdbx_struct_oper_list.matrix[3][1]         0.0000000000 
_pdbx_struct_oper_list.matrix[3][2]         0.0000000000 
_pdbx_struct_oper_list.matrix[3][3]         1.0000000000 
_pdbx_struct_oper_list.vector[3]            0.0000000000 
# 
_struct_biol.id   1 
# 
loop_
_struct_conn.id 
_struct_conn.conn_type_id 
_struct_conn.pdbx_leaving_atom_flag 
_struct_conn.pdbx_PDB_id 
_struct_conn.ptnr1_label_asym_id 
_struct_conn.ptnr1_label_comp_id 
_struct_conn.ptnr1_label_seq_id 
_struct_conn.ptnr1_label_atom_id 
_struct_conn.pdbx_ptnr1_label_alt_id 
_struct_conn.pdbx_ptnr1_PDB_ins_code 
_struct_conn.pdbx_ptnr1_standard_comp_id 
_struct_conn.ptnr1_symmetry 
_struct_conn.ptnr2_label_asym_id 
_struct_conn.ptnr2_label_comp_id 
_struct_conn.ptnr2_label_seq_id 
_struct_conn.ptnr2_label_atom_id 
_struct_conn.pdbx_ptnr2_label_alt_id 
_struct_conn.pdbx_ptnr2_PDB_ins_code 
_struct_conn.ptnr1_auth_asym_id 
_struct_conn.ptnr1_auth_comp_id 
_struct_conn.ptnr1_auth_seq_id 
_struct_conn.ptnr2_auth_asym_id 
_struct_conn.ptnr2_auth_comp_id 
_struct_conn.ptnr2_auth_seq_id 
_struct_conn.ptnr2_symmetry 
_struct_conn.pdbx_ptnr3_label_atom_id 
_struct_conn.pdbx_ptnr3_label_seq_id 
_struct_conn.pdbx_ptnr3_label_comp_id 
_struct_conn.pdbx_ptnr3_label_asym_id 
_struct_conn.pdbx_ptnr3_label_alt_id 
_struct_conn.pdbx_ptnr3_PDB_ins_code 
_struct_conn.details 
_struct_conn.pdbx_dist_value 
_struct_conn.pdbx_value_order 
_struct_conn.pdbx_role 
disulf1 disulf ? ? A CYS 2  SG ? ? ? 1_555 A CYS 79 SG ? ? A CYS 1  A CYS 80 1_555 ? ? ? ? ? ? ? 2.063 ? ? 
disulf2 disulf ? ? A CYS 23 SG ? ? ? 1_555 A CYS 62 SG ? ? A CYS 22 A CYS 63 1_555 ? ? ? ? ? ? ? 2.085 ? ? 
disulf3 disulf ? ? A CYS 51 SG ? ? ? 1_555 A CYS 74 SG ? ? A CYS 51 A CYS 75 1_555 ? ? ? ? ? ? ? 2.035 ? ? 
# 
_struct_conn_type.id          disulf 
_struct_conn_type.criteria    ? 
_struct_conn_type.reference   ? 
# 
loop_
_pdbx_modification_feature.ordinal 
_pdbx_modification_feature.label_comp_id 
_pdbx_modification_feature.label_asym_id 
_pdbx_modification_feature.label_seq_id 
_pdbx_modification_feature.label_alt_id 
_pdbx_modification_feature.modified_residue_label_comp_id 
_pdbx_modification_feature.modified_residue_label_asym_id 
_pdbx_modification_feature.modified_residue_label_seq_id 
_pdbx_modification_feature.modified_residue_label_alt_id 
_pdbx_modification_feature.auth_comp_id 
_pdbx_modification_feature.auth_asym_id 
_pdbx_modification_feature.auth_seq_id 
_pdbx_modification_feature.PDB_ins_code 
_pdbx_modification_feature.symmetry 
_pdbx_modification_feature.modified_residue_auth_comp_id 
_pdbx_modification_feature.modified_residue_auth_asym_id 
_pdbx_modification_feature.modified_residue_auth_seq_id 
_pdbx_modification_feature.modified_residue_PDB_ins_code 
_pdbx_modification_feature.modified_residue_symmetry 
_pdbx_modification_feature.comp_id_linking_atom 
_pdbx_modification_feature.modified_residue_id_linking_atom 
_pdbx_modification_feature.modified_residue_id 
_pdbx_modification_feature.ref_pcm_id 
_pdbx_modification_feature.ref_comp_id 
_pdbx_modification_feature.type 
_pdbx_modification_feature.category 
1 CYS A 2  ? CYS A 79 ? CYS A 1  ? 1_555 CYS A 80 ? 1_555 SG SG . . . None 'Disulfide bridge' 
2 CYS A 23 ? CYS A 62 ? CYS A 22 ? 1_555 CYS A 63 ? 1_555 SG SG . . . None 'Disulfide bridge' 
3 CYS A 51 ? CYS A 74 ? CYS A 51 ? 1_555 CYS A 75 ? 1_555 SG SG . . . None 'Disulfide bridge' 
# 
_struct_mon_prot_cis.pdbx_id                1 
_struct_mon_prot_cis.label_comp_id          THR 
_struct_mon_prot_cis.label_seq_id           30 
_struct_mon_prot_cis.label_asym_id          A 
_struct_mon_prot_cis.label_alt_id           . 
_struct_mon_prot_cis.pdbx_PDB_ins_code      ? 
_struct_mon_prot_cis.auth_comp_id           THR 
_struct_mon_prot_cis.auth_seq_id            29 
_struct_mon_prot_cis.auth_asym_id           A 
_struct_mon_prot_cis.pdbx_label_comp_id_2   PRO 
_struct_mon_prot_cis.pdbx_label_seq_id_2    31 
_struct_mon_prot_cis.pdbx_label_asym_id_2   A 
_struct_mon_prot_cis.pdbx_PDB_ins_code_2    ? 
_struct_mon_prot_cis.pdbx_auth_comp_id_2    PRO 
_struct_mon_prot_cis.pdbx_auth_seq_id_2     30 
_struct_mon_prot_cis.pdbx_auth_asym_id_2    A 
_struct_mon_prot_cis.pdbx_PDB_model_num     1 
_struct_mon_prot_cis.pdbx_omega_angle       2.23 
# 
_struct_sheet.id               A 
_struct_sheet.type             ? 
_struct_sheet.number_strands   2 
_struct_sheet.details          ? 
# 
_struct_sheet_order.sheet_id     A 
_struct_sheet_order.range_id_1   1 
_struct_sheet_order.range_id_2   2 
_struct_sheet_order.offset       ? 
_struct_sheet_order.sense        anti-parallel 
# 
loop_
_struct_sheet_range.sheet_id 
_struct_sheet_range.id 
_struct_sheet_range.beg_label_comp_id 
_struct_sheet_range.beg_label_asym_id 
_struct_sheet_range.beg_label_seq_id 
_struct_sheet_range.pdbx_beg_PDB_ins_code 
_struct_sheet_range.end_label_comp_id 
_struct_sheet_range.end_label_asym_id 
_struct_sheet_range.end_label_seq_id 
_struct_sheet_range.pdbx_end_PDB_ins_code 
_struct_sheet_range.beg_auth_comp_id 
_struct_sheet_range.beg_auth_asym_id 
_struct_sheet_range.beg_auth_seq_id 
_struct_sheet_range.end_auth_comp_id 
_struct_sheet_range.end_auth_asym_id 
_struct_sheet_range.end_auth_seq_id 
A 1 TRP A 61 ? PHE A 63 ? TRP A 62 PHE A 64 
A 2 TRP A 71 ? TYR A 73 ? TRP A 72 TYR A 74 
# 
_pdbx_struct_sheet_hbond.sheet_id                A 
_pdbx_struct_sheet_hbond.range_id_1              1 
_pdbx_struct_sheet_hbond.range_id_2              2 
_pdbx_struct_sheet_hbond.range_1_label_atom_id   O 
_pdbx_struct_sheet_hbond.range_1_label_comp_id   CYS 
_pdbx_struct_sheet_hbond.range_1_label_asym_id   A 
_pdbx_struct_sheet_hbond.range_1_label_seq_id    62 
_pdbx_struct_sheet_hbond.range_1_PDB_ins_code    ? 
_pdbx_struct_sheet_hbond.range_1_auth_atom_id    O 
_pdbx_struct_sheet_hbond.range_1_auth_comp_id    CYS 
_pdbx_struct_sheet_hbond.range_1_auth_asym_id    A 
_pdbx_struct_sheet_hbond.range_1_auth_seq_id     63 
_pdbx_struct_sheet_hbond.range_2_label_atom_id   N 
_pdbx_struct_sheet_hbond.range_2_label_comp_id   GLU 
_pdbx_struct_sheet_hbond.range_2_label_asym_id   A 
_pdbx_struct_sheet_hbond.range_2_label_seq_id    72 
_pdbx_struct_sheet_hbond.range_2_PDB_ins_code    ? 
_pdbx_struct_sheet_hbond.range_2_auth_atom_id    N 
_pdbx_struct_sheet_hbond.range_2_auth_comp_id    GLU 
_pdbx_struct_sheet_hbond.range_2_auth_asym_id    A 
_pdbx_struct_sheet_hbond.range_2_auth_seq_id     73 
# 
loop_
_struct_site.id 
_struct_site.pdbx_evidence_code 
_struct_site.pdbx_auth_asym_id 
_struct_site.pdbx_auth_comp_id 
_struct_site.pdbx_auth_seq_id 
_struct_site.pdbx_auth_ins_code 
_struct_site.pdbx_num_residues 
_struct_site.details 
LBS Unknown  ? ?   ?   ? 6  'LYSINE BINDING SITE'                
AC1 Software A ACA 100 ? 10 'BINDING SITE FOR RESIDUE ACA A 100' 
# 
loop_
_struct_site_gen.id 
_struct_site_gen.site_id 
_struct_site_gen.pdbx_num_res 
_struct_site_gen.label_comp_id 
_struct_site_gen.label_asym_id 
_struct_site_gen.label_seq_id 
_struct_site_gen.pdbx_auth_ins_code 
_struct_site_gen.auth_comp_id 
_struct_site_gen.auth_asym_id 
_struct_site_gen.auth_seq_id 
_struct_site_gen.label_atom_id 
_struct_site_gen.label_alt_id 
_struct_site_gen.symmetry 
_struct_site_gen.details 
1  LBS 6  ARG A 36 ? ARG A 35  . ? 1_555 ? 
2  LBS 6  ASP A 55 ? ASP A 55  . ? 1_555 ? 
3  LBS 6  ASP A 57 ? ASP A 57  . ? 1_555 ? 
4  LBS 6  TRP A 61 ? TRP A 62  . ? 1_555 ? 
5  LBS 6  ARG A 70 ? ARG A 71  . ? 1_555 ? 
6  LBS 6  TRP A 71 ? TRP A 72  . ? 1_555 ? 
7  AC1 10 ARG A 33 ? ARG A 32  . ? 4_555 ? 
8  AC1 10 ARG A 36 ? ARG A 35  . ? 1_555 ? 
9  AC1 10 ASP A 55 ? ASP A 55  . ? 1_555 ? 
10 AC1 10 ASP A 57 ? ASP A 57  . ? 1_555 ? 
11 AC1 10 TRP A 61 ? TRP A 62  . ? 1_555 ? 
12 AC1 10 PHE A 63 ? PHE A 64  . ? 1_555 ? 
13 AC1 10 ARG A 70 ? ARG A 71  . ? 1_555 ? 
14 AC1 10 TRP A 71 ? TRP A 72  . ? 1_555 ? 
15 AC1 10 HOH C .  ? HOH A 232 . ? 1_555 ? 
16 AC1 10 HOH C .  ? HOH A 235 . ? 1_555 ? 
# 
_pdbx_entry_details.entry_id                   3KIV 
_pdbx_entry_details.compound_details           
;N-TERMINAL (VR) AND C-TERMINAL (SDTEGTV) INTERKRINGULAR
PARTS ARE DISORDERED.  THE P30 RESIDUE IS IN CIS
CONFORMATION.  M66T POLYMORPHISM IS BIOLOGICALLY SILENT.
EACA BOUND IN AN EMBEDDED WAY.
;
_pdbx_entry_details.source_details             ? 
_pdbx_entry_details.nonpolymer_details         ? 
_pdbx_entry_details.sequence_details           ? 
_pdbx_entry_details.has_ligand_of_interest     ? 
_pdbx_entry_details.has_protein_modification   Y 
# 
loop_
_pdbx_validate_rmsd_angle.id 
_pdbx_validate_rmsd_angle.PDB_model_num 
_pdbx_validate_rmsd_angle.auth_atom_id_1 
_pdbx_validate_rmsd_angle.auth_asym_id_1 
_pdbx_validate_rmsd_angle.auth_comp_id_1 
_pdbx_validate_rmsd_angle.auth_seq_id_1 
_pdbx_validate_rmsd_angle.PDB_ins_code_1 
_pdbx_validate_rmsd_angle.label_alt_id_1 
_pdbx_validate_rmsd_angle.auth_atom_id_2 
_pdbx_validate_rmsd_angle.auth_asym_id_2 
_pdbx_validate_rmsd_angle.auth_comp_id_2 
_pdbx_validate_rmsd_angle.auth_seq_id_2 
_pdbx_validate_rmsd_angle.PDB_ins_code_2 
_pdbx_validate_rmsd_angle.label_alt_id_2 
_pdbx_validate_rmsd_angle.auth_atom_id_3 
_pdbx_validate_rmsd_angle.auth_asym_id_3 
_pdbx_validate_rmsd_angle.auth_comp_id_3 
_pdbx_validate_rmsd_angle.auth_seq_id_3 
_pdbx_validate_rmsd_angle.PDB_ins_code_3 
_pdbx_validate_rmsd_angle.label_alt_id_3 
_pdbx_validate_rmsd_angle.angle_value 
_pdbx_validate_rmsd_angle.angle_target_value 
_pdbx_validate_rmsd_angle.angle_deviation 
_pdbx_validate_rmsd_angle.angle_standard_deviation 
_pdbx_validate_rmsd_angle.linker_flag 
1  1 CA  A ARG 20 ? ? CB A ARG 20 ? ? CG  A ARG 20 ? ? 126.92 113.40 13.52 2.20 N 
2  1 NE  A ARG 20 ? ? CZ A ARG 20 ? ? NH2 A ARG 20 ? ? 117.27 120.30 -3.03 0.50 N 
3  1 CA  A ARG 32 ? ? CB A ARG 32 ? ? CG  A ARG 32 ? A 128.45 113.40 15.05 2.20 N 
4  1 CA  A ARG 32 ? ? CB A ARG 32 ? ? CG  A ARG 32 ? B 130.31 113.40 16.91 2.20 N 
5  1 NE  A ARG 32 ? A CZ A ARG 32 ? A NH2 A ARG 32 ? A 123.56 120.30 3.26  0.50 N 
6  1 NE  A ARG 35 ? ? CZ A ARG 35 ? ? NH1 A ARG 35 ? ? 124.60 120.30 4.30  0.50 N 
7  1 CB  A TYR 41 ? ? CG A TYR 41 ? ? CD2 A TYR 41 ? ? 116.39 121.00 -4.61 0.60 N 
8  1 CB  A ASP 44 ? ? CG A ASP 44 ? ? OD2 A ASP 44 ? ? 124.18 118.30 5.88  0.90 N 
9  1 CD  A ARG 52 ? ? NE A ARG 52 ? ? CZ  A ARG 52 ? ? 143.94 123.60 20.34 1.40 N 
10 1 NH1 A ARG 52 ? ? CZ A ARG 52 ? ? NH2 A ARG 52 ? ? 111.69 119.40 -7.71 1.10 N 
11 1 NE  A ARG 52 ? ? CZ A ARG 52 ? ? NH1 A ARG 52 ? ? 124.23 120.30 3.93  0.50 N 
12 1 NE  A ARG 52 ? ? CZ A ARG 52 ? ? NH2 A ARG 52 ? ? 123.97 120.30 3.67  0.50 N 
# 
loop_
_pdbx_validate_torsion.id 
_pdbx_validate_torsion.PDB_model_num 
_pdbx_validate_torsion.auth_comp_id 
_pdbx_validate_torsion.auth_asym_id 
_pdbx_validate_torsion.auth_seq_id 
_pdbx_validate_torsion.PDB_ins_code 
_pdbx_validate_torsion.label_alt_id 
_pdbx_validate_torsion.phi 
_pdbx_validate_torsion.psi 
1 1 SER A 14 ? ? -140.23 33.06   
2 1 MET A 48 ? ? 44.11   -121.33 
# 
loop_
_pdbx_validate_planes.id 
_pdbx_validate_planes.PDB_model_num 
_pdbx_validate_planes.auth_comp_id 
_pdbx_validate_planes.auth_asym_id 
_pdbx_validate_planes.auth_seq_id 
_pdbx_validate_planes.PDB_ins_code 
_pdbx_validate_planes.label_alt_id 
_pdbx_validate_planes.rmsd 
_pdbx_validate_planes.type 
1 1 ARG A 20 ? ? 0.136 'SIDE CHAIN' 
2 1 ARG A 32 ? ? 0.142 'SIDE CHAIN' 
# 
loop_
_chem_comp_atom.comp_id 
_chem_comp_atom.atom_id 
_chem_comp_atom.type_symbol 
_chem_comp_atom.pdbx_aromatic_flag 
_chem_comp_atom.pdbx_stereo_config 
_chem_comp_atom.pdbx_ordinal 
ACA C    C N N 1   
ACA O    O N N 2   
ACA OXT  O N N 3   
ACA C2   C N N 4   
ACA C3   C N N 5   
ACA C4   C N N 6   
ACA C5   C N N 7   
ACA C6   C N N 8   
ACA N    N N N 9   
ACA HXT  H N N 10  
ACA H21  H N N 11  
ACA H22  H N N 12  
ACA H31  H N N 13  
ACA H32  H N N 14  
ACA H41  H N N 15  
ACA H42  H N N 16  
ACA H51  H N N 17  
ACA H52  H N N 18  
ACA H61  H N N 19  
ACA H62  H N N 20  
ACA H    H N N 21  
ACA H2   H N N 22  
ALA N    N N N 23  
ALA CA   C N S 24  
ALA C    C N N 25  
ALA O    O N N 26  
ALA CB   C N N 27  
ALA OXT  O N N 28  
ALA H    H N N 29  
ALA H2   H N N 30  
ALA HA   H N N 31  
ALA HB1  H N N 32  
ALA HB2  H N N 33  
ALA HB3  H N N 34  
ALA HXT  H N N 35  
ARG N    N N N 36  
ARG CA   C N S 37  
ARG C    C N N 38  
ARG O    O N N 39  
ARG CB   C N N 40  
ARG CG   C N N 41  
ARG CD   C N N 42  
ARG NE   N N N 43  
ARG CZ   C N N 44  
ARG NH1  N N N 45  
ARG NH2  N N N 46  
ARG OXT  O N N 47  
ARG H    H N N 48  
ARG H2   H N N 49  
ARG HA   H N N 50  
ARG HB2  H N N 51  
ARG HB3  H N N 52  
ARG HG2  H N N 53  
ARG HG3  H N N 54  
ARG HD2  H N N 55  
ARG HD3  H N N 56  
ARG HE   H N N 57  
ARG HH11 H N N 58  
ARG HH12 H N N 59  
ARG HH21 H N N 60  
ARG HH22 H N N 61  
ARG HXT  H N N 62  
ASN N    N N N 63  
ASN CA   C N S 64  
ASN C    C N N 65  
ASN O    O N N 66  
ASN CB   C N N 67  
ASN CG   C N N 68  
ASN OD1  O N N 69  
ASN ND2  N N N 70  
ASN OXT  O N N 71  
ASN H    H N N 72  
ASN H2   H N N 73  
ASN HA   H N N 74  
ASN HB2  H N N 75  
ASN HB3  H N N 76  
ASN HD21 H N N 77  
ASN HD22 H N N 78  
ASN HXT  H N N 79  
ASP N    N N N 80  
ASP CA   C N S 81  
ASP C    C N N 82  
ASP O    O N N 83  
ASP CB   C N N 84  
ASP CG   C N N 85  
ASP OD1  O N N 86  
ASP OD2  O N N 87  
ASP OXT  O N N 88  
ASP H    H N N 89  
ASP H2   H N N 90  
ASP HA   H N N 91  
ASP HB2  H N N 92  
ASP HB3  H N N 93  
ASP HD2  H N N 94  
ASP HXT  H N N 95  
CYS N    N N N 96  
CYS CA   C N R 97  
CYS C    C N N 98  
CYS O    O N N 99  
CYS CB   C N N 100 
CYS SG   S N N 101 
CYS OXT  O N N 102 
CYS H    H N N 103 
CYS H2   H N N 104 
CYS HA   H N N 105 
CYS HB2  H N N 106 
CYS HB3  H N N 107 
CYS HG   H N N 108 
CYS HXT  H N N 109 
GLN N    N N N 110 
GLN CA   C N S 111 
GLN C    C N N 112 
GLN O    O N N 113 
GLN CB   C N N 114 
GLN CG   C N N 115 
GLN CD   C N N 116 
GLN OE1  O N N 117 
GLN NE2  N N N 118 
GLN OXT  O N N 119 
GLN H    H N N 120 
GLN H2   H N N 121 
GLN HA   H N N 122 
GLN HB2  H N N 123 
GLN HB3  H N N 124 
GLN HG2  H N N 125 
GLN HG3  H N N 126 
GLN HE21 H N N 127 
GLN HE22 H N N 128 
GLN HXT  H N N 129 
GLU N    N N N 130 
GLU CA   C N S 131 
GLU C    C N N 132 
GLU O    O N N 133 
GLU CB   C N N 134 
GLU CG   C N N 135 
GLU CD   C N N 136 
GLU OE1  O N N 137 
GLU OE2  O N N 138 
GLU OXT  O N N 139 
GLU H    H N N 140 
GLU H2   H N N 141 
GLU HA   H N N 142 
GLU HB2  H N N 143 
GLU HB3  H N N 144 
GLU HG2  H N N 145 
GLU HG3  H N N 146 
GLU HE2  H N N 147 
GLU HXT  H N N 148 
GLY N    N N N 149 
GLY CA   C N N 150 
GLY C    C N N 151 
GLY O    O N N 152 
GLY OXT  O N N 153 
GLY H    H N N 154 
GLY H2   H N N 155 
GLY HA2  H N N 156 
GLY HA3  H N N 157 
GLY HXT  H N N 158 
HIS N    N N N 159 
HIS CA   C N S 160 
HIS C    C N N 161 
HIS O    O N N 162 
HIS CB   C N N 163 
HIS CG   C Y N 164 
HIS ND1  N Y N 165 
HIS CD2  C Y N 166 
HIS CE1  C Y N 167 
HIS NE2  N Y N 168 
HIS OXT  O N N 169 
HIS H    H N N 170 
HIS H2   H N N 171 
HIS HA   H N N 172 
HIS HB2  H N N 173 
HIS HB3  H N N 174 
HIS HD1  H N N 175 
HIS HD2  H N N 176 
HIS HE1  H N N 177 
HIS HE2  H N N 178 
HIS HXT  H N N 179 
HOH O    O N N 180 
HOH H1   H N N 181 
HOH H2   H N N 182 
ILE N    N N N 183 
ILE CA   C N S 184 
ILE C    C N N 185 
ILE O    O N N 186 
ILE CB   C N S 187 
ILE CG1  C N N 188 
ILE CG2  C N N 189 
ILE CD1  C N N 190 
ILE OXT  O N N 191 
ILE H    H N N 192 
ILE H2   H N N 193 
ILE HA   H N N 194 
ILE HB   H N N 195 
ILE HG12 H N N 196 
ILE HG13 H N N 197 
ILE HG21 H N N 198 
ILE HG22 H N N 199 
ILE HG23 H N N 200 
ILE HD11 H N N 201 
ILE HD12 H N N 202 
ILE HD13 H N N 203 
ILE HXT  H N N 204 
LEU N    N N N 205 
LEU CA   C N S 206 
LEU C    C N N 207 
LEU O    O N N 208 
LEU CB   C N N 209 
LEU CG   C N N 210 
LEU CD1  C N N 211 
LEU CD2  C N N 212 
LEU OXT  O N N 213 
LEU H    H N N 214 
LEU H2   H N N 215 
LEU HA   H N N 216 
LEU HB2  H N N 217 
LEU HB3  H N N 218 
LEU HG   H N N 219 
LEU HD11 H N N 220 
LEU HD12 H N N 221 
LEU HD13 H N N 222 
LEU HD21 H N N 223 
LEU HD22 H N N 224 
LEU HD23 H N N 225 
LEU HXT  H N N 226 
MET N    N N N 227 
MET CA   C N S 228 
MET C    C N N 229 
MET O    O N N 230 
MET CB   C N N 231 
MET CG   C N N 232 
MET SD   S N N 233 
MET CE   C N N 234 
MET OXT  O N N 235 
MET H    H N N 236 
MET H2   H N N 237 
MET HA   H N N 238 
MET HB2  H N N 239 
MET HB3  H N N 240 
MET HG2  H N N 241 
MET HG3  H N N 242 
MET HE1  H N N 243 
MET HE2  H N N 244 
MET HE3  H N N 245 
MET HXT  H N N 246 
PHE N    N N N 247 
PHE CA   C N S 248 
PHE C    C N N 249 
PHE O    O N N 250 
PHE CB   C N N 251 
PHE CG   C Y N 252 
PHE CD1  C Y N 253 
PHE CD2  C Y N 254 
PHE CE1  C Y N 255 
PHE CE2  C Y N 256 
PHE CZ   C Y N 257 
PHE OXT  O N N 258 
PHE H    H N N 259 
PHE H2   H N N 260 
PHE HA   H N N 261 
PHE HB2  H N N 262 
PHE HB3  H N N 263 
PHE HD1  H N N 264 
PHE HD2  H N N 265 
PHE HE1  H N N 266 
PHE HE2  H N N 267 
PHE HZ   H N N 268 
PHE HXT  H N N 269 
PRO N    N N N 270 
PRO CA   C N S 271 
PRO C    C N N 272 
PRO O    O N N 273 
PRO CB   C N N 274 
PRO CG   C N N 275 
PRO CD   C N N 276 
PRO OXT  O N N 277 
PRO H    H N N 278 
PRO HA   H N N 279 
PRO HB2  H N N 280 
PRO HB3  H N N 281 
PRO HG2  H N N 282 
PRO HG3  H N N 283 
PRO HD2  H N N 284 
PRO HD3  H N N 285 
PRO HXT  H N N 286 
SER N    N N N 287 
SER CA   C N S 288 
SER C    C N N 289 
SER O    O N N 290 
SER CB   C N N 291 
SER OG   O N N 292 
SER OXT  O N N 293 
SER H    H N N 294 
SER H2   H N N 295 
SER HA   H N N 296 
SER HB2  H N N 297 
SER HB3  H N N 298 
SER HG   H N N 299 
SER HXT  H N N 300 
THR N    N N N 301 
THR CA   C N S 302 
THR C    C N N 303 
THR O    O N N 304 
THR CB   C N R 305 
THR OG1  O N N 306 
THR CG2  C N N 307 
THR OXT  O N N 308 
THR H    H N N 309 
THR H2   H N N 310 
THR HA   H N N 311 
THR HB   H N N 312 
THR HG1  H N N 313 
THR HG21 H N N 314 
THR HG22 H N N 315 
THR HG23 H N N 316 
THR HXT  H N N 317 
TRP N    N N N 318 
TRP CA   C N S 319 
TRP C    C N N 320 
TRP O    O N N 321 
TRP CB   C N N 322 
TRP CG   C Y N 323 
TRP CD1  C Y N 324 
TRP CD2  C Y N 325 
TRP NE1  N Y N 326 
TRP CE2  C Y N 327 
TRP CE3  C Y N 328 
TRP CZ2  C Y N 329 
TRP CZ3  C Y N 330 
TRP CH2  C Y N 331 
TRP OXT  O N N 332 
TRP H    H N N 333 
TRP H2   H N N 334 
TRP HA   H N N 335 
TRP HB2  H N N 336 
TRP HB3  H N N 337 
TRP HD1  H N N 338 
TRP HE1  H N N 339 
TRP HE3  H N N 340 
TRP HZ2  H N N 341 
TRP HZ3  H N N 342 
TRP HH2  H N N 343 
TRP HXT  H N N 344 
TYR N    N N N 345 
TYR CA   C N S 346 
TYR C    C N N 347 
TYR O    O N N 348 
TYR CB   C N N 349 
TYR CG   C Y N 350 
TYR CD1  C Y N 351 
TYR CD2  C Y N 352 
TYR CE1  C Y N 353 
TYR CE2  C Y N 354 
TYR CZ   C Y N 355 
TYR OH   O N N 356 
TYR OXT  O N N 357 
TYR H    H N N 358 
TYR H2   H N N 359 
TYR HA   H N N 360 
TYR HB2  H N N 361 
TYR HB3  H N N 362 
TYR HD1  H N N 363 
TYR HD2  H N N 364 
TYR HE1  H N N 365 
TYR HE2  H N N 366 
TYR HH   H N N 367 
TYR HXT  H N N 368 
VAL N    N N N 369 
VAL CA   C N S 370 
VAL C    C N N 371 
VAL O    O N N 372 
VAL CB   C N N 373 
VAL CG1  C N N 374 
VAL CG2  C N N 375 
VAL OXT  O N N 376 
VAL H    H N N 377 
VAL H2   H N N 378 
VAL HA   H N N 379 
VAL HB   H N N 380 
VAL HG11 H N N 381 
VAL HG12 H N N 382 
VAL HG13 H N N 383 
VAL HG21 H N N 384 
VAL HG22 H N N 385 
VAL HG23 H N N 386 
VAL HXT  H N N 387 
# 
loop_
_chem_comp_bond.comp_id 
_chem_comp_bond.atom_id_1 
_chem_comp_bond.atom_id_2 
_chem_comp_bond.value_order 
_chem_comp_bond.pdbx_aromatic_flag 
_chem_comp_bond.pdbx_stereo_config 
_chem_comp_bond.pdbx_ordinal 
ACA C   O    doub N N 1   
ACA C   OXT  sing N N 2   
ACA C   C2   sing N N 3   
ACA OXT HXT  sing N N 4   
ACA C2  C3   sing N N 5   
ACA C2  H21  sing N N 6   
ACA C2  H22  sing N N 7   
ACA C3  C4   sing N N 8   
ACA C3  H31  sing N N 9   
ACA C3  H32  sing N N 10  
ACA C4  C5   sing N N 11  
ACA C4  H41  sing N N 12  
ACA C4  H42  sing N N 13  
ACA C5  C6   sing N N 14  
ACA C5  H51  sing N N 15  
ACA C5  H52  sing N N 16  
ACA C6  N    sing N N 17  
ACA C6  H61  sing N N 18  
ACA C6  H62  sing N N 19  
ACA N   H    sing N N 20  
ACA N   H2   sing N N 21  
ALA N   CA   sing N N 22  
ALA N   H    sing N N 23  
ALA N   H2   sing N N 24  
ALA CA  C    sing N N 25  
ALA CA  CB   sing N N 26  
ALA CA  HA   sing N N 27  
ALA C   O    doub N N 28  
ALA C   OXT  sing N N 29  
ALA CB  HB1  sing N N 30  
ALA CB  HB2  sing N N 31  
ALA CB  HB3  sing N N 32  
ALA OXT HXT  sing N N 33  
ARG N   CA   sing N N 34  
ARG N   H    sing N N 35  
ARG N   H2   sing N N 36  
ARG CA  C    sing N N 37  
ARG CA  CB   sing N N 38  
ARG CA  HA   sing N N 39  
ARG C   O    doub N N 40  
ARG C   OXT  sing N N 41  
ARG CB  CG   sing N N 42  
ARG CB  HB2  sing N N 43  
ARG CB  HB3  sing N N 44  
ARG CG  CD   sing N N 45  
ARG CG  HG2  sing N N 46  
ARG CG  HG3  sing N N 47  
ARG CD  NE   sing N N 48  
ARG CD  HD2  sing N N 49  
ARG CD  HD3  sing N N 50  
ARG NE  CZ   sing N N 51  
ARG NE  HE   sing N N 52  
ARG CZ  NH1  sing N N 53  
ARG CZ  NH2  doub N N 54  
ARG NH1 HH11 sing N N 55  
ARG NH1 HH12 sing N N 56  
ARG NH2 HH21 sing N N 57  
ARG NH2 HH22 sing N N 58  
ARG OXT HXT  sing N N 59  
ASN N   CA   sing N N 60  
ASN N   H    sing N N 61  
ASN N   H2   sing N N 62  
ASN CA  C    sing N N 63  
ASN CA  CB   sing N N 64  
ASN CA  HA   sing N N 65  
ASN C   O    doub N N 66  
ASN C   OXT  sing N N 67  
ASN CB  CG   sing N N 68  
ASN CB  HB2  sing N N 69  
ASN CB  HB3  sing N N 70  
ASN CG  OD1  doub N N 71  
ASN CG  ND2  sing N N 72  
ASN ND2 HD21 sing N N 73  
ASN ND2 HD22 sing N N 74  
ASN OXT HXT  sing N N 75  
ASP N   CA   sing N N 76  
ASP N   H    sing N N 77  
ASP N   H2   sing N N 78  
ASP CA  C    sing N N 79  
ASP CA  CB   sing N N 80  
ASP CA  HA   sing N N 81  
ASP C   O    doub N N 82  
ASP C   OXT  sing N N 83  
ASP CB  CG   sing N N 84  
ASP CB  HB2  sing N N 85  
ASP CB  HB3  sing N N 86  
ASP CG  OD1  doub N N 87  
ASP CG  OD2  sing N N 88  
ASP OD2 HD2  sing N N 89  
ASP OXT HXT  sing N N 90  
CYS N   CA   sing N N 91  
CYS N   H    sing N N 92  
CYS N   H2   sing N N 93  
CYS CA  C    sing N N 94  
CYS CA  CB   sing N N 95  
CYS CA  HA   sing N N 96  
CYS C   O    doub N N 97  
CYS C   OXT  sing N N 98  
CYS CB  SG   sing N N 99  
CYS CB  HB2  sing N N 100 
CYS CB  HB3  sing N N 101 
CYS SG  HG   sing N N 102 
CYS OXT HXT  sing N N 103 
GLN N   CA   sing N N 104 
GLN N   H    sing N N 105 
GLN N   H2   sing N N 106 
GLN CA  C    sing N N 107 
GLN CA  CB   sing N N 108 
GLN CA  HA   sing N N 109 
GLN C   O    doub N N 110 
GLN C   OXT  sing N N 111 
GLN CB  CG   sing N N 112 
GLN CB  HB2  sing N N 113 
GLN CB  HB3  sing N N 114 
GLN CG  CD   sing N N 115 
GLN CG  HG2  sing N N 116 
GLN CG  HG3  sing N N 117 
GLN CD  OE1  doub N N 118 
GLN CD  NE2  sing N N 119 
GLN NE2 HE21 sing N N 120 
GLN NE2 HE22 sing N N 121 
GLN OXT HXT  sing N N 122 
GLU N   CA   sing N N 123 
GLU N   H    sing N N 124 
GLU N   H2   sing N N 125 
GLU CA  C    sing N N 126 
GLU CA  CB   sing N N 127 
GLU CA  HA   sing N N 128 
GLU C   O    doub N N 129 
GLU C   OXT  sing N N 130 
GLU CB  CG   sing N N 131 
GLU CB  HB2  sing N N 132 
GLU CB  HB3  sing N N 133 
GLU CG  CD   sing N N 134 
GLU CG  HG2  sing N N 135 
GLU CG  HG3  sing N N 136 
GLU CD  OE1  doub N N 137 
GLU CD  OE2  sing N N 138 
GLU OE2 HE2  sing N N 139 
GLU OXT HXT  sing N N 140 
GLY N   CA   sing N N 141 
GLY N   H    sing N N 142 
GLY N   H2   sing N N 143 
GLY CA  C    sing N N 144 
GLY CA  HA2  sing N N 145 
GLY CA  HA3  sing N N 146 
GLY C   O    doub N N 147 
GLY C   OXT  sing N N 148 
GLY OXT HXT  sing N N 149 
HIS N   CA   sing N N 150 
HIS N   H    sing N N 151 
HIS N   H2   sing N N 152 
HIS CA  C    sing N N 153 
HIS CA  CB   sing N N 154 
HIS CA  HA   sing N N 155 
HIS C   O    doub N N 156 
HIS C   OXT  sing N N 157 
HIS CB  CG   sing N N 158 
HIS CB  HB2  sing N N 159 
HIS CB  HB3  sing N N 160 
HIS CG  ND1  sing Y N 161 
HIS CG  CD2  doub Y N 162 
HIS ND1 CE1  doub Y N 163 
HIS ND1 HD1  sing N N 164 
HIS CD2 NE2  sing Y N 165 
HIS CD2 HD2  sing N N 166 
HIS CE1 NE2  sing Y N 167 
HIS CE1 HE1  sing N N 168 
HIS NE2 HE2  sing N N 169 
HIS OXT HXT  sing N N 170 
HOH O   H1   sing N N 171 
HOH O   H2   sing N N 172 
ILE N   CA   sing N N 173 
ILE N   H    sing N N 174 
ILE N   H2   sing N N 175 
ILE CA  C    sing N N 176 
ILE CA  CB   sing N N 177 
ILE CA  HA   sing N N 178 
ILE C   O    doub N N 179 
ILE C   OXT  sing N N 180 
ILE CB  CG1  sing N N 181 
ILE CB  CG2  sing N N 182 
ILE CB  HB   sing N N 183 
ILE CG1 CD1  sing N N 184 
ILE CG1 HG12 sing N N 185 
ILE CG1 HG13 sing N N 186 
ILE CG2 HG21 sing N N 187 
ILE CG2 HG22 sing N N 188 
ILE CG2 HG23 sing N N 189 
ILE CD1 HD11 sing N N 190 
ILE CD1 HD12 sing N N 191 
ILE CD1 HD13 sing N N 192 
ILE OXT HXT  sing N N 193 
LEU N   CA   sing N N 194 
LEU N   H    sing N N 195 
LEU N   H2   sing N N 196 
LEU CA  C    sing N N 197 
LEU CA  CB   sing N N 198 
LEU CA  HA   sing N N 199 
LEU C   O    doub N N 200 
LEU C   OXT  sing N N 201 
LEU CB  CG   sing N N 202 
LEU CB  HB2  sing N N 203 
LEU CB  HB3  sing N N 204 
LEU CG  CD1  sing N N 205 
LEU CG  CD2  sing N N 206 
LEU CG  HG   sing N N 207 
LEU CD1 HD11 sing N N 208 
LEU CD1 HD12 sing N N 209 
LEU CD1 HD13 sing N N 210 
LEU CD2 HD21 sing N N 211 
LEU CD2 HD22 sing N N 212 
LEU CD2 HD23 sing N N 213 
LEU OXT HXT  sing N N 214 
MET N   CA   sing N N 215 
MET N   H    sing N N 216 
MET N   H2   sing N N 217 
MET CA  C    sing N N 218 
MET CA  CB   sing N N 219 
MET CA  HA   sing N N 220 
MET C   O    doub N N 221 
MET C   OXT  sing N N 222 
MET CB  CG   sing N N 223 
MET CB  HB2  sing N N 224 
MET CB  HB3  sing N N 225 
MET CG  SD   sing N N 226 
MET CG  HG2  sing N N 227 
MET CG  HG3  sing N N 228 
MET SD  CE   sing N N 229 
MET CE  HE1  sing N N 230 
MET CE  HE2  sing N N 231 
MET CE  HE3  sing N N 232 
MET OXT HXT  sing N N 233 
PHE N   CA   sing N N 234 
PHE N   H    sing N N 235 
PHE N   H2   sing N N 236 
PHE CA  C    sing N N 237 
PHE CA  CB   sing N N 238 
PHE CA  HA   sing N N 239 
PHE C   O    doub N N 240 
PHE C   OXT  sing N N 241 
PHE CB  CG   sing N N 242 
PHE CB  HB2  sing N N 243 
PHE CB  HB3  sing N N 244 
PHE CG  CD1  doub Y N 245 
PHE CG  CD2  sing Y N 246 
PHE CD1 CE1  sing Y N 247 
PHE CD1 HD1  sing N N 248 
PHE CD2 CE2  doub Y N 249 
PHE CD2 HD2  sing N N 250 
PHE CE1 CZ   doub Y N 251 
PHE CE1 HE1  sing N N 252 
PHE CE2 CZ   sing Y N 253 
PHE CE2 HE2  sing N N 254 
PHE CZ  HZ   sing N N 255 
PHE OXT HXT  sing N N 256 
PRO N   CA   sing N N 257 
PRO N   CD   sing N N 258 
PRO N   H    sing N N 259 
PRO CA  C    sing N N 260 
PRO CA  CB   sing N N 261 
PRO CA  HA   sing N N 262 
PRO C   O    doub N N 263 
PRO C   OXT  sing N N 264 
PRO CB  CG   sing N N 265 
PRO CB  HB2  sing N N 266 
PRO CB  HB3  sing N N 267 
PRO CG  CD   sing N N 268 
PRO CG  HG2  sing N N 269 
PRO CG  HG3  sing N N 270 
PRO CD  HD2  sing N N 271 
PRO CD  HD3  sing N N 272 
PRO OXT HXT  sing N N 273 
SER N   CA   sing N N 274 
SER N   H    sing N N 275 
SER N   H2   sing N N 276 
SER CA  C    sing N N 277 
SER CA  CB   sing N N 278 
SER CA  HA   sing N N 279 
SER C   O    doub N N 280 
SER C   OXT  sing N N 281 
SER CB  OG   sing N N 282 
SER CB  HB2  sing N N 283 
SER CB  HB3  sing N N 284 
SER OG  HG   sing N N 285 
SER OXT HXT  sing N N 286 
THR N   CA   sing N N 287 
THR N   H    sing N N 288 
THR N   H2   sing N N 289 
THR CA  C    sing N N 290 
THR CA  CB   sing N N 291 
THR CA  HA   sing N N 292 
THR C   O    doub N N 293 
THR C   OXT  sing N N 294 
THR CB  OG1  sing N N 295 
THR CB  CG2  sing N N 296 
THR CB  HB   sing N N 297 
THR OG1 HG1  sing N N 298 
THR CG2 HG21 sing N N 299 
THR CG2 HG22 sing N N 300 
THR CG2 HG23 sing N N 301 
THR OXT HXT  sing N N 302 
TRP N   CA   sing N N 303 
TRP N   H    sing N N 304 
TRP N   H2   sing N N 305 
TRP CA  C    sing N N 306 
TRP CA  CB   sing N N 307 
TRP CA  HA   sing N N 308 
TRP C   O    doub N N 309 
TRP C   OXT  sing N N 310 
TRP CB  CG   sing N N 311 
TRP CB  HB2  sing N N 312 
TRP CB  HB3  sing N N 313 
TRP CG  CD1  doub Y N 314 
TRP CG  CD2  sing Y N 315 
TRP CD1 NE1  sing Y N 316 
TRP CD1 HD1  sing N N 317 
TRP CD2 CE2  doub Y N 318 
TRP CD2 CE3  sing Y N 319 
TRP NE1 CE2  sing Y N 320 
TRP NE1 HE1  sing N N 321 
TRP CE2 CZ2  sing Y N 322 
TRP CE3 CZ3  doub Y N 323 
TRP CE3 HE3  sing N N 324 
TRP CZ2 CH2  doub Y N 325 
TRP CZ2 HZ2  sing N N 326 
TRP CZ3 CH2  sing Y N 327 
TRP CZ3 HZ3  sing N N 328 
TRP CH2 HH2  sing N N 329 
TRP OXT HXT  sing N N 330 
TYR N   CA   sing N N 331 
TYR N   H    sing N N 332 
TYR N   H2   sing N N 333 
TYR CA  C    sing N N 334 
TYR CA  CB   sing N N 335 
TYR CA  HA   sing N N 336 
TYR C   O    doub N N 337 
TYR C   OXT  sing N N 338 
TYR CB  CG   sing N N 339 
TYR CB  HB2  sing N N 340 
TYR CB  HB3  sing N N 341 
TYR CG  CD1  doub Y N 342 
TYR CG  CD2  sing Y N 343 
TYR CD1 CE1  sing Y N 344 
TYR CD1 HD1  sing N N 345 
TYR CD2 CE2  doub Y N 346 
TYR CD2 HD2  sing N N 347 
TYR CE1 CZ   doub Y N 348 
TYR CE1 HE1  sing N N 349 
TYR CE2 CZ   sing Y N 350 
TYR CE2 HE2  sing N N 351 
TYR CZ  OH   sing N N 352 
TYR OH  HH   sing N N 353 
TYR OXT HXT  sing N N 354 
VAL N   CA   sing N N 355 
VAL N   H    sing N N 356 
VAL N   H2   sing N N 357 
VAL CA  C    sing N N 358 
VAL CA  CB   sing N N 359 
VAL CA  HA   sing N N 360 
VAL C   O    doub N N 361 
VAL C   OXT  sing N N 362 
VAL CB  CG1  sing N N 363 
VAL CB  CG2  sing N N 364 
VAL CB  HB   sing N N 365 
VAL CG1 HG11 sing N N 366 
VAL CG1 HG12 sing N N 367 
VAL CG1 HG13 sing N N 368 
VAL CG2 HG21 sing N N 369 
VAL CG2 HG22 sing N N 370 
VAL CG2 HG23 sing N N 371 
VAL OXT HXT  sing N N 372 
# 
_atom_sites.entry_id                    3KIV 
_atom_sites.fract_transf_matrix[1][1]   0.03674141 
_atom_sites.fract_transf_matrix[1][2]   -0.00485215 
_atom_sites.fract_transf_matrix[1][3]   -0.01788889 
_atom_sites.fract_transf_matrix[2][1]   -0.00394138 
_atom_sites.fract_transf_matrix[2][2]   -0.02141668 
_atom_sites.fract_transf_matrix[2][3]   -0.00228605 
_atom_sites.fract_transf_matrix[3][1]   -0.00651644 
_atom_sites.fract_transf_matrix[3][2]   0.00270621 
_atom_sites.fract_transf_matrix[3][3]   -0.01411792 
_atom_sites.fract_transf_vector[1]      0.244978 
_atom_sites.fract_transf_vector[2]      0.306119 
_atom_sites.fract_transf_vector[3]      0.226316 
# 
loop_
_atom_type.symbol 
C 
N 
O 
S 
# 
loop_
_atom_site.group_PDB 
_atom_site.id 
_atom_site.type_symbol 
_atom_site.label_atom_id 
_atom_site.label_alt_id 
_atom_site.label_comp_id 
_atom_site.label_asym_id 
_atom_site.label_entity_id 
_atom_site.label_seq_id 
_atom_site.pdbx_PDB_ins_code 
_atom_site.Cartn_x 
_atom_site.Cartn_y 
_atom_site.Cartn_z 
_atom_site.occupancy 
_atom_site.B_iso_or_equiv 
_atom_site.pdbx_formal_charge 
_atom_site.auth_seq_id 
_atom_site.auth_comp_id 
_atom_site.auth_asym_id 
_atom_site.auth_atom_id 
_atom_site.pdbx_PDB_model_num 
ATOM   1   N N   . GLN A 1 1  ? -4.415  -2.020  -14.339 1.00 22.60 ? 0   GLN A N   1 
ATOM   2   C CA  . GLN A 1 1  ? -4.063  -3.183  -13.471 1.00 23.39 ? 0   GLN A CA  1 
ATOM   3   C C   . GLN A 1 1  ? -2.544  -3.364  -13.343 1.00 21.94 ? 0   GLN A C   1 
ATOM   4   O O   . GLN A 1 1  ? -2.101  -4.363  -12.705 1.00 20.16 ? 0   GLN A O   1 
ATOM   5   C CB  . GLN A 1 1  ? -4.745  -4.456  -14.010 1.00 23.44 ? 0   GLN A CB  1 
ATOM   6   C CG  . GLN A 1 1  ? -6.150  -4.197  -14.512 1.00 27.13 ? 0   GLN A CG  1 
ATOM   7   C CD  . GLN A 1 1  ? -6.670  -4.892  -15.727 1.00 28.33 ? 0   GLN A CD  1 
ATOM   8   O OE1 . GLN A 1 1  ? -7.848  -4.829  -16.104 1.00 31.50 ? 0   GLN A OE1 1 
ATOM   9   N NE2 . GLN A 1 1  ? -5.856  -5.577  -16.525 1.00 32.39 ? 0   GLN A NE2 1 
ATOM   10  N N   . CYS A 1 2  ? -1.763  -2.455  -13.962 1.00 20.46 ? 1   CYS A N   1 
ATOM   11  C CA  . CYS A 1 2  ? -0.297  -2.614  -13.857 1.00 20.10 ? 1   CYS A CA  1 
ATOM   12  C C   . CYS A 1 2  ? 0.361   -1.288  -13.431 1.00 18.56 ? 1   CYS A C   1 
ATOM   13  O O   . CYS A 1 2  ? -0.130  -0.205  -13.806 1.00 17.62 ? 1   CYS A O   1 
ATOM   14  C CB  . CYS A 1 2  ? 0.330   -3.189  -15.114 1.00 21.04 ? 1   CYS A CB  1 
ATOM   15  S SG  . CYS A 1 2  ? 0.238   -2.147  -16.616 1.00 26.59 ? 1   CYS A SG  1 
ATOM   16  N N   . TYR A 1 3  ? 1.492   -1.479  -12.795 1.00 16.47 ? 2   TYR A N   1 
ATOM   17  C CA  . TYR A 1 3  ? 2.408   -0.456  -12.233 1.00 16.51 ? 2   TYR A CA  1 
ATOM   18  C C   . TYR A 1 3  ? 3.694   -0.379  -13.040 1.00 17.94 ? 2   TYR A C   1 
ATOM   19  O O   . TYR A 1 3  ? 4.141   -1.391  -13.641 1.00 20.83 ? 2   TYR A O   1 
ATOM   20  C CB  . TYR A 1 3  ? 2.605   -0.787  -10.767 1.00 13.85 ? 2   TYR A CB  1 
ATOM   21  C CG  . TYR A 1 3  ? 3.502   -1.914  -10.359 1.00 16.64 ? 2   TYR A CG  1 
ATOM   22  C CD1 . TYR A 1 3  ? 4.908   -1.817  -10.507 1.00 19.03 ? 2   TYR A CD1 1 
ATOM   23  C CD2 . TYR A 1 3  ? 3.031   -3.118  -9.825  1.00 15.94 ? 2   TYR A CD2 1 
ATOM   24  C CE1 . TYR A 1 3  ? 5.766   -2.884  -10.236 1.00 14.66 ? 2   TYR A CE1 1 
ATOM   25  C CE2 . TYR A 1 3  ? 3.867   -4.130  -9.440  1.00 17.16 ? 2   TYR A CE2 1 
ATOM   26  C CZ  . TYR A 1 3  ? 5.252   -4.015  -9.671  1.00 17.01 ? 2   TYR A CZ  1 
ATOM   27  O OH  . TYR A 1 3  ? 6.053   -5.014  -9.205  1.00 17.74 ? 2   TYR A OH  1 
ATOM   28  N N   . HIS A 1 4  ? 4.305   0.785   -13.180 1.00 17.25 ? 3   HIS A N   1 
ATOM   29  C CA  . HIS A 1 4  ? 5.558   0.874   -13.942 1.00 17.53 ? 3   HIS A CA  1 
ATOM   30  C C   . HIS A 1 4  ? 6.729   0.955   -12.962 1.00 17.45 ? 3   HIS A C   1 
ATOM   31  O O   . HIS A 1 4  ? 6.596   1.281   -11.780 1.00 15.86 ? 3   HIS A O   1 
ATOM   32  C CB  . HIS A 1 4  ? 5.669   2.034   -14.949 1.00 20.06 ? 3   HIS A CB  1 
ATOM   33  C CG  . HIS A 1 4  ? 4.430   2.225   -15.761 1.00 21.45 ? 3   HIS A CG  1 
ATOM   34  N ND1 . HIS A 1 4  ? 4.376   1.906   -17.070 1.00 22.03 ? 3   HIS A ND1 1 
ATOM   35  C CD2 . HIS A 1 4  ? 3.180   2.611   -15.386 1.00 20.34 ? 3   HIS A CD2 1 
ATOM   36  C CE1 . HIS A 1 4  ? 3.128   2.154   -17.510 1.00 24.46 ? 3   HIS A CE1 1 
ATOM   37  N NE2 . HIS A 1 4  ? 2.418   2.615   -16.529 1.00 22.68 ? 3   HIS A NE2 1 
ATOM   38  N N   . GLY A 1 5  ? 7.868   0.505   -13.508 1.00 18.46 ? 4   GLY A N   1 
ATOM   39  C CA  . GLY A 1 5  ? 9.120   0.423   -12.714 1.00 15.87 ? 4   GLY A CA  1 
ATOM   40  C C   . GLY A 1 5  ? 8.903   -0.398  -11.449 1.00 14.85 ? 4   GLY A C   1 
ATOM   41  O O   . GLY A 1 5  ? 8.501   -1.552  -11.454 1.00 15.14 ? 4   GLY A O   1 
ATOM   42  N N   . ASN A 1 6  ? 9.140   0.286   -10.326 1.00 13.02 ? 5   ASN A N   1 
ATOM   43  C CA  . ASN A 1 6  ? 9.018   -0.186  -8.979  1.00 12.61 ? 5   ASN A CA  1 
ATOM   44  C C   . ASN A 1 6  ? 7.664   0.152   -8.326  1.00 9.63  ? 5   ASN A C   1 
ATOM   45  O O   . ASN A 1 6  ? 7.575   -0.172  -7.179  1.00 11.70 ? 5   ASN A O   1 
ATOM   46  C CB  . ASN A 1 6  ? 10.189  0.189   -8.098  1.00 13.70 ? 5   ASN A CB  1 
ATOM   47  C CG  . ASN A 1 6  ? 10.419  1.575   -7.628  1.00 8.34  ? 5   ASN A CG  1 
ATOM   48  O OD1 . ASN A 1 6  ? 11.265  1.708   -6.715  1.00 13.95 ? 5   ASN A OD1 1 
ATOM   49  N ND2 . ASN A 1 6  ? 9.607   2.544   -8.017  1.00 10.19 ? 5   ASN A ND2 1 
ATOM   50  N N   . GLY A 1 7  ? 6.726   0.709   -9.000  1.00 13.59 ? 6   GLY A N   1 
ATOM   51  C CA  . GLY A 1 7  ? 5.394   1.083   -8.418  1.00 14.85 ? 6   GLY A CA  1 
ATOM   52  C C   . GLY A 1 7  ? 5.422   2.365   -7.589  1.00 13.42 ? 6   GLY A C   1 
ATOM   53  O O   . GLY A 1 7  ? 4.456   2.686   -6.856  1.00 12.93 ? 6   GLY A O   1 
ATOM   54  N N   . GLN A 1 8  ? 6.543   3.060   -7.649  1.00 12.18 ? 7   GLN A N   1 
ATOM   55  C CA  . GLN A 1 8  ? 6.703   4.312   -6.862  1.00 13.02 ? 7   GLN A CA  1 
ATOM   56  C C   . GLN A 1 8  ? 5.763   5.404   -7.257  1.00 10.62 ? 7   GLN A C   1 
ATOM   57  O O   . GLN A 1 8  ? 5.264   6.120   -6.392  1.00 10.91 ? 7   GLN A O   1 
ATOM   58  C CB  . GLN A 1 8  ? 8.177   4.724   -6.913  1.00 14.30 ? 7   GLN A CB  1 
ATOM   59  C CG  . GLN A 1 8  ? 8.817   4.398   -5.536  1.00 20.98 ? 7   GLN A CG  1 
ATOM   60  C CD  . GLN A 1 8  ? 9.136   5.749   -4.889  1.00 22.84 ? 7   GLN A CD  1 
ATOM   61  O OE1 . GLN A 1 8  ? 8.458   6.735   -5.108  1.00 23.44 ? 7   GLN A OE1 1 
ATOM   62  N NE2 . GLN A 1 8  ? 10.312  5.794   -4.268  1.00 25.33 ? 7   GLN A NE2 1 
ATOM   63  N N   . SER A 1 9  ? 5.410   5.502   -8.511  1.00 12.51 ? 8   SER A N   1 
ATOM   64  C CA  . SER A 1 9  ? 4.507   6.416   -9.167  1.00 14.40 ? 8   SER A CA  1 
ATOM   65  C C   . SER A 1 9  ? 3.078   5.919   -9.286  1.00 11.49 ? 8   SER A C   1 
ATOM   66  O O   . SER A 1 9  ? 2.222   6.581   -9.873  1.00 12.71 ? 8   SER A O   1 
ATOM   67  C CB  . SER A 1 9  ? 5.021   6.768   -10.594 1.00 14.41 ? 8   SER A CB  1 
ATOM   68  O OG  . SER A 1 9  ? 6.438   6.568   -10.600 1.00 25.71 ? 8   SER A OG  1 
ATOM   69  N N   . TYR A 1 10 ? 2.810   4.725   -8.819  1.00 12.43 ? 9   TYR A N   1 
ATOM   70  C CA  . TYR A 1 10 ? 1.456   4.141   -9.015  1.00 11.91 ? 9   TYR A CA  1 
ATOM   71  C C   . TYR A 1 10 ? 0.455   4.932   -8.172  1.00 11.77 ? 9   TYR A C   1 
ATOM   72  O O   . TYR A 1 10 ? 0.699   5.111   -6.975  1.00 12.84 ? 9   TYR A O   1 
ATOM   73  C CB  . TYR A 1 10 ? 1.428   2.664   -8.619  1.00 12.99 ? 9   TYR A CB  1 
ATOM   74  C CG  . TYR A 1 10 ? 0.017   2.116   -8.581  1.00 9.84  ? 9   TYR A CG  1 
ATOM   75  C CD1 . TYR A 1 10 ? -0.672  1.933   -9.753  1.00 11.30 ? 9   TYR A CD1 1 
ATOM   76  C CD2 . TYR A 1 10 ? -0.599  1.755   -7.382  1.00 13.78 ? 9   TYR A CD2 1 
ATOM   77  C CE1 . TYR A 1 10 ? -1.895  1.223   -9.803  1.00 12.06 ? 9   TYR A CE1 1 
ATOM   78  C CE2 . TYR A 1 10 ? -1.907  1.200   -7.404  1.00 12.25 ? 9   TYR A CE2 1 
ATOM   79  C CZ  . TYR A 1 10 ? -2.540  0.959   -8.590  1.00 12.16 ? 9   TYR A CZ  1 
ATOM   80  O OH  . TYR A 1 10 ? -3.820  0.404   -8.600  1.00 14.03 ? 9   TYR A OH  1 
ATOM   81  N N   . ARG A 1 11 ? -0.642  5.310   -8.829  1.00 14.86 ? 10  ARG A N   1 
ATOM   82  C CA  . ARG A 1 11 ? -1.666  6.126   -8.121  1.00 16.31 ? 10  ARG A CA  1 
ATOM   83  C C   . ARG A 1 11 ? -3.063  5.642   -8.496  1.00 17.88 ? 10  ARG A C   1 
ATOM   84  O O   . ARG A 1 11 ? -3.978  6.451   -8.766  1.00 16.86 ? 10  ARG A O   1 
ATOM   85  C CB  . ARG A 1 11 ? -1.492  7.592   -8.426  1.00 15.92 ? 10  ARG A CB  1 
ATOM   86  C CG  . ARG A 1 11 ? -0.265  8.298   -7.879  1.00 16.98 ? 10  ARG A CG  1 
ATOM   87  C CD  . ARG A 1 11 ? -0.208  8.295   -6.349  1.00 18.82 ? 10  ARG A CD  1 
ATOM   88  N NE  . ARG A 1 11 ? 0.933   9.119   -5.905  1.00 15.31 ? 10  ARG A NE  1 
ATOM   89  C CZ  . ARG A 1 11 ? 2.133   8.511   -5.841  1.00 15.60 ? 10  ARG A CZ  1 
ATOM   90  N NH1 . ARG A 1 11 ? 2.291   7.233   -6.148  1.00 15.38 ? 10  ARG A NH1 1 
ATOM   91  N NH2 . ARG A 1 11 ? 3.113   9.181   -5.340  1.00 16.76 ? 10  ARG A NH2 1 
ATOM   92  N N   . GLY A 1 12 ? -3.118  4.307   -8.586  1.00 17.61 ? 11  GLY A N   1 
ATOM   93  C CA  . GLY A 1 12 ? -4.333  3.571   -8.900  1.00 14.69 ? 11  GLY A CA  1 
ATOM   94  C C   . GLY A 1 12 ? -5.152  3.367   -7.618  1.00 13.71 ? 11  GLY A C   1 
ATOM   95  O O   . GLY A 1 12 ? -4.774  3.643   -6.491  1.00 12.98 ? 11  GLY A O   1 
ATOM   96  N N   . THR A 1 13 ? -6.351  2.840   -7.856  1.00 14.15 ? 12  THR A N   1 
ATOM   97  C CA  . THR A 1 13 ? -7.309  2.576   -6.777  1.00 14.00 ? 12  THR A CA  1 
ATOM   98  C C   . THR A 1 13 ? -7.409  1.140   -6.317  1.00 14.24 ? 12  THR A C   1 
ATOM   99  O O   . THR A 1 13 ? -8.334  0.857   -5.527  1.00 12.54 ? 12  THR A O   1 
ATOM   100 C CB  . THR A 1 13 ? -8.733  3.142   -7.161  1.00 11.06 ? 12  THR A CB  1 
ATOM   101 O OG1 . THR A 1 13 ? -9.028  2.703   -8.528  1.00 17.12 ? 12  THR A OG1 1 
ATOM   102 C CG2 . THR A 1 13 ? -8.694  4.654   -7.012  1.00 15.91 ? 12  THR A CG2 1 
ATOM   103 N N   . PHE A 1 14 ? -6.432  0.303   -6.625  1.00 12.68 ? 13  PHE A N   1 
ATOM   104 C CA  . PHE A 1 14 ? -6.387  -1.073  -6.148  1.00 13.46 ? 13  PHE A CA  1 
ATOM   105 C C   . PHE A 1 14 ? -6.037  -1.052  -4.665  1.00 12.83 ? 13  PHE A C   1 
ATOM   106 O O   . PHE A 1 14 ? -5.255  -0.147  -4.296  1.00 12.87 ? 13  PHE A O   1 
ATOM   107 C CB  . PHE A 1 14 ? -5.341  -1.899  -6.939  1.00 13.36 ? 13  PHE A CB  1 
ATOM   108 C CG  . PHE A 1 14 ? -5.766  -3.339  -7.055  1.00 10.70 ? 13  PHE A CG  1 
ATOM   109 C CD1 . PHE A 1 14 ? -6.797  -3.647  -7.901  1.00 10.32 ? 13  PHE A CD1 1 
ATOM   110 C CD2 . PHE A 1 14 ? -5.124  -4.318  -6.302  1.00 7.88  ? 13  PHE A CD2 1 
ATOM   111 C CE1 . PHE A 1 14 ? -7.328  -4.947  -7.925  1.00 11.56 ? 13  PHE A CE1 1 
ATOM   112 C CE2 . PHE A 1 14 ? -5.577  -5.655  -6.404  1.00 14.98 ? 13  PHE A CE2 1 
ATOM   113 C CZ  . PHE A 1 14 ? -6.692  -5.959  -7.227  1.00 13.55 ? 13  PHE A CZ  1 
ATOM   114 N N   . SER A 1 15 ? -6.692  -1.906  -3.907  1.00 10.58 ? 14  SER A N   1 
ATOM   115 C CA  . SER A 1 15 ? -6.503  -2.035  -2.497  1.00 10.89 ? 14  SER A CA  1 
ATOM   116 C C   . SER A 1 15 ? -6.530  -3.472  -2.012  1.00 11.76 ? 14  SER A C   1 
ATOM   117 O O   . SER A 1 15 ? -6.887  -3.754  -0.844  1.00 13.67 ? 14  SER A O   1 
ATOM   118 C CB  . SER A 1 15 ? -7.531  -1.215  -1.698  1.00 11.51 ? 14  SER A CB  1 
ATOM   119 O OG  . SER A 1 15 ? -8.866  -1.377  -2.160  1.00 9.69  ? 14  SER A OG  1 
ATOM   120 N N   . THR A 1 16 ? -6.064  -4.388  -2.817  1.00 11.94 ? 15  THR A N   1 
ATOM   121 C CA  . THR A 1 16 ? -6.078  -5.812  -2.431  1.00 11.43 ? 15  THR A CA  1 
ATOM   122 C C   . THR A 1 16 ? -4.697  -6.446  -2.551  1.00 12.20 ? 15  THR A C   1 
ATOM   123 O O   . THR A 1 16 ? -3.914  -6.222  -3.487  1.00 16.15 ? 15  THR A O   1 
ATOM   124 C CB  . THR A 1 16 ? -7.080  -6.612  -3.280  1.00 8.88  ? 15  THR A CB  1 
ATOM   125 O OG1 . THR A 1 16 ? -8.326  -5.879  -3.080  1.00 18.20 ? 15  THR A OG1 1 
ATOM   126 C CG2 . THR A 1 16 ? -7.178  -8.104  -2.935  1.00 9.86  ? 15  THR A CG2 1 
ATOM   127 N N   . THR A 1 17 ? -4.454  -7.233  -1.556  1.00 9.46  ? 16  THR A N   1 
ATOM   128 C CA  . THR A 1 17 ? -3.173  -7.942  -1.369  1.00 10.60 ? 16  THR A CA  1 
ATOM   129 C C   . THR A 1 17 ? -3.124  -9.140  -2.285  1.00 11.99 ? 16  THR A C   1 
ATOM   130 O O   . THR A 1 17 ? -4.142  -9.638  -2.839  1.00 11.61 ? 16  THR A O   1 
ATOM   131 C CB  . THR A 1 17 ? -3.183  -8.216  0.175   1.00 10.74 ? 16  THR A CB  1 
ATOM   132 O OG1 . THR A 1 17 ? -2.290  -7.291  0.868   1.00 17.26 ? 16  THR A OG1 1 
ATOM   133 C CG2 . THR A 1 17 ? -3.012  -9.646  0.621   1.00 11.09 ? 16  THR A CG2 1 
ATOM   134 N N   . VAL A 1 18 ? -1.902  -9.644  -2.468  1.00 11.86 ? 17  VAL A N   1 
ATOM   135 C CA  . VAL A 1 18 ? -1.669  -10.789 -3.363  1.00 14.57 ? 17  VAL A CA  1 
ATOM   136 C C   . VAL A 1 18 ? -2.437  -12.046 -2.915  1.00 12.74 ? 17  VAL A C   1 
ATOM   137 O O   . VAL A 1 18 ? -2.885  -12.816 -3.793  1.00 16.69 ? 17  VAL A O   1 
ATOM   138 C CB  . VAL A 1 18 ? -0.141  -11.101 -3.554  1.00 11.83 ? 17  VAL A CB  1 
ATOM   139 C CG1 . VAL A 1 18 ? 0.544   -11.622 -2.326  1.00 16.17 ? 17  VAL A CG1 1 
ATOM   140 C CG2 . VAL A 1 18 ? -0.004  -12.127 -4.687  1.00 16.57 ? 17  VAL A CG2 1 
ATOM   141 N N   . THR A 1 19 ? -2.537  -12.202 -1.662  1.00 12.75 ? 18  THR A N   1 
ATOM   142 C CA  . THR A 1 19 ? -3.186  -13.240 -0.846  1.00 15.22 ? 18  THR A CA  1 
ATOM   143 C C   . THR A 1 19 ? -4.695  -13.103 -0.802  1.00 15.37 ? 18  THR A C   1 
ATOM   144 O O   . THR A 1 19 ? -5.525  -14.042 -0.488  1.00 16.43 ? 18  THR A O   1 
ATOM   145 C CB  . THR A 1 19 ? -2.525  -13.132 0.595   1.00 13.11 ? 18  THR A CB  1 
ATOM   146 O OG1 . THR A 1 19 ? -2.624  -14.460 1.211   1.00 27.82 ? 18  THR A OG1 1 
ATOM   147 C CG2 . THR A 1 19 ? -3.046  -12.079 1.512   1.00 14.49 ? 18  THR A CG2 1 
ATOM   148 N N   . GLY A 1 20 ? -5.145  -11.953 -1.203  1.00 13.94 ? 19  GLY A N   1 
ATOM   149 C CA  . GLY A 1 20 ? -6.477  -11.459 -1.279  1.00 13.39 ? 19  GLY A CA  1 
ATOM   150 C C   . GLY A 1 20 ? -6.870  -10.695 -0.016  1.00 10.64 ? 19  GLY A C   1 
ATOM   151 O O   . GLY A 1 20 ? -8.123  -10.648 0.245   1.00 11.73 ? 19  GLY A O   1 
ATOM   152 N N   . ARG A 1 21 ? -5.940  -10.332 0.810   1.00 8.89  ? 20  ARG A N   1 
ATOM   153 C CA  . ARG A 1 21 ? -6.253  -9.493  2.018   1.00 11.70 ? 20  ARG A CA  1 
ATOM   154 C C   . ARG A 1 21 ? -6.671  -8.055  1.660   1.00 12.95 ? 20  ARG A C   1 
ATOM   155 O O   . ARG A 1 21 ? -6.521  -7.507  0.561   1.00 13.65 ? 20  ARG A O   1 
ATOM   156 C CB  . ARG A 1 21 ? -5.112  -9.462  2.962   1.00 11.78 ? 20  ARG A CB  1 
ATOM   157 C CG  . ARG A 1 21 ? -5.177  -9.531  4.437   1.00 17.66 ? 20  ARG A CG  1 
ATOM   158 C CD  . ARG A 1 21 ? -4.074  -10.418 4.969   1.00 20.42 ? 20  ARG A CD  1 
ATOM   159 N NE  . ARG A 1 21 ? -4.226  -11.725 4.327   1.00 22.66 ? 20  ARG A NE  1 
ATOM   160 C CZ  . ARG A 1 21 ? -3.369  -12.715 4.624   1.00 25.67 ? 20  ARG A CZ  1 
ATOM   161 N NH1 . ARG A 1 21 ? -2.441  -12.577 5.560   1.00 27.51 ? 20  ARG A NH1 1 
ATOM   162 N NH2 . ARG A 1 21 ? -3.141  -13.646 3.667   1.00 26.58 ? 20  ARG A NH2 1 
ATOM   163 N N   . THR A 1 22 ? -7.247  -7.307  2.626   1.00 12.46 ? 21  THR A N   1 
ATOM   164 C CA  . THR A 1 22 ? -7.652  -5.928  2.254   1.00 12.32 ? 21  THR A CA  1 
ATOM   165 C C   . THR A 1 22 ? -6.597  -4.994  2.885   1.00 12.33 ? 21  THR A C   1 
ATOM   166 O O   . THR A 1 22 ? -6.074  -5.410  3.896   1.00 12.50 ? 21  THR A O   1 
ATOM   167 C CB  . THR A 1 22 ? -9.093  -5.485  2.678   1.00 14.86 ? 21  THR A CB  1 
ATOM   168 O OG1 . THR A 1 22 ? -10.040 -6.315  1.947   1.00 11.04 ? 21  THR A OG1 1 
ATOM   169 C CG2 . THR A 1 22 ? -9.385  -3.993  2.282   1.00 13.47 ? 21  THR A CG2 1 
ATOM   170 N N   . CYS A 1 23 ? -6.294  -3.900  2.206   1.00 12.68 ? 22  CYS A N   1 
ATOM   171 C CA  . CYS A 1 23 ? -5.251  -2.968  2.677   1.00 11.81 ? 22  CYS A CA  1 
ATOM   172 C C   . CYS A 1 23 ? -5.810  -2.158  3.828   1.00 12.22 ? 22  CYS A C   1 
ATOM   173 O O   . CYS A 1 23 ? -7.024  -1.878  3.932   1.00 13.30 ? 22  CYS A O   1 
ATOM   174 C CB  . CYS A 1 23 ? -4.830  -2.051  1.511   1.00 12.16 ? 22  CYS A CB  1 
ATOM   175 S SG  . CYS A 1 23 ? -3.938  -2.810  0.123   1.00 11.11 ? 22  CYS A SG  1 
ATOM   176 N N   . GLN A 1 24 ? -4.916  -1.889  4.765   1.00 12.59 ? 23  GLN A N   1 
ATOM   177 C CA  . GLN A 1 24 ? -5.341  -0.988  5.886   1.00 12.88 ? 23  GLN A CA  1 
ATOM   178 C C   . GLN A 1 24 ? -5.120  0.410   5.310   1.00 11.32 ? 23  GLN A C   1 
ATOM   179 O O   . GLN A 1 24 ? -4.214  0.622   4.466   1.00 11.24 ? 23  GLN A O   1 
ATOM   180 C CB  . GLN A 1 24 ? -4.635  -1.274  7.179   1.00 12.14 ? 23  GLN A CB  1 
ATOM   181 C CG  . GLN A 1 24 ? -4.573  -0.194  8.267   1.00 9.76  ? 23  GLN A CG  1 
ATOM   182 C CD  . GLN A 1 24 ? -3.513  -0.575  9.265   1.00 11.56 ? 23  GLN A CD  1 
ATOM   183 O OE1 . GLN A 1 24 ? -3.270  -1.762  9.556   1.00 13.66 ? 23  GLN A OE1 1 
ATOM   184 N NE2 . GLN A 1 24 ? -2.794  0.427   9.765   1.00 11.55 ? 23  GLN A NE2 1 
ATOM   185 N N   . SER A 1 25 ? -5.940  1.360   5.736   1.00 10.39 ? 24  SER A N   1 
ATOM   186 C CA  . SER A 1 25 ? -5.778  2.770   5.363   1.00 7.86  ? 24  SER A CA  1 
ATOM   187 C C   . SER A 1 25 ? -4.506  3.325   6.002   1.00 7.07  ? 24  SER A C   1 
ATOM   188 O O   . SER A 1 25 ? -4.137  3.052   7.143   1.00 7.97  ? 24  SER A O   1 
ATOM   189 C CB  . SER A 1 25 ? -6.987  3.515   5.933   1.00 12.08 ? 24  SER A CB  1 
ATOM   190 O OG  . SER A 1 25 ? -7.988  3.238   5.008   1.00 13.57 ? 24  SER A OG  1 
ATOM   191 N N   . TRP A 1 26 ? -3.755  4.080   5.145   1.00 7.79  ? 25  TRP A N   1 
ATOM   192 C CA  . TRP A 1 26 ? -2.477  4.662   5.677   1.00 8.67  ? 25  TRP A CA  1 
ATOM   193 C C   . TRP A 1 26 ? -2.633  5.570   6.873   1.00 10.34 ? 25  TRP A C   1 
ATOM   194 O O   . TRP A 1 26 ? -1.764  5.642   7.734   1.00 11.77 ? 25  TRP A O   1 
ATOM   195 C CB  . TRP A 1 26 ? -1.953  5.464   4.471   1.00 10.62 ? 25  TRP A CB  1 
ATOM   196 C CG  . TRP A 1 26 ? -1.708  4.573   3.302   1.00 7.83  ? 25  TRP A CG  1 
ATOM   197 C CD1 . TRP A 1 26 ? -2.502  4.439   2.219   1.00 8.85  ? 25  TRP A CD1 1 
ATOM   198 C CD2 . TRP A 1 26 ? -0.570  3.702   3.145   1.00 10.53 ? 25  TRP A CD2 1 
ATOM   199 N NE1 . TRP A 1 26 ? -1.862  3.581   1.323   1.00 13.04 ? 25  TRP A NE1 1 
ATOM   200 C CE2 . TRP A 1 26 ? -0.719  3.101   1.898   1.00 8.79  ? 25  TRP A CE2 1 
ATOM   201 C CE3 . TRP A 1 26 ? 0.509   3.358   3.966   1.00 10.25 ? 25  TRP A CE3 1 
ATOM   202 C CZ2 . TRP A 1 26 ? 0.149   2.119   1.441   1.00 10.58 ? 25  TRP A CZ2 1 
ATOM   203 C CZ3 . TRP A 1 26 ? 1.422   2.410   3.455   1.00 13.07 ? 25  TRP A CZ3 1 
ATOM   204 C CH2 . TRP A 1 26 ? 1.207   1.753   2.241   1.00 6.57  ? 25  TRP A CH2 1 
ATOM   205 N N   . SER A 1 27 ? -3.757  6.343   6.922   1.00 9.83  ? 26  SER A N   1 
ATOM   206 C CA  . SER A 1 27 ? -4.053  7.199   8.075   1.00 12.71 ? 26  SER A CA  1 
ATOM   207 C C   . SER A 1 27 ? -4.423  6.396   9.301   1.00 13.73 ? 26  SER A C   1 
ATOM   208 O O   . SER A 1 27 ? -4.245  6.925   10.432  1.00 13.14 ? 26  SER A O   1 
ATOM   209 C CB  . SER A 1 27 ? -5.097  8.279   7.776   1.00 12.46 ? 26  SER A CB  1 
ATOM   210 O OG  . SER A 1 27 ? -6.296  7.679   7.393   1.00 13.31 ? 26  SER A OG  1 
ATOM   211 N N   . SER A 1 28 ? -4.832  5.126   9.111   1.00 15.00 ? 27  SER A N   1 
ATOM   212 C CA  . SER A 1 28 ? -5.137  4.245   10.240  1.00 13.94 ? 27  SER A CA  1 
ATOM   213 C C   . SER A 1 28 ? -3.919  3.579   10.893  1.00 16.12 ? 27  SER A C   1 
ATOM   214 O O   . SER A 1 28 ? -2.960  3.061   10.297  1.00 16.89 ? 27  SER A O   1 
ATOM   215 C CB  . SER A 1 28 ? -6.111  3.114   9.868   1.00 12.96 ? 27  SER A CB  1 
ATOM   216 O OG  . SER A 1 28 ? -6.658  2.529   11.037  1.00 11.70 ? 27  SER A OG  1 
ATOM   217 N N   . MET A 1 29 ? -4.015  3.554   12.234  1.00 16.09 ? 28  MET A N   1 
ATOM   218 C CA  . MET A 1 29 ? -3.104  2.968   13.186  1.00 15.42 ? 28  MET A CA  1 
ATOM   219 C C   . MET A 1 29 ? -3.632  1.578   13.560  1.00 14.51 ? 28  MET A C   1 
ATOM   220 O O   . MET A 1 29 ? -3.031  0.942   14.417  1.00 16.55 ? 28  MET A O   1 
ATOM   221 C CB  . MET A 1 29 ? -2.860  3.795   14.467  1.00 15.74 ? 28  MET A CB  1 
ATOM   222 C CG  . MET A 1 29 ? -2.038  5.029   14.222  1.00 15.59 ? 28  MET A CG  1 
ATOM   223 S SD  . MET A 1 29 ? -0.380  4.644   13.518  1.00 12.99 ? 28  MET A SD  1 
ATOM   224 C CE  . MET A 1 29 ? -0.536  5.097   11.841  1.00 7.82  ? 28  MET A CE  1 
ATOM   225 N N   . THR A 1 30 ? -4.726  1.158   13.011  1.00 14.02 ? 29  THR A N   1 
ATOM   226 C CA  . THR A 1 30 ? -5.300  -0.186  13.285  1.00 17.13 ? 29  THR A CA  1 
ATOM   227 C C   . THR A 1 30 ? -5.617  -1.039  12.067  1.00 15.11 ? 29  THR A C   1 
ATOM   228 O O   . THR A 1 30 ? -6.214  -0.663  11.045  1.00 16.35 ? 29  THR A O   1 
ATOM   229 C CB  . THR A 1 30 ? -6.609  -0.110  14.195  1.00 18.32 ? 29  THR A CB  1 
ATOM   230 O OG1 . THR A 1 30 ? -6.601  1.162   14.881  1.00 19.11 ? 29  THR A OG1 1 
ATOM   231 C CG2 . THR A 1 30 ? -6.669  -1.314  15.143  1.00 18.53 ? 29  THR A CG2 1 
ATOM   232 N N   . PRO A 1 31 ? -5.304  -2.339  12.128  1.00 16.07 ? 30  PRO A N   1 
ATOM   233 C CA  . PRO A 1 31 ? -4.740  -3.061  13.219  1.00 14.62 ? 30  PRO A CA  1 
ATOM   234 C C   . PRO A 1 31 ? -3.253  -2.879  13.430  1.00 15.13 ? 30  PRO A C   1 
ATOM   235 O O   . PRO A 1 31 ? -2.807  -3.219  14.536  1.00 16.11 ? 30  PRO A O   1 
ATOM   236 C CB  . PRO A 1 31 ? -5.034  -4.546  12.890  1.00 16.77 ? 30  PRO A CB  1 
ATOM   237 C CG  . PRO A 1 31 ? -5.302  -4.620  11.419  1.00 16.69 ? 30  PRO A CG  1 
ATOM   238 C CD  . PRO A 1 31 ? -5.686  -3.204  10.989  1.00 16.23 ? 30  PRO A CD  1 
ATOM   239 N N   . HIS A 1 32 ? -2.573  -2.397  12.363  1.00 12.99 ? 31  HIS A N   1 
ATOM   240 C CA  . HIS A 1 32 ? -1.134  -2.227  12.540  1.00 12.89 ? 31  HIS A CA  1 
ATOM   241 C C   . HIS A 1 32 ? -0.826  -0.759  12.718  1.00 12.12 ? 31  HIS A C   1 
ATOM   242 O O   . HIS A 1 32 ? -1.190  0.088   11.857  1.00 13.30 ? 31  HIS A O   1 
ATOM   243 C CB  . HIS A 1 32 ? -0.334  -2.881  11.347  1.00 14.34 ? 31  HIS A CB  1 
ATOM   244 C CG  . HIS A 1 32 ? -0.818  -4.276  11.018  1.00 16.10 ? 31  HIS A CG  1 
ATOM   245 N ND1 . HIS A 1 32 ? -1.630  -4.608  9.940   1.00 16.74 ? 31  HIS A ND1 1 
ATOM   246 C CD2 . HIS A 1 32 ? -0.490  -5.460  11.610  1.00 15.93 ? 31  HIS A CD2 1 
ATOM   247 C CE1 . HIS A 1 32 ? -1.807  -5.919  9.880   1.00 15.85 ? 31  HIS A CE1 1 
ATOM   248 N NE2 . HIS A 1 32 ? -1.167  -6.450  10.908  1.00 16.95 ? 31  HIS A NE2 1 
ATOM   249 N N   . ARG A 1 33 ? -0.006  -0.460  13.701  1.00 12.12 ? 32  ARG A N   1 
ATOM   250 C CA  . ARG A 1 33 ? 0.539   0.895   14.013  1.00 13.10 ? 32  ARG A CA  1 
ATOM   251 C C   . ARG A 1 33 ? 1.885   1.053   13.181  1.00 14.47 ? 32  ARG A C   1 
ATOM   252 O O   . ARG A 1 33 ? 2.696   0.117   13.138  1.00 11.63 ? 32  ARG A O   1 
ATOM   253 C CB  . ARG A 1 33 ? 0.731   1.131   15.437  1.00 12.65 ? 32  ARG A CB  1 
ATOM   254 C CG  A ARG A 1 33 ? 1.638   2.134   16.108  0.60 11.33 ? 32  ARG A CG  1 
ATOM   255 C CG  B ARG A 1 33 ? -0.128  1.845   16.419  0.40 12.88 ? 32  ARG A CG  1 
ATOM   256 C CD  A ARG A 1 33 ? 1.979   1.680   17.462  0.60 12.87 ? 32  ARG A CD  1 
ATOM   257 C CD  B ARG A 1 33 ? -0.731  0.878   17.400  0.40 11.60 ? 32  ARG A CD  1 
ATOM   258 N NE  A ARG A 1 33 ? 3.250   1.942   18.095  0.60 10.27 ? 32  ARG A NE  1 
ATOM   259 N NE  B ARG A 1 33 ? -1.891  0.242   16.738  0.40 15.38 ? 32  ARG A NE  1 
ATOM   260 C CZ  A ARG A 1 33 ? 3.927   1.048   18.816  0.60 10.03 ? 32  ARG A CZ  1 
ATOM   261 C CZ  B ARG A 1 33 ? -2.616  -0.694  17.337  0.40 16.64 ? 32  ARG A CZ  1 
ATOM   262 N NH1 A ARG A 1 33 ? 3.549   -0.232  18.927  0.60 12.30 ? 32  ARG A NH1 1 
ATOM   263 N NH1 B ARG A 1 33 ? -2.053  -1.528  18.226  0.40 19.90 ? 32  ARG A NH1 1 
ATOM   264 N NH2 A ARG A 1 33 ? 4.966   1.359   19.584  0.60 13.17 ? 32  ARG A NH2 1 
ATOM   265 N NH2 B ARG A 1 33 ? -3.909  -0.894  17.032  0.40 19.88 ? 32  ARG A NH2 1 
ATOM   266 N N   . HIS A 1 34 ? 2.020   2.247   12.641  1.00 15.52 ? 33  HIS A N   1 
ATOM   267 C CA  . HIS A 1 34 ? 3.137   2.586   11.715  1.00 15.23 ? 33  HIS A CA  1 
ATOM   268 C C   . HIS A 1 34 ? 3.323   4.069   11.516  1.00 16.48 ? 33  HIS A C   1 
ATOM   269 O O   . HIS A 1 34 ? 2.437   4.895   11.883  1.00 14.96 ? 33  HIS A O   1 
ATOM   270 C CB  . HIS A 1 34 ? 2.868   1.957   10.312  1.00 11.77 ? 33  HIS A CB  1 
ATOM   271 C CG  . HIS A 1 34 ? 1.796   2.684   9.591   1.00 11.21 ? 33  HIS A CG  1 
ATOM   272 N ND1 . HIS A 1 34 ? 0.481   2.348   9.631   1.00 13.73 ? 33  HIS A ND1 1 
ATOM   273 C CD2 . HIS A 1 34 ? 1.897   3.661   8.679   1.00 7.39  ? 33  HIS A CD2 1 
ATOM   274 C CE1 . HIS A 1 34 ? -0.197  3.160   8.818   1.00 12.09 ? 33  HIS A CE1 1 
ATOM   275 N NE2 . HIS A 1 34 ? 0.659   4.017   8.256   1.00 12.64 ? 33  HIS A NE2 1 
ATOM   276 N N   . GLN A 1 35 ? 4.390   4.373   10.773  1.00 16.79 ? 34  GLN A N   1 
ATOM   277 C CA  . GLN A 1 35 ? 4.734   5.811   10.505  1.00 17.59 ? 34  GLN A CA  1 
ATOM   278 C C   . GLN A 1 35 ? 4.646   6.206   9.059   1.00 16.34 ? 34  GLN A C   1 
ATOM   279 O O   . GLN A 1 35 ? 5.110   7.296   8.650   1.00 17.47 ? 34  GLN A O   1 
ATOM   280 C CB  . GLN A 1 35 ? 6.111   6.190   11.097  1.00 19.96 ? 34  GLN A CB  1 
ATOM   281 C CG  . GLN A 1 35 ? 6.134   6.637   12.529  1.00 24.40 ? 34  GLN A CG  1 
ATOM   282 C CD  . GLN A 1 35 ? 5.018   7.506   13.027  1.00 30.35 ? 34  GLN A CD  1 
ATOM   283 O OE1 . GLN A 1 35 ? 5.196   8.700   13.369  1.00 32.45 ? 34  GLN A OE1 1 
ATOM   284 N NE2 . GLN A 1 35 ? 3.789   6.990   13.216  1.00 30.35 ? 34  GLN A NE2 1 
ATOM   285 N N   . ARG A 1 36 ? 4.031   5.398   8.196   1.00 17.63 ? 35  ARG A N   1 
ATOM   286 C CA  . ARG A 1 36 ? 3.930   5.800   6.788   1.00 16.71 ? 35  ARG A CA  1 
ATOM   287 C C   . ARG A 1 36 ? 2.526   6.418   6.612   1.00 14.69 ? 35  ARG A C   1 
ATOM   288 O O   . ARG A 1 36 ? 1.719   5.779   5.919   1.00 14.12 ? 35  ARG A O   1 
ATOM   289 C CB  . ARG A 1 36 ? 4.171   4.731   5.710   1.00 15.83 ? 35  ARG A CB  1 
ATOM   290 C CG  . ARG A 1 36 ? 5.178   3.717   6.128   1.00 17.91 ? 35  ARG A CG  1 
ATOM   291 C CD  . ARG A 1 36 ? 6.481   4.256   6.523   1.00 21.51 ? 35  ARG A CD  1 
ATOM   292 N NE  . ARG A 1 36 ? 7.430   3.234   6.968   1.00 22.43 ? 35  ARG A NE  1 
ATOM   293 C CZ  . ARG A 1 36 ? 7.827   2.231   6.165   1.00 24.77 ? 35  ARG A CZ  1 
ATOM   294 N NH1 . ARG A 1 36 ? 7.388   2.038   4.926   1.00 23.48 ? 35  ARG A NH1 1 
ATOM   295 N NH2 . ARG A 1 36 ? 8.773   1.403   6.624   1.00 24.05 ? 35  ARG A NH2 1 
ATOM   296 N N   . THR A 1 37 ? 2.421   7.591   7.246   1.00 13.60 ? 37  THR A N   1 
ATOM   297 C CA  . THR A 1 37 ? 1.114   8.302   7.149   1.00 13.07 ? 37  THR A CA  1 
ATOM   298 C C   . THR A 1 37 ? 1.144   9.386   6.091   1.00 11.02 ? 37  THR A C   1 
ATOM   299 O O   . THR A 1 37 ? 2.206   10.052  5.865   1.00 9.82  ? 37  THR A O   1 
ATOM   300 C CB  . THR A 1 37 ? 0.695   8.749   8.596   1.00 9.57  ? 37  THR A CB  1 
ATOM   301 O OG1 . THR A 1 37 ? 1.767   9.469   9.225   1.00 14.82 ? 37  THR A OG1 1 
ATOM   302 C CG2 . THR A 1 37 ? 0.343   7.600   9.569   1.00 12.98 ? 37  THR A CG2 1 
ATOM   303 N N   . PRO A 1 38 ? 0.001   9.721   5.509   1.00 10.62 ? 38  PRO A N   1 
ATOM   304 C CA  . PRO A 1 38 ? -0.089  10.838  4.606   1.00 11.07 ? 38  PRO A CA  1 
ATOM   305 C C   . PRO A 1 38 ? 0.487   12.064  5.339   1.00 12.47 ? 38  PRO A C   1 
ATOM   306 O O   . PRO A 1 38 ? 1.021   12.970  4.650   1.00 16.05 ? 38  PRO A O   1 
ATOM   307 C CB  . PRO A 1 38 ? -1.533  11.036  4.246   1.00 9.59  ? 38  PRO A CB  1 
ATOM   308 C CG  . PRO A 1 38 ? -2.276  10.200  5.216   1.00 10.26 ? 38  PRO A CG  1 
ATOM   309 C CD  . PRO A 1 38 ? -1.351  9.130   5.731   1.00 9.12  ? 38  PRO A CD  1 
ATOM   310 N N   . GLU A 1 39 ? 0.415   11.978  6.660   1.00 13.81 ? 39  GLU A N   1 
ATOM   311 C CA  . GLU A 1 39 ? 0.925   13.073  7.508   1.00 14.52 ? 39  GLU A CA  1 
ATOM   312 C C   . GLU A 1 39 ? 2.433   13.214  7.367   1.00 14.56 ? 39  GLU A C   1 
ATOM   313 O O   . GLU A 1 39 ? 2.994   14.316  7.294   1.00 13.30 ? 39  GLU A O   1 
ATOM   314 C CB  . GLU A 1 39 ? 0.475   12.880  8.954   1.00 16.99 ? 39  GLU A CB  1 
ATOM   315 C CG  . GLU A 1 39 ? -1.041  12.980  9.129   1.00 25.68 ? 39  GLU A CG  1 
ATOM   316 C CD  . GLU A 1 39 ? -1.889  11.850  9.536   1.00 29.60 ? 39  GLU A CD  1 
ATOM   317 O OE1 . GLU A 1 39 ? -1.693  10.657  9.324   1.00 34.98 ? 39  GLU A OE1 1 
ATOM   318 O OE2 . GLU A 1 39 ? -3.017  12.236  10.051  1.00 35.97 ? 39  GLU A OE2 1 
ATOM   319 N N   . ASN A 1 40 ? 3.132   12.086  7.340   1.00 13.93 ? 40  ASN A N   1 
ATOM   320 C CA  . ASN A 1 40 ? 4.600   12.128  7.278   1.00 14.88 ? 40  ASN A CA  1 
ATOM   321 C C   . ASN A 1 40 ? 5.132   12.092  5.846   1.00 15.10 ? 40  ASN A C   1 
ATOM   322 O O   . ASN A 1 40 ? 6.274   12.456  5.624   1.00 14.05 ? 40  ASN A O   1 
ATOM   323 C CB  . ASN A 1 40 ? 5.222   11.071  8.153   1.00 17.07 ? 40  ASN A CB  1 
ATOM   324 C CG  . ASN A 1 40 ? 4.838   11.000  9.601   1.00 17.60 ? 40  ASN A CG  1 
ATOM   325 O OD1 . ASN A 1 40 ? 4.816   12.029  10.287  1.00 14.07 ? 40  ASN A OD1 1 
ATOM   326 N ND2 . ASN A 1 40 ? 4.746   9.734   10.073  1.00 14.87 ? 40  ASN A ND2 1 
ATOM   327 N N   . TYR A 1 41 ? 4.372   11.630  4.903   1.00 15.89 ? 41  TYR A N   1 
ATOM   328 C CA  . TYR A 1 41 ? 4.677   11.491  3.476   1.00 13.56 ? 41  TYR A CA  1 
ATOM   329 C C   . TYR A 1 41 ? 3.536   12.096  2.664   1.00 13.83 ? 41  TYR A C   1 
ATOM   330 O O   . TYR A 1 41 ? 2.827   11.352  2.010   1.00 13.20 ? 41  TYR A O   1 
ATOM   331 C CB  . TYR A 1 41 ? 4.768   10.025  3.104   1.00 12.87 ? 41  TYR A CB  1 
ATOM   332 C CG  . TYR A 1 41 ? 5.762   9.200   3.840   1.00 14.34 ? 41  TYR A CG  1 
ATOM   333 C CD1 . TYR A 1 41 ? 5.559   8.672   5.098   1.00 14.06 ? 41  TYR A CD1 1 
ATOM   334 C CD2 . TYR A 1 41 ? 6.989   8.976   3.192   1.00 20.40 ? 41  TYR A CD2 1 
ATOM   335 C CE1 . TYR A 1 41 ? 6.533   7.951   5.766   1.00 21.49 ? 41  TYR A CE1 1 
ATOM   336 C CE2 . TYR A 1 41 ? 7.986   8.223   3.828   1.00 22.34 ? 41  TYR A CE2 1 
ATOM   337 C CZ  . TYR A 1 41 ? 7.746   7.746   5.110   1.00 22.29 ? 41  TYR A CZ  1 
ATOM   338 O OH  . TYR A 1 41 ? 8.784   7.046   5.675   1.00 29.15 ? 41  TYR A OH  1 
ATOM   339 N N   . PRO A 1 42 ? 3.406   13.412  2.783   1.00 15.19 ? 42  PRO A N   1 
ATOM   340 C CA  . PRO A 1 42 ? 2.317   14.149  2.148   1.00 14.59 ? 42  PRO A CA  1 
ATOM   341 C C   . PRO A 1 42 ? 2.334   14.107  0.654   1.00 13.59 ? 42  PRO A C   1 
ATOM   342 O O   . PRO A 1 42 ? 1.369   14.433  0.040   1.00 10.57 ? 42  PRO A O   1 
ATOM   343 C CB  . PRO A 1 42 ? 2.455   15.600  2.659   1.00 15.80 ? 42  PRO A CB  1 
ATOM   344 C CG  . PRO A 1 42 ? 3.365   15.486  3.861   1.00 17.38 ? 42  PRO A CG  1 
ATOM   345 C CD  . PRO A 1 42 ? 4.264   14.268  3.616   1.00 15.25 ? 42  PRO A CD  1 
ATOM   346 N N   . ASN A 1 43 ? 3.443   13.568  0.083   1.00 15.70 ? 43  ASN A N   1 
ATOM   347 C CA  . ASN A 1 43 ? 3.619   13.539  -1.359  1.00 14.86 ? 43  ASN A CA  1 
ATOM   348 C C   . ASN A 1 43 ? 3.733   12.125  -1.897  1.00 15.59 ? 43  ASN A C   1 
ATOM   349 O O   . ASN A 1 43 ? 4.029   11.999  -3.121  1.00 18.18 ? 43  ASN A O   1 
ATOM   350 C CB  . ASN A 1 43 ? 4.781   14.506  -1.713  1.00 18.02 ? 43  ASN A CB  1 
ATOM   351 C CG  . ASN A 1 43 ? 4.968   15.778  -0.907  1.00 20.70 ? 43  ASN A CG  1 
ATOM   352 O OD1 . ASN A 1 43 ? 4.102   16.648  -0.749  1.00 19.49 ? 43  ASN A OD1 1 
ATOM   353 N ND2 . ASN A 1 43 ? 6.194   16.109  -0.449  1.00 21.51 ? 43  ASN A ND2 1 
ATOM   354 N N   . ASP A 1 44 ? 3.244   11.075  -1.203  1.00 15.19 ? 44  ASP A N   1 
ATOM   355 C CA  . ASP A 1 44 ? 3.417   9.700   -1.764  1.00 15.37 ? 44  ASP A CA  1 
ATOM   356 C C   . ASP A 1 44 ? 2.057   9.080   -2.077  1.00 17.01 ? 44  ASP A C   1 
ATOM   357 O O   . ASP A 1 44 ? 1.980   7.849   -2.269  1.00 18.30 ? 44  ASP A O   1 
ATOM   358 C CB  . ASP A 1 44 ? 4.249   8.748   -0.933  1.00 18.89 ? 44  ASP A CB  1 
ATOM   359 C CG  . ASP A 1 44 ? 5.614   9.295   -0.507  1.00 21.75 ? 44  ASP A CG  1 
ATOM   360 O OD1 . ASP A 1 44 ? 6.420   9.436   -1.458  1.00 24.64 ? 44  ASP A OD1 1 
ATOM   361 O OD2 . ASP A 1 44 ? 5.892   9.648   0.641   1.00 23.06 ? 44  ASP A OD2 1 
ATOM   362 N N   . GLY A 1 45 ? 1.069   9.952   -2.070  1.00 16.41 ? 45  GLY A N   1 
ATOM   363 C CA  . GLY A 1 45 ? -0.302  9.556   -2.385  1.00 15.71 ? 45  GLY A CA  1 
ATOM   364 C C   . GLY A 1 45 ? -0.846  8.511   -1.390  1.00 13.24 ? 45  GLY A C   1 
ATOM   365 O O   . GLY A 1 45 ? -1.628  7.684   -1.894  1.00 16.70 ? 45  GLY A O   1 
ATOM   366 N N   . LEU A 1 46 ? -0.608  8.678   -0.116  1.00 12.09 ? 46  LEU A N   1 
ATOM   367 C CA  . LEU A 1 46 ? -1.110  7.764   0.906   1.00 10.36 ? 46  LEU A CA  1 
ATOM   368 C C   . LEU A 1 46 ? -2.631  7.998   1.130   1.00 9.33  ? 46  LEU A C   1 
ATOM   369 O O   . LEU A 1 46 ? -3.030  8.245   2.262   1.00 8.09  ? 46  LEU A O   1 
ATOM   370 C CB  . LEU A 1 46 ? -0.158  7.977   2.055   1.00 13.61 ? 46  LEU A CB  1 
ATOM   371 C CG  . LEU A 1 46 ? 1.061   7.069   2.147   1.00 18.58 ? 46  LEU A CG  1 
ATOM   372 C CD1 . LEU A 1 46 ? 1.494   6.670   0.717   1.00 17.52 ? 46  LEU A CD1 1 
ATOM   373 C CD2 . LEU A 1 46 ? 2.144   7.730   2.967   1.00 15.62 ? 46  LEU A CD2 1 
ATOM   374 N N   . THR A 1 47 ? -3.388  7.980   0.099   1.00 10.83 ? 47  THR A N   1 
ATOM   375 C CA  . THR A 1 47 ? -4.866  8.175   -0.005  1.00 14.84 ? 47  THR A CA  1 
ATOM   376 C C   . THR A 1 47 ? -5.661  6.904   0.292   1.00 16.89 ? 47  THR A C   1 
ATOM   377 O O   . THR A 1 47 ? -5.384  5.879   -0.381  1.00 16.92 ? 47  THR A O   1 
ATOM   378 C CB  . THR A 1 47 ? -5.345  8.733   -1.400  1.00 14.65 ? 47  THR A CB  1 
ATOM   379 O OG1 . THR A 1 47 ? -4.551  9.942   -1.669  1.00 17.54 ? 47  THR A OG1 1 
ATOM   380 C CG2 . THR A 1 47 ? -6.864  9.073   -1.456  1.00 16.19 ? 47  THR A CG2 1 
ATOM   381 N N   . MET A 1 48 ? -6.675  7.022   1.130   1.00 14.53 ? 48  MET A N   1 
ATOM   382 C CA  . MET A 1 48 ? -7.577  5.944   1.598   1.00 13.06 ? 48  MET A CA  1 
ATOM   383 C C   . MET A 1 48 ? -6.744  4.710   1.952   1.00 10.87 ? 48  MET A C   1 
ATOM   384 O O   . MET A 1 48 ? -5.832  4.851   2.784   1.00 10.20 ? 48  MET A O   1 
ATOM   385 C CB  . MET A 1 48 ? -8.790  5.670   0.707   1.00 15.84 ? 48  MET A CB  1 
ATOM   386 C CG  . MET A 1 48 ? -9.961  6.641   0.910   1.00 7.14  ? 48  MET A CG  1 
ATOM   387 S SD  . MET A 1 48 ? -10.891 6.636   -0.658  1.00 16.30 ? 48  MET A SD  1 
ATOM   388 C CE  . MET A 1 48 ? -12.568 7.135   -0.322  1.00 13.54 ? 48  MET A CE  1 
ATOM   389 N N   . ASN A 1 49 ? -6.983  3.578   1.331   1.00 11.06 ? 49  ASN A N   1 
ATOM   390 C CA  . ASN A 1 49 ? -6.172  2.341   1.648   1.00 10.99 ? 49  ASN A CA  1 
ATOM   391 C C   . ASN A 1 49 ? -5.551  1.783   0.359   1.00 10.76 ? 49  ASN A C   1 
ATOM   392 O O   . ASN A 1 49 ? -5.465  0.552   0.236   1.00 10.23 ? 49  ASN A O   1 
ATOM   393 C CB  . ASN A 1 49 ? -7.013  1.239   2.269   1.00 9.28  ? 49  ASN A CB  1 
ATOM   394 C CG  . ASN A 1 49 ? -8.218  0.769   1.471   1.00 5.39  ? 49  ASN A CG  1 
ATOM   395 O OD1 . ASN A 1 49 ? -8.672  -0.430  1.755   1.00 14.13 ? 49  ASN A OD1 1 
ATOM   396 N ND2 . ASN A 1 49 ? -8.765  1.528   0.560   1.00 6.05  ? 49  ASN A ND2 1 
ATOM   397 N N   . TYR A 1 50 ? -5.253  2.723   -0.543  1.00 11.34 ? 50  TYR A N   1 
ATOM   398 C CA  . TYR A 1 50 ? -4.759  2.389   -1.886  1.00 9.83  ? 50  TYR A CA  1 
ATOM   399 C C   . TYR A 1 50 ? -3.376  1.779   -1.766  1.00 8.25  ? 50  TYR A C   1 
ATOM   400 O O   . TYR A 1 50 ? -2.560  2.149   -0.880  1.00 10.55 ? 50  TYR A O   1 
ATOM   401 C CB  . TYR A 1 50 ? -4.804  3.692   -2.697  1.00 12.74 ? 50  TYR A CB  1 
ATOM   402 C CG  . TYR A 1 50 ? -6.181  4.171   -3.051  1.00 17.81 ? 50  TYR A CG  1 
ATOM   403 C CD1 . TYR A 1 50 ? -7.277  3.269   -2.905  1.00 18.59 ? 50  TYR A CD1 1 
ATOM   404 C CD2 . TYR A 1 50 ? -6.450  5.435   -3.604  1.00 11.42 ? 50  TYR A CD2 1 
ATOM   405 C CE1 . TYR A 1 50 ? -8.579  3.657   -3.176  1.00 17.03 ? 50  TYR A CE1 1 
ATOM   406 C CE2 . TYR A 1 50 ? -7.761  5.816   -3.879  1.00 18.21 ? 50  TYR A CE2 1 
ATOM   407 C CZ  . TYR A 1 50 ? -8.843  4.957   -3.605  1.00 17.00 ? 50  TYR A CZ  1 
ATOM   408 O OH  . TYR A 1 50 ? -10.106 5.333   -3.969  1.00 15.84 ? 50  TYR A OH  1 
ATOM   409 N N   . CYS A 1 51 ? -3.087  0.864   -2.651  1.00 9.36  ? 51  CYS A N   1 
ATOM   410 C CA  . CYS A 1 51 ? -1.776  0.205   -2.726  1.00 9.93  ? 51  CYS A CA  1 
ATOM   411 C C   . CYS A 1 51 ? -0.780  1.331   -3.145  1.00 7.84  ? 51  CYS A C   1 
ATOM   412 O O   . CYS A 1 51 ? -1.167  1.946   -4.096  1.00 6.32  ? 51  CYS A O   1 
ATOM   413 C CB  . CYS A 1 51 ? -1.692  -0.857  -3.850  1.00 12.54 ? 51  CYS A CB  1 
ATOM   414 S SG  . CYS A 1 51 ? -2.765  -2.279  -3.509  1.00 14.17 ? 51  CYS A SG  1 
ATOM   415 N N   . ARG A 1 52 ? 0.347   1.403   -2.468  1.00 11.36 ? 52  ARG A N   1 
ATOM   416 C CA  . ARG A 1 52 ? 1.335   2.480   -2.770  1.00 11.66 ? 52  ARG A CA  1 
ATOM   417 C C   . ARG A 1 52 ? 2.732   1.951   -2.520  1.00 11.53 ? 52  ARG A C   1 
ATOM   418 O O   . ARG A 1 52 ? 2.846   0.799   -2.105  1.00 12.14 ? 52  ARG A O   1 
ATOM   419 C CB  . ARG A 1 52 ? 0.982   3.661   -1.833  1.00 11.68 ? 52  ARG A CB  1 
ATOM   420 C CG  . ARG A 1 52 ? -0.324  4.333   -2.323  1.00 13.15 ? 52  ARG A CG  1 
ATOM   421 C CD  . ARG A 1 52 ? -0.169  5.259   -3.451  1.00 8.12  ? 52  ARG A CD  1 
ATOM   422 N NE  . ARG A 1 52 ? -1.350  5.672   -4.132  1.00 12.82 ? 52  ARG A NE  1 
ATOM   423 C CZ  . ARG A 1 52 ? -2.297  5.275   -4.936  1.00 11.92 ? 52  ARG A CZ  1 
ATOM   424 N NH1 . ARG A 1 52 ? -2.350  4.054   -5.498  1.00 16.35 ? 52  ARG A NH1 1 
ATOM   425 N NH2 . ARG A 1 52 ? -3.381  6.010   -5.241  1.00 14.11 ? 52  ARG A NH2 1 
ATOM   426 N N   . ASN A 1 53 ? 3.762   2.723   -2.665  1.00 13.65 ? 53  ASN A N   1 
ATOM   427 C CA  . ASN A 1 53 ? 5.152   2.276   -2.389  1.00 15.31 ? 53  ASN A CA  1 
ATOM   428 C C   . ASN A 1 53 ? 5.998   3.474   -1.918  1.00 15.83 ? 53  ASN A C   1 
ATOM   429 O O   . ASN A 1 53 ? 6.778   3.946   -2.758  1.00 17.75 ? 53  ASN A O   1 
ATOM   430 C CB  . ASN A 1 53 ? 5.685   1.636   -3.661  1.00 11.51 ? 53  ASN A CB  1 
ATOM   431 C CG  . ASN A 1 53 ? 7.132   1.169   -3.617  1.00 10.91 ? 53  ASN A CG  1 
ATOM   432 O OD1 . ASN A 1 53 ? 7.681   0.912   -2.553  1.00 11.94 ? 53  ASN A OD1 1 
ATOM   433 N ND2 . ASN A 1 53 ? 7.688   0.976   -4.816  1.00 11.65 ? 53  ASN A ND2 1 
ATOM   434 N N   . PRO A 1 54 ? 5.737   3.944   -0.718  1.00 16.49 ? 54  PRO A N   1 
ATOM   435 C CA  . PRO A 1 54 ? 6.364   5.124   -0.161  1.00 17.51 ? 54  PRO A CA  1 
ATOM   436 C C   . PRO A 1 54 ? 7.810   4.925   0.283   1.00 18.37 ? 54  PRO A C   1 
ATOM   437 O O   . PRO A 1 54 ? 8.455   5.929   0.597   1.00 21.05 ? 54  PRO A O   1 
ATOM   438 C CB  . PRO A 1 54 ? 5.539   5.531   1.070   1.00 17.99 ? 54  PRO A CB  1 
ATOM   439 C CG  . PRO A 1 54 ? 4.698   4.335   1.381   1.00 17.79 ? 54  PRO A CG  1 
ATOM   440 C CD  . PRO A 1 54 ? 4.750   3.373   0.222   1.00 17.08 ? 54  PRO A CD  1 
ATOM   441 N N   . ASP A 1 55 ? 8.240   3.686   0.366   1.00 18.70 ? 55  ASP A N   1 
ATOM   442 C CA  . ASP A 1 55 ? 9.561   3.262   0.798   1.00 15.56 ? 55  ASP A CA  1 
ATOM   443 C C   . ASP A 1 55 ? 10.398  2.672   -0.334  1.00 14.49 ? 55  ASP A C   1 
ATOM   444 O O   . ASP A 1 55 ? 11.356  1.973   0.038   1.00 14.77 ? 55  ASP A O   1 
ATOM   445 C CB  . ASP A 1 55 ? 9.408   2.271   1.970   1.00 17.31 ? 55  ASP A CB  1 
ATOM   446 C CG  . ASP A 1 55 ? 8.715   0.986   1.537   1.00 19.50 ? 55  ASP A CG  1 
ATOM   447 O OD1 . ASP A 1 55 ? 8.049   0.979   0.448   1.00 18.27 ? 55  ASP A OD1 1 
ATOM   448 O OD2 . ASP A 1 55 ? 8.727   0.044   2.354   1.00 14.87 ? 55  ASP A OD2 1 
ATOM   449 N N   . ALA A 1 56 ? 10.074  2.905   -1.599  1.00 14.67 ? 56  ALA A N   1 
ATOM   450 C CA  . ALA A 1 56 ? 10.916  2.383   -2.715  1.00 15.59 ? 56  ALA A CA  1 
ATOM   451 C C   . ALA A 1 56 ? 11.151  0.872   -2.668  1.00 14.65 ? 56  ALA A C   1 
ATOM   452 O O   . ALA A 1 56 ? 12.291  0.361   -2.703  1.00 10.63 ? 56  ALA A O   1 
ATOM   453 C CB  . ALA A 1 56 ? 12.290  3.055   -2.715  1.00 14.84 ? 56  ALA A CB  1 
ATOM   454 N N   . ASP A 1 57 ? 10.011  0.205   -2.469  1.00 14.28 ? 57  ASP A N   1 
ATOM   455 C CA  . ASP A 1 57 ? 10.011  -1.267  -2.463  1.00 14.24 ? 57  ASP A CA  1 
ATOM   456 C C   . ASP A 1 57 ? 9.926   -1.643  -3.949  1.00 13.45 ? 57  ASP A C   1 
ATOM   457 O O   . ASP A 1 57 ? 10.149  -0.774  -4.813  1.00 15.04 ? 57  ASP A O   1 
ATOM   458 C CB  . ASP A 1 57 ? 8.990   -1.762  -1.476  1.00 14.66 ? 57  ASP A CB  1 
ATOM   459 C CG  . ASP A 1 57 ? 9.201   -3.214  -1.119  1.00 14.48 ? 57  ASP A CG  1 
ATOM   460 O OD1 . ASP A 1 57 ? 9.786   -3.968  -1.945  1.00 16.70 ? 57  ASP A OD1 1 
ATOM   461 O OD2 . ASP A 1 57 ? 8.702   -3.605  -0.038  1.00 13.99 ? 57  ASP A OD2 1 
ATOM   462 N N   . THR A 1 58 ? 9.704   -2.892  -4.304  1.00 13.80 ? 58  THR A N   1 
ATOM   463 C CA  . THR A 1 58 ? 9.673   -3.339  -5.719  1.00 12.76 ? 58  THR A CA  1 
ATOM   464 C C   . THR A 1 58 ? 8.339   -3.389  -6.393  1.00 10.02 ? 58  THR A C   1 
ATOM   465 O O   . THR A 1 58 ? 8.194   -3.785  -7.535  1.00 8.28  ? 58  THR A O   1 
ATOM   466 C CB  . THR A 1 58 ? 10.455  -4.735  -5.846  1.00 11.95 ? 58  THR A CB  1 
ATOM   467 O OG1 . THR A 1 58 ? 10.041  -5.551  -4.755  1.00 15.04 ? 58  THR A OG1 1 
ATOM   468 C CG2 . THR A 1 58 ? 11.995  -4.517  -5.797  1.00 14.84 ? 58  THR A CG2 1 
ATOM   469 N N   . GLY A 1 59 ? 7.280   -3.026  -5.633  1.00 9.93  ? 60  GLY A N   1 
ATOM   470 C CA  . GLY A 1 59 ? 5.945   -2.916  -6.242  1.00 9.90  ? 60  GLY A CA  1 
ATOM   471 C C   . GLY A 1 59 ? 5.034   -2.284  -5.185  1.00 6.97  ? 60  GLY A C   1 
ATOM   472 O O   . GLY A 1 59 ? 5.459   -2.314  -4.055  1.00 9.62  ? 60  GLY A O   1 
ATOM   473 N N   . PRO A 1 60 ? 3.911   -1.835  -5.590  1.00 8.47  ? 61  PRO A N   1 
ATOM   474 C CA  . PRO A 1 60 ? 2.890   -1.324  -4.602  1.00 10.86 ? 61  PRO A CA  1 
ATOM   475 C C   . PRO A 1 60 ? 2.441   -2.453  -3.667  1.00 10.17 ? 61  PRO A C   1 
ATOM   476 O O   . PRO A 1 60 ? 2.317   -3.668  -3.979  1.00 9.53  ? 61  PRO A O   1 
ATOM   477 C CB  . PRO A 1 60 ? 1.816   -0.681  -5.453  1.00 10.35 ? 61  PRO A CB  1 
ATOM   478 C CG  . PRO A 1 60 ? 2.367   -0.583  -6.858  1.00 11.72 ? 61  PRO A CG  1 
ATOM   479 C CD  . PRO A 1 60 ? 3.437   -1.718  -6.973  1.00 10.76 ? 61  PRO A CD  1 
ATOM   480 N N   . TRP A 1 61 ? 2.352   -2.083  -2.409  1.00 10.39 ? 62  TRP A N   1 
ATOM   481 C CA  . TRP A 1 61 ? 2.078   -2.830  -1.180  1.00 10.27 ? 62  TRP A CA  1 
ATOM   482 C C   . TRP A 1 61 ? 1.221   -2.013  -0.224  1.00 11.34 ? 62  TRP A C   1 
ATOM   483 O O   . TRP A 1 61 ? 0.933   -0.836  -0.473  1.00 10.35 ? 62  TRP A O   1 
ATOM   484 C CB  . TRP A 1 61 ? 3.393   -3.170  -0.454  1.00 6.87  ? 62  TRP A CB  1 
ATOM   485 C CG  . TRP A 1 61 ? 4.212   -1.961  0.073   1.00 11.49 ? 62  TRP A CG  1 
ATOM   486 C CD1 . TRP A 1 61 ? 5.144   -1.270  -0.620  1.00 10.76 ? 62  TRP A CD1 1 
ATOM   487 C CD2 . TRP A 1 61 ? 4.163   -1.394  1.399   1.00 9.76  ? 62  TRP A CD2 1 
ATOM   488 N NE1 . TRP A 1 61 ? 5.670   -0.259  0.225   1.00 10.93 ? 62  TRP A NE1 1 
ATOM   489 C CE2 . TRP A 1 61 ? 5.081   -0.341  1.418   1.00 8.88  ? 62  TRP A CE2 1 
ATOM   490 C CE3 . TRP A 1 61 ? 3.408   -1.672  2.553   1.00 6.55  ? 62  TRP A CE3 1 
ATOM   491 C CZ2 . TRP A 1 61 ? 5.269   0.462   2.560   1.00 10.84 ? 62  TRP A CZ2 1 
ATOM   492 C CZ3 . TRP A 1 61 ? 3.622   -0.883  3.701   1.00 7.84  ? 62  TRP A CZ3 1 
ATOM   493 C CH2 . TRP A 1 61 ? 4.522   0.142   3.708   1.00 10.14 ? 62  TRP A CH2 1 
ATOM   494 N N   . CYS A 1 62 ? 0.836   -2.654  0.865   1.00 10.97 ? 63  CYS A N   1 
ATOM   495 C CA  . CYS A 1 62 ? 0.082   -1.974  1.921   1.00 12.58 ? 63  CYS A CA  1 
ATOM   496 C C   . CYS A 1 62 ? 0.162   -2.729  3.233   1.00 11.28 ? 63  CYS A C   1 
ATOM   497 O O   . CYS A 1 62 ? 0.515   -3.920  3.288   1.00 12.11 ? 63  CYS A O   1 
ATOM   498 C CB  . CYS A 1 62 ? -1.414  -1.852  1.579   1.00 12.17 ? 63  CYS A CB  1 
ATOM   499 S SG  . CYS A 1 62 ? -2.271  -3.476  1.185   1.00 14.86 ? 63  CYS A SG  1 
ATOM   500 N N   . PHE A 1 63 ? -0.200  -2.031  4.297   1.00 7.55  ? 64  PHE A N   1 
ATOM   501 C CA  . PHE A 1 63 ? -0.374  -2.744  5.559   1.00 9.78  ? 64  PHE A CA  1 
ATOM   502 C C   . PHE A 1 63 ? -1.692  -3.535  5.363   1.00 9.90  ? 64  PHE A C   1 
ATOM   503 O O   . PHE A 1 63 ? -2.544  -3.156  4.524   1.00 10.93 ? 64  PHE A O   1 
ATOM   504 C CB  . PHE A 1 63 ? -0.457  -1.817  6.765   1.00 12.00 ? 64  PHE A CB  1 
ATOM   505 C CG  . PHE A 1 63 ? 0.861   -1.101  6.970   1.00 14.47 ? 64  PHE A CG  1 
ATOM   506 C CD1 . PHE A 1 63 ? 1.890   -1.760  7.638   1.00 12.18 ? 64  PHE A CD1 1 
ATOM   507 C CD2 . PHE A 1 63 ? 1.054   0.174   6.431   1.00 9.74  ? 64  PHE A CD2 1 
ATOM   508 C CE1 . PHE A 1 63 ? 3.106   -1.116  7.855   1.00 12.35 ? 64  PHE A CE1 1 
ATOM   509 C CE2 . PHE A 1 63 ? 2.297   0.780   6.573   1.00 6.50  ? 64  PHE A CE2 1 
ATOM   510 C CZ  . PHE A 1 63 ? 3.303   0.157   7.323   1.00 9.85  ? 64  PHE A CZ  1 
ATOM   511 N N   . THR A 1 64 ? -1.875  -4.625  6.055   1.00 10.15 ? 65  THR A N   1 
ATOM   512 C CA  . THR A 1 64 ? -3.055  -5.434  5.864   1.00 11.90 ? 65  THR A CA  1 
ATOM   513 C C   . THR A 1 64 ? -3.997  -5.268  7.077   1.00 13.09 ? 65  THR A C   1 
ATOM   514 O O   . THR A 1 64 ? -3.569  -5.074  8.214   1.00 15.59 ? 65  THR A O   1 
ATOM   515 C CB  . THR A 1 64 ? -2.635  -6.959  5.780   1.00 15.56 ? 65  THR A CB  1 
ATOM   516 O OG1 . THR A 1 64 ? -1.802  -7.150  4.574   1.00 16.09 ? 65  THR A OG1 1 
ATOM   517 C CG2 . THR A 1 64 ? -3.797  -7.891  5.862   1.00 14.28 ? 65  THR A CG2 1 
ATOM   518 N N   . THR A 1 65 ? -5.225  -5.566  6.791   1.00 14.68 ? 66  THR A N   1 
ATOM   519 C CA  . THR A 1 65 ? -6.279  -5.561  7.805   1.00 15.67 ? 66  THR A CA  1 
ATOM   520 C C   . THR A 1 65 ? -6.315  -6.825  8.619   1.00 16.02 ? 66  THR A C   1 
ATOM   521 O O   . THR A 1 65 ? -7.026  -6.849  9.683   1.00 15.45 ? 66  THR A O   1 
ATOM   522 C CB  . THR A 1 65 ? -7.590  -5.164  7.028   1.00 16.18 ? 66  THR A CB  1 
ATOM   523 O OG1 . THR A 1 65 ? -7.677  -3.783  7.479   1.00 21.02 ? 66  THR A OG1 1 
ATOM   524 C CG2 . THR A 1 65 ? -8.697  -6.149  7.200   1.00 17.90 ? 66  THR A CG2 1 
ATOM   525 N N   . ASP A 1 66 ? -5.584  -7.813  8.157   1.00 15.75 ? 67  ASP A N   1 
ATOM   526 C CA  . ASP A 1 66 ? -5.324  -9.094  8.867   1.00 17.89 ? 67  ASP A CA  1 
ATOM   527 C C   . ASP A 1 66 ? -4.325  -8.845  9.995   1.00 17.45 ? 67  ASP A C   1 
ATOM   528 O O   . ASP A 1 66 ? -3.146  -8.522  9.840   1.00 18.10 ? 67  ASP A O   1 
ATOM   529 C CB  . ASP A 1 66 ? -4.878  -10.213 7.931   1.00 16.44 ? 67  ASP A CB  1 
ATOM   530 C CG  . ASP A 1 66 ? -4.902  -11.581 8.650   1.00 16.82 ? 67  ASP A CG  1 
ATOM   531 O OD1 . ASP A 1 66 ? -4.511  -11.614 9.827   1.00 21.25 ? 67  ASP A OD1 1 
ATOM   532 O OD2 . ASP A 1 66 ? -5.238  -12.565 7.956   1.00 16.13 ? 67  ASP A OD2 1 
ATOM   533 N N   . PRO A 1 67 ? -4.856  -8.876  11.226  1.00 18.36 ? 68  PRO A N   1 
ATOM   534 C CA  . PRO A 1 67 ? -4.055  -8.516  12.365  1.00 17.96 ? 68  PRO A CA  1 
ATOM   535 C C   . PRO A 1 67 ? -2.756  -9.306  12.440  1.00 19.34 ? 68  PRO A C   1 
ATOM   536 O O   . PRO A 1 67 ? -1.799  -8.918  13.153  1.00 17.34 ? 68  PRO A O   1 
ATOM   537 C CB  . PRO A 1 67 ? -5.012  -8.742  13.560  1.00 19.77 ? 68  PRO A CB  1 
ATOM   538 C CG  . PRO A 1 67 ? -6.366  -8.916  13.004  1.00 19.16 ? 68  PRO A CG  1 
ATOM   539 C CD  . PRO A 1 67 ? -6.254  -9.306  11.551  1.00 18.25 ? 68  PRO A CD  1 
ATOM   540 N N   . SER A 1 68 ? -2.782  -10.447 11.747  1.00 20.44 ? 69  SER A N   1 
ATOM   541 C CA  . SER A 1 68 ? -1.712  -11.473 11.804  1.00 21.52 ? 69  SER A CA  1 
ATOM   542 C C   . SER A 1 68 ? -0.569  -11.073 10.852  1.00 19.98 ? 69  SER A C   1 
ATOM   543 O O   . SER A 1 68 ? 0.509   -11.562 11.093  1.00 21.00 ? 69  SER A O   1 
ATOM   544 C CB  . SER A 1 68 ? -2.080  -12.886 11.350  1.00 21.29 ? 69  SER A CB  1 
ATOM   545 O OG  . SER A 1 68 ? -3.261  -13.498 11.832  1.00 25.93 ? 69  SER A OG  1 
ATOM   546 N N   . ILE A 1 69 ? -0.954  -10.405 9.803   1.00 19.34 ? 70  ILE A N   1 
ATOM   547 C CA  . ILE A 1 69 ? -0.111  -9.968  8.705   1.00 18.06 ? 70  ILE A CA  1 
ATOM   548 C C   . ILE A 1 69 ? -0.063  -8.442  8.607   1.00 16.36 ? 70  ILE A C   1 
ATOM   549 O O   . ILE A 1 69 ? -0.941  -7.717  8.092   1.00 17.03 ? 70  ILE A O   1 
ATOM   550 C CB  . ILE A 1 69 ? -0.670  -10.574 7.368   1.00 14.61 ? 70  ILE A CB  1 
ATOM   551 C CG1 . ILE A 1 69 ? -0.987  -12.070 7.568   1.00 18.86 ? 70  ILE A CG1 1 
ATOM   552 C CG2 . ILE A 1 69 ? 0.228   -10.388 6.117   1.00 14.94 ? 70  ILE A CG2 1 
ATOM   553 C CD1 . ILE A 1 69 ? 0.201   -12.787 8.298   1.00 19.26 ? 70  ILE A CD1 1 
ATOM   554 N N   . ARG A 1 70 ? 1.112   -7.970  8.908   1.00 16.85 ? 71  ARG A N   1 
ATOM   555 C CA  . ARG A 1 70 ? 1.518   -6.553  8.893   1.00 12.54 ? 71  ARG A CA  1 
ATOM   556 C C   . ARG A 1 70 ? 1.377   -5.923  7.550   1.00 11.03 ? 71  ARG A C   1 
ATOM   557 O O   . ARG A 1 70 ? 0.741   -4.876  7.422   1.00 10.37 ? 71  ARG A O   1 
ATOM   558 C CB  . ARG A 1 70 ? 2.990   -6.484  9.399   1.00 13.37 ? 71  ARG A CB  1 
ATOM   559 C CG  . ARG A 1 70 ? 3.580   -5.084  9.305   1.00 15.61 ? 71  ARG A CG  1 
ATOM   560 C CD  . ARG A 1 70 ? 4.525   -4.765  10.399  1.00 12.69 ? 71  ARG A CD  1 
ATOM   561 N NE  . ARG A 1 70 ? 4.741   -3.348  10.464  1.00 16.45 ? 71  ARG A NE  1 
ATOM   562 C CZ  . ARG A 1 70 ? 4.203   -2.527  11.377  1.00 20.31 ? 71  ARG A CZ  1 
ATOM   563 N NH1 . ARG A 1 70 ? 3.253   -3.017  12.153  1.00 13.49 ? 71  ARG A NH1 1 
ATOM   564 N NH2 . ARG A 1 70 ? 4.605   -1.234  11.491  1.00 20.22 ? 71  ARG A NH2 1 
ATOM   565 N N   . TRP A 1 71 ? 1.976   -6.508  6.496   1.00 8.15  ? 72  TRP A N   1 
ATOM   566 C CA  . TRP A 1 71 ? 1.935   -5.923  5.164   1.00 8.68  ? 72  TRP A CA  1 
ATOM   567 C C   . TRP A 1 71 ? 2.210   -6.996  4.115   1.00 7.26  ? 72  TRP A C   1 
ATOM   568 O O   . TRP A 1 71 ? 2.701   -8.085  4.462   1.00 10.36 ? 72  TRP A O   1 
ATOM   569 C CB  . TRP A 1 71 ? 3.012   -4.781  5.092   1.00 11.62 ? 72  TRP A CB  1 
ATOM   570 C CG  . TRP A 1 71 ? 4.413   -5.388  4.971   1.00 10.17 ? 72  TRP A CG  1 
ATOM   571 C CD1 . TRP A 1 71 ? 5.241   -5.833  5.939   1.00 10.80 ? 72  TRP A CD1 1 
ATOM   572 C CD2 . TRP A 1 71 ? 5.078   -5.648  3.732   1.00 10.72 ? 72  TRP A CD2 1 
ATOM   573 N NE1 . TRP A 1 71 ? 6.366   -6.425  5.360   1.00 11.92 ? 72  TRP A NE1 1 
ATOM   574 C CE2 . TRP A 1 71 ? 6.277   -6.292  4.035   1.00 9.25  ? 72  TRP A CE2 1 
ATOM   575 C CE3 . TRP A 1 71 ? 4.735   -5.387  2.397   1.00 10.00 ? 72  TRP A CE3 1 
ATOM   576 C CZ2 . TRP A 1 71 ? 7.202   -6.616  3.026   1.00 12.48 ? 72  TRP A CZ2 1 
ATOM   577 C CZ3 . TRP A 1 71 ? 5.657   -5.725  1.405   1.00 14.23 ? 72  TRP A CZ3 1 
ATOM   578 C CH2 . TRP A 1 71 ? 6.853   -6.359  1.717   1.00 10.24 ? 72  TRP A CH2 1 
ATOM   579 N N   . GLU A 1 72 ? 1.856   -6.744  2.912   1.00 8.66  ? 73  GLU A N   1 
ATOM   580 C CA  . GLU A 1 72 ? 2.065   -7.594  1.753   1.00 11.04 ? 73  GLU A CA  1 
ATOM   581 C C   . GLU A 1 72 ? 2.020   -6.709  0.500   1.00 10.72 ? 73  GLU A C   1 
ATOM   582 O O   . GLU A 1 72 ? 1.489   -5.575  0.516   1.00 9.95  ? 73  GLU A O   1 
ATOM   583 C CB  . GLU A 1 72 ? 0.967   -8.645  1.561   1.00 16.32 ? 73  GLU A CB  1 
ATOM   584 C CG  . GLU A 1 72 ? 0.478   -9.570  2.669   1.00 16.39 ? 73  GLU A CG  1 
ATOM   585 C CD  . GLU A 1 72 ? -0.768  -10.317 2.245   1.00 22.34 ? 73  GLU A CD  1 
ATOM   586 O OE1 . GLU A 1 72 ? -0.697  -11.155 1.308   1.00 26.69 ? 73  GLU A OE1 1 
ATOM   587 O OE2 . GLU A 1 72 ? -1.875  -9.977  2.755   1.00 20.81 ? 73  GLU A OE2 1 
ATOM   588 N N   . TYR A 1 73 ? 2.531   -7.285  -0.570  1.00 8.09  ? 74  TYR A N   1 
ATOM   589 C CA  . TYR A 1 73 ? 2.489   -6.753  -1.878  1.00 11.19 ? 74  TYR A CA  1 
ATOM   590 C C   . TYR A 1 73 ? 1.009   -6.867  -2.321  1.00 12.33 ? 74  TYR A C   1 
ATOM   591 O O   . TYR A 1 73 ? 0.314   -7.681  -1.698  1.00 13.60 ? 74  TYR A O   1 
ATOM   592 C CB  . TYR A 1 73 ? 3.371   -7.542  -2.877  1.00 13.10 ? 74  TYR A CB  1 
ATOM   593 C CG  . TYR A 1 73 ? 4.833   -7.246  -2.597  1.00 12.85 ? 74  TYR A CG  1 
ATOM   594 C CD1 . TYR A 1 73 ? 5.363   -5.951  -2.768  1.00 12.63 ? 74  TYR A CD1 1 
ATOM   595 C CD2 . TYR A 1 73 ? 5.607   -8.268  -2.073  1.00 13.85 ? 74  TYR A CD2 1 
ATOM   596 C CE1 . TYR A 1 73 ? 6.708   -5.713  -2.460  1.00 13.29 ? 74  TYR A CE1 1 
ATOM   597 C CE2 . TYR A 1 73 ? 6.931   -8.026  -1.713  1.00 14.33 ? 74  TYR A CE2 1 
ATOM   598 C CZ  . TYR A 1 73 ? 7.471   -6.760  -1.956  1.00 12.77 ? 74  TYR A CZ  1 
ATOM   599 O OH  . TYR A 1 73 ? 8.762   -6.623  -1.537  1.00 14.91 ? 74  TYR A OH  1 
ATOM   600 N N   . CYS A 1 74 ? 0.660   -5.964  -3.184  1.00 12.44 ? 75  CYS A N   1 
ATOM   601 C CA  . CYS A 1 74 ? -0.651  -5.900  -3.800  1.00 15.07 ? 75  CYS A CA  1 
ATOM   602 C C   . CYS A 1 74 ? -0.674  -6.774  -5.083  1.00 16.91 ? 75  CYS A C   1 
ATOM   603 O O   . CYS A 1 74 ? 0.353   -7.076  -5.697  1.00 15.44 ? 75  CYS A O   1 
ATOM   604 C CB  . CYS A 1 74 ? -1.050  -4.472  -4.059  1.00 17.23 ? 75  CYS A CB  1 
ATOM   605 S SG  . CYS A 1 74 ? -1.472  -3.517  -2.542  1.00 14.55 ? 75  CYS A SG  1 
ATOM   606 N N   . ASN A 1 75 ? -1.915  -7.190  -5.339  1.00 16.23 ? 76  ASN A N   1 
ATOM   607 C CA  . ASN A 1 75 ? -2.187  -8.080  -6.484  1.00 17.37 ? 76  ASN A CA  1 
ATOM   608 C C   . ASN A 1 75 ? -2.175  -7.304  -7.793  1.00 16.45 ? 76  ASN A C   1 
ATOM   609 O O   . ASN A 1 75 ? -3.218  -7.117  -8.465  1.00 14.96 ? 76  ASN A O   1 
ATOM   610 C CB  . ASN A 1 75 ? -3.456  -8.852  -6.115  1.00 18.88 ? 76  ASN A CB  1 
ATOM   611 C CG  . ASN A 1 75 ? -3.775  -10.074 -6.933  1.00 21.35 ? 76  ASN A CG  1 
ATOM   612 O OD1 . ASN A 1 75 ? -4.924  -10.245 -7.424  1.00 28.15 ? 76  ASN A OD1 1 
ATOM   613 N ND2 . ASN A 1 75 ? -2.733  -10.862 -7.228  1.00 29.03 ? 76  ASN A ND2 1 
ATOM   614 N N   . LEU A 1 76 ? -0.961  -6.914  -8.210  1.00 13.99 ? 77  LEU A N   1 
ATOM   615 C CA  . LEU A 1 76 ? -0.729  -6.211  -9.455  1.00 14.60 ? 77  LEU A CA  1 
ATOM   616 C C   . LEU A 1 76 ? 0.504   -6.804  -10.222 1.00 15.24 ? 77  LEU A C   1 
ATOM   617 O O   . LEU A 1 76 ? 1.492   -7.326  -9.699  1.00 16.72 ? 77  LEU A O   1 
ATOM   618 C CB  . LEU A 1 76 ? -0.466  -4.702  -9.262  1.00 13.79 ? 77  LEU A CB  1 
ATOM   619 C CG  . LEU A 1 76 ? -1.453  -3.846  -8.506  1.00 15.96 ? 77  LEU A CG  1 
ATOM   620 C CD1 . LEU A 1 76 ? -0.816  -2.593  -7.874  1.00 13.51 ? 77  LEU A CD1 1 
ATOM   621 C CD2 . LEU A 1 76 ? -2.613  -3.493  -9.428  1.00 11.52 ? 77  LEU A CD2 1 
ATOM   622 N N   . THR A 1 77 ? 0.431   -6.558  -11.477 1.00 14.70 ? 78  THR A N   1 
ATOM   623 C CA  . THR A 1 77 ? 1.428   -6.881  -12.505 1.00 16.65 ? 78  THR A CA  1 
ATOM   624 C C   . THR A 1 77 ? 2.209   -5.577  -12.771 1.00 13.88 ? 78  THR A C   1 
ATOM   625 O O   . THR A 1 77 ? 1.759   -4.445  -12.676 1.00 9.79  ? 78  THR A O   1 
ATOM   626 C CB  . THR A 1 77 ? 0.684   -7.505  -13.745 1.00 18.28 ? 78  THR A CB  1 
ATOM   627 O OG1 . THR A 1 77 ? 1.668   -8.218  -14.585 1.00 23.47 ? 78  THR A OG1 1 
ATOM   628 C CG2 . THR A 1 77 ? -0.109  -6.538  -14.601 1.00 16.49 ? 78  THR A CG2 1 
ATOM   629 N N   . ARG A 1 78 ? 3.420   -5.794  -13.209 1.00 14.73 ? 79  ARG A N   1 
ATOM   630 C CA  . ARG A 1 78 ? 4.326   -4.705  -13.581 1.00 14.45 ? 79  ARG A CA  1 
ATOM   631 C C   . ARG A 1 78 ? 4.109   -4.471  -15.046 1.00 16.74 ? 79  ARG A C   1 
ATOM   632 O O   . ARG A 1 78 ? 4.176   -5.441  -15.870 1.00 17.20 ? 79  ARG A O   1 
ATOM   633 C CB  . ARG A 1 78 ? 5.708   -5.162  -13.149 1.00 18.26 ? 79  ARG A CB  1 
ATOM   634 C CG  . ARG A 1 78 ? 6.808   -4.154  -13.070 1.00 20.59 ? 79  ARG A CG  1 
ATOM   635 C CD  . ARG A 1 78 ? 7.332   -3.741  -14.404 1.00 19.80 ? 79  ARG A CD  1 
ATOM   636 N NE  . ARG A 1 78 ? 8.690   -3.178  -14.206 1.00 21.10 ? 79  ARG A NE  1 
ATOM   637 C CZ  . ARG A 1 78 ? 9.552   -3.003  -15.218 1.00 23.01 ? 79  ARG A CZ  1 
ATOM   638 N NH1 . ARG A 1 78 ? 9.239   -3.313  -16.475 1.00 25.62 ? 79  ARG A NH1 1 
ATOM   639 N NH2 . ARG A 1 78 ? 10.796  -2.620  -14.998 1.00 16.59 ? 79  ARG A NH2 1 
ATOM   640 N N   . CYS A 1 79 ? 3.729   -3.241  -15.404 1.00 17.47 ? 80  CYS A N   1 
ATOM   641 C CA  . CYS A 1 79 ? 3.545   -2.897  -16.796 1.00 19.51 ? 80  CYS A CA  1 
ATOM   642 C C   . CYS A 1 79 ? 4.845   -3.230  -17.578 1.00 21.23 ? 80  CYS A C   1 
ATOM   643 O O   . CYS A 1 79 ? 4.651   -4.087  -18.492 1.00 23.25 ? 80  CYS A O   1 
ATOM   644 C CB  . CYS A 1 79 ? 3.118   -1.508  -17.116 1.00 22.04 ? 80  CYS A CB  1 
ATOM   645 S SG  . CYS A 1 79 ? 1.734   -0.782  -16.222 1.00 22.50 ? 80  CYS A SG  1 
ATOM   646 O OXT . CYS A 1 79 ? 5.881   -2.620  -17.321 1.00 21.20 ? 80  CYS A OXT 1 
HETATM 647 C C   . ACA B 2 .  ? 6.623   -0.076  8.442   1.00 20.50 ? 100 ACA A C   1 
HETATM 648 O O   . ACA B 2 .  ? 6.537   -0.817  9.479   1.00 20.70 ? 100 ACA A O   1 
HETATM 649 O OXT . ACA B 2 .  ? 6.785   1.165   8.374   1.00 19.73 ? 100 ACA A OXT 1 
HETATM 650 C C2  . ACA B 2 .  ? 6.641   -0.879  7.117   1.00 18.92 ? 100 ACA A C2  1 
HETATM 651 C C3  . ACA B 2 .  ? 7.348   -2.237  7.443   1.00 17.56 ? 100 ACA A C3  1 
HETATM 652 C C4  . ACA B 2 .  ? 7.223   -3.190  6.226   1.00 15.87 ? 100 ACA A C4  1 
HETATM 653 C C5  . ACA B 2 .  ? 7.473   -2.502  4.911   1.00 13.19 ? 100 ACA A C5  1 
HETATM 654 C C6  . ACA B 2 .  ? 6.989   -2.998  3.628   1.00 12.04 ? 100 ACA A C6  1 
HETATM 655 N N   . ACA B 2 .  ? 7.618   -2.472  2.363   1.00 8.03  ? 100 ACA A N   1 
HETATM 656 O O   . HOH C 3 .  ? 3.731   5.853   -3.168  1.00 20.24 ? 200 HOH A O   1 
HETATM 657 O O   . HOH C 3 .  ? -1.343  -3.537  -18.021 0.63 25.24 ? 201 HOH A O   1 
HETATM 658 O O   . HOH C 3 .  ? 5.352   3.970   -11.165 0.67 21.28 ? 202 HOH A O   1 
HETATM 659 O O   . HOH C 3 .  ? 1.400   -2.413  15.484  0.97 18.65 ? 203 HOH A O   1 
HETATM 660 O O   . HOH C 3 .  ? 1.974   -4.968  16.415  0.69 24.89 ? 204 HOH A O   1 
HETATM 661 O O   . HOH C 3 .  ? 4.592   -1.445  15.422  0.86 22.36 ? 205 HOH A O   1 
HETATM 662 O O   . HOH C 3 .  ? -3.404  7.313   17.172  0.68 21.94 ? 206 HOH A O   1 
HETATM 663 O O   . HOH C 3 .  ? -0.893  -3.001  16.787  0.83 25.39 ? 207 HOH A O   1 
HETATM 664 O O   . HOH C 3 .  ? -1.648  0.283   4.034   1.00 13.81 ? 208 HOH A O   1 
HETATM 665 O O   . HOH C 3 .  ? -12.669 -6.695  -13.544 0.68 21.17 ? 209 HOH A O   1 
HETATM 666 O O   . HOH C 3 .  ? 3.005   2.726   -11.910 1.00 19.86 ? 210 HOH A O   1 
HETATM 667 O O   . HOH C 3 .  ? -9.039  -3.694  -4.539  1.00 18.81 ? 211 HOH A O   1 
HETATM 668 O O   . HOH C 3 .  ? -1.058  2.292   -13.521 0.76 22.14 ? 212 HOH A O   1 
HETATM 669 O O   . HOH C 3 .  ? 1.555   -6.784  -16.993 0.59 20.79 ? 213 HOH A O   1 
HETATM 670 O O   . HOH C 3 .  ? 0.784   4.036   -12.727 0.81 25.08 ? 214 HOH A O   1 
HETATM 671 O O   . HOH C 3 .  ? -6.844  2.458   -11.001 0.99 19.82 ? 215 HOH A O   1 
HETATM 672 O O   . HOH C 3 .  ? 2.085   2.024   -20.744 0.79 20.69 ? 216 HOH A O   1 
HETATM 673 O O   . HOH C 3 .  ? -8.468  -2.035  -13.164 1.00 22.93 ? 217 HOH A O   1 
HETATM 674 O O   . HOH C 3 .  ? -10.972 -4.331  -9.244  0.57 22.13 ? 218 HOH A O   1 
HETATM 675 O O   . HOH C 3 .  ? -1.202  6.001   -11.980 0.93 26.00 ? 219 HOH A O   1 
HETATM 676 O O   . HOH C 3 .  ? 0.276   10.070  -15.061 0.71 19.57 ? 220 HOH A O   1 
HETATM 677 O O   . HOH C 3 .  ? 1.831   6.357   -13.820 0.88 25.47 ? 221 HOH A O   1 
HETATM 678 O O   . HOH C 3 .  ? 4.650   5.896   -14.544 0.73 22.34 ? 222 HOH A O   1 
HETATM 679 O O   . HOH C 3 .  ? -2.861  9.135   10.943  0.97 19.46 ? 223 HOH A O   1 
HETATM 680 O O   . HOH C 3 .  ? -5.946  9.711   11.777  0.77 21.48 ? 224 HOH A O   1 
HETATM 681 O O   . HOH C 3 .  ? -9.249  7.236   14.957  0.52 20.74 ? 225 HOH A O   1 
HETATM 682 O O   . HOH C 3 .  ? -8.172  -5.375  15.053  0.98 24.21 ? 226 HOH A O   1 
HETATM 683 O O   . HOH C 3 .  ? -9.484  3.926   14.768  0.85 24.09 ? 227 HOH A O   1 
HETATM 684 O O   . HOH C 3 .  ? -9.408  -0.659  11.720  0.97 22.23 ? 228 HOH A O   1 
HETATM 685 O O   . HOH C 3 .  ? -8.113  0.546   7.616   1.00 17.22 ? 229 HOH A O   1 
HETATM 686 O O   . HOH C 3 .  ? -7.435  8.143   9.925   0.99 17.58 ? 230 HOH A O   1 
HETATM 687 O O   . HOH C 3 .  ? -6.403  4.758   14.164  1.00 18.76 ? 231 HOH A O   1 
HETATM 688 O O   . HOH C 3 .  ? 7.830   -2.494  11.526  0.67 21.94 ? 232 HOH A O   1 
HETATM 689 O O   . HOH C 3 .  ? -0.610  8.168   14.041  0.68 20.90 ? 233 HOH A O   1 
HETATM 690 O O   . HOH C 3 .  ? 13.470  2.872   1.334   0.76 21.94 ? 234 HOH A O   1 
HETATM 691 O O   . HOH C 3 .  ? 6.303   2.827   10.191  1.00 19.16 ? 235 HOH A O   1 
HETATM 692 O O   . HOH C 3 .  ? 7.626   5.169   4.295   0.90 23.74 ? 236 HOH A O   1 
HETATM 693 O O   . HOH C 3 .  ? 7.694   -5.878  9.016   0.93 22.87 ? 237 HOH A O   1 
HETATM 694 O O   . HOH C 3 .  ? 4.895   -8.822  2.005   0.95 22.81 ? 238 HOH A O   1 
HETATM 695 O O   . HOH C 3 .  ? 4.808   -10.168 4.428   0.62 22.33 ? 239 HOH A O   1 
HETATM 696 O O   . HOH C 3 .  ? 6.527   -9.372  7.383   0.76 25.31 ? 240 HOH A O   1 
HETATM 697 O O   . HOH C 3 .  ? -2.930  -15.028 6.048   0.51 23.69 ? 241 HOH A O   1 
HETATM 698 O O   . HOH C 3 .  ? -9.346  1.689   11.156  1.00 18.83 ? 242 HOH A O   1 
HETATM 699 O O   . HOH C 3 .  ? 2.618   3.921   -5.261  1.00 19.79 ? 243 HOH A O   1 
HETATM 700 O O   . HOH C 3 .  ? 10.874  5.976   -1.147  0.67 20.33 ? 244 HOH A O   1 
HETATM 701 O O   . HOH C 3 .  ? -0.075  12.774  -2.432  0.76 21.24 ? 245 HOH A O   1 
HETATM 702 O O   . HOH C 3 .  ? 6.342   7.357   -3.385  1.00 20.46 ? 246 HOH A O   1 
HETATM 703 O O   . HOH C 3 .  ? 2.208   9.100   -10.915 0.87 22.07 ? 247 HOH A O   1 
HETATM 704 O O   . HOH C 3 .  ? 3.670   10.886  -9.328  0.87 19.59 ? 248 HOH A O   1 
HETATM 705 O O   . HOH C 3 .  ? 3.094   12.643  -6.280  0.80 20.43 ? 249 HOH A O   1 
HETATM 706 O O   . HOH C 3 .  ? -1.849  -9.470  -10.115 0.81 24.61 ? 250 HOH A O   1 
HETATM 707 O O   . HOH C 3 .  ? -8.820  -6.296  -11.613 0.71 22.86 ? 251 HOH A O   1 
HETATM 708 O O   . HOH C 3 .  ? 4.313   8.131   17.309  0.61 23.09 ? 252 HOH A O   1 
HETATM 709 O O   . HOH C 3 .  ? -8.466  -5.434  11.456  1.00 21.98 ? 253 HOH A O   1 
HETATM 710 O O   . HOH C 3 .  ? -10.904 -5.110  9.317   0.63 21.85 ? 254 HOH A O   1 
HETATM 711 O O   . HOH C 3 .  ? -11.242 -2.667  11.922  0.77 19.33 ? 255 HOH A O   1 
HETATM 712 O O   . HOH C 3 .  ? -3.709  1.573   17.977  0.71 23.55 ? 256 HOH A O   1 
HETATM 713 O O   . HOH C 3 .  ? -4.845  3.896   17.140  0.82 22.03 ? 257 HOH A O   1 
HETATM 714 O O   . HOH C 3 .  ? 2.678   -5.095  -6.851  0.83 23.55 ? 258 HOH A O   1 
HETATM 715 O O   . HOH C 3 .  ? -6.247  0.007   -14.168 0.68 27.38 ? 259 HOH A O   1 
HETATM 716 O O   . HOH C 3 .  ? 0.471   11.060  0.597   1.00 12.47 ? 260 HOH A O   1 
HETATM 717 O O   . HOH C 3 .  ? -9.331  -1.920  7.347   0.53 21.58 ? 261 HOH A O   1 
HETATM 718 O O   . HOH C 3 .  ? -0.485  -14.381 -0.419  0.84 25.76 ? 262 HOH A O   1 
HETATM 719 O O   . HOH C 3 .  ? 2.683   -14.245 -0.165  0.95 21.58 ? 263 HOH A O   1 
HETATM 720 O O   . HOH C 3 .  ? -5.854  -14.110 -3.409  0.61 25.17 ? 264 HOH A O   1 
HETATM 721 O O   . HOH C 3 .  ? -10.061 -5.751  -0.838  1.00 19.41 ? 265 HOH A O   1 
HETATM 722 O O   . HOH C 3 .  ? -10.718 -3.022  -0.821  0.76 18.36 ? 266 HOH A O   1 
HETATM 723 O O   . HOH C 3 .  ? -11.649 -1.239  1.015   1.00 17.35 ? 267 HOH A O   1 
HETATM 724 O O   . HOH C 3 .  ? -7.587  -8.344  5.031   0.73 17.71 ? 268 HOH A O   1 
HETATM 725 O O   . HOH C 3 .  ? -8.270  -10.858 6.574   1.00 21.46 ? 269 HOH A O   1 
HETATM 726 O O   . HOH C 3 .  ? -10.021 -9.278  1.839   1.00 17.06 ? 270 HOH A O   1 
HETATM 727 O O   . HOH C 3 .  ? -9.772  -10.875 3.983   1.00 19.01 ? 271 HOH A O   1 
HETATM 728 O O   . HOH C 3 .  ? 3.980   -9.217  10.461  0.99 19.61 ? 272 HOH A O   1 
HETATM 729 O O   . HOH C 3 .  ? 3.933   -11.795 9.365   0.91 26.66 ? 273 HOH A O   1 
HETATM 730 O O   . HOH C 3 .  ? 4.159   -14.607 9.108   0.88 22.65 ? 274 HOH A O   1 
HETATM 731 O O   . HOH C 3 .  ? -1.503  -15.775 9.387   0.79 21.30 ? 275 HOH A O   1 
HETATM 732 O O   . HOH C 3 .  ? 0.433   -16.237 3.943   0.62 25.29 ? 276 HOH A O   1 
HETATM 733 O O   . HOH C 3 .  ? -6.892  -9.992  -5.365  1.00 19.01 ? 277 HOH A O   1 
HETATM 734 O O   . HOH C 3 .  ? -5.446  -8.449  -9.391  0.77 21.96 ? 278 HOH A O   1 
HETATM 735 O O   . HOH C 3 .  ? 2.102   10.442  11.761  0.75 20.47 ? 279 HOH A O   1 
HETATM 736 O O   . HOH C 3 .  ? -9.898  -7.745  13.231  0.83 19.77 ? 280 HOH A O   1 
HETATM 737 O O   . HOH C 3 .  ? -9.937  -10.419 12.934  0.96 24.15 ? 281 HOH A O   1 
HETATM 738 O O   . HOH C 3 .  ? -8.832  -13.084 9.608   0.99 23.51 ? 282 HOH A O   1 
HETATM 739 O O   . HOH C 3 .  ? -11.013 -7.995  8.238   0.94 24.78 ? 283 HOH A O   1 
HETATM 740 O O   . HOH C 3 .  ? -12.180 -10.440 8.028   0.89 21.32 ? 284 HOH A O   1 
HETATM 741 O O   . HOH C 3 .  ? -10.921 -4.986  6.422   0.93 22.35 ? 285 HOH A O   1 
HETATM 742 O O   . HOH C 3 .  ? -3.520  8.841   -4.269  0.75 21.04 ? 286 HOH A O   1 
HETATM 743 O O   . HOH C 3 .  ? -1.864  -7.567  15.590  0.74 19.85 ? 287 HOH A O   1 
HETATM 744 O O   . HOH C 3 .  ? 7.849   -5.490  -20.651 0.59 22.05 ? 288 HOH A O   1 
HETATM 745 O O   . HOH C 3 .  ? 9.593   8.291   -0.179  1.00 20.91 ? 289 HOH A O   1 
HETATM 746 O O   . HOH C 3 .  ? 12.122  7.697   3.460   0.76 24.67 ? 290 HOH A O   1 
HETATM 747 O O   . HOH C 3 .  ? 9.989   3.577   4.163   0.63 19.70 ? 291 HOH A O   1 
HETATM 748 O O   . HOH C 3 .  ? -5.235  7.399   3.933   0.96 18.22 ? 292 HOH A O   1 
HETATM 749 O O   . HOH C 3 .  ? 7.226   -5.859  -17.320 0.75 24.15 ? 293 HOH A O   1 
HETATM 750 O O   . HOH C 3 .  ? -3.615  4.690   -12.208 0.60 24.58 ? 294 HOH A O   1 
HETATM 751 O O   . HOH C 3 .  ? 1.944   -12.055 1.298   0.80 23.41 ? 295 HOH A O   1 
HETATM 752 O O   . HOH C 3 .  ? -9.718  -1.007  -8.709  1.00 25.42 ? 296 HOH A O   1 
HETATM 753 O O   . HOH C 3 .  ? 11.826  4.712   -5.994  1.00 20.02 ? 297 HOH A O   1 
HETATM 754 O O   . HOH C 3 .  ? 3.399   -8.900  -7.446  0.86 29.00 ? 298 HOH A O   1 
HETATM 755 O O   . HOH C 3 .  ? 4.059   -11.549 -2.658  1.00 20.88 ? 299 HOH A O   1 
HETATM 756 O O   . HOH C 3 .  ? -0.820  -4.970  19.718  0.80 23.44 ? 300 HOH A O   1 
HETATM 757 O O   . HOH C 3 .  ? 7.563   -0.465  -16.448 0.88 21.59 ? 301 HOH A O   1 
HETATM 758 O O   . HOH C 3 .  ? -0.690  4.161   -15.481 0.62 19.88 ? 302 HOH A O   1 
HETATM 759 O O   . HOH C 3 .  ? -1.969  0.107   -17.592 0.67 20.85 ? 303 HOH A O   1 
HETATM 760 O O   . HOH C 3 .  ? -9.973  -3.145  -7.024  1.00 21.88 ? 304 HOH A O   1 
HETATM 761 O O   . HOH C 3 .  ? 3.504   -0.005  -19.647 0.76 21.50 ? 305 HOH A O   1 
HETATM 762 O O   . HOH C 3 .  ? 3.123   -10.094 -0.357  0.60 21.08 ? 306 HOH A O   1 
HETATM 763 O O   . HOH C 3 .  ? 2.905   -14.048 -2.909  0.95 20.88 ? 307 HOH A O   1 
# 
